data_1STP
# 
_entry.id   1STP 
# 
_audit_conform.dict_name       mmcif_pdbx.dic 
_audit_conform.dict_version    5.386 
_audit_conform.dict_location   http://mmcif.pdb.org/dictionaries/ascii/mmcif_pdbx.dic 
# 
loop_
_database_2.database_id 
_database_2.database_code 
_database_2.pdbx_database_accession 
_database_2.pdbx_DOI 
PDB   1STP         pdb_00001stp 10.2210/pdb1stp/pdb 
WWPDB D_1000176512 ?            ?                   
# 
loop_
_pdbx_audit_revision_history.ordinal 
_pdbx_audit_revision_history.data_content_type 
_pdbx_audit_revision_history.major_revision 
_pdbx_audit_revision_history.minor_revision 
_pdbx_audit_revision_history.revision_date 
1 'Structure model' 1 0 1992-10-15 
2 'Structure model' 1 1 2008-03-24 
3 'Structure model' 1 2 2011-07-13 
4 'Structure model' 1 3 2024-02-14 
# 
_pdbx_audit_revision_details.ordinal             1 
_pdbx_audit_revision_details.revision_ordinal    1 
_pdbx_audit_revision_details.data_content_type   'Structure model' 
_pdbx_audit_revision_details.provider            repository 
_pdbx_audit_revision_details.type                'Initial release' 
_pdbx_audit_revision_details.description         ? 
_pdbx_audit_revision_details.details             ? 
# 
loop_
_pdbx_audit_revision_group.ordinal 
_pdbx_audit_revision_group.revision_ordinal 
_pdbx_audit_revision_group.data_content_type 
_pdbx_audit_revision_group.group 
1 2 'Structure model' 'Version format compliance' 
2 3 'Structure model' 'Derived calculations'      
3 3 'Structure model' 'Version format compliance' 
4 4 'Structure model' 'Data collection'           
5 4 'Structure model' 'Database references'       
6 4 'Structure model' 'Derived calculations'      
7 4 'Structure model' Other                       
# 
loop_
_pdbx_audit_revision_category.ordinal 
_pdbx_audit_revision_category.revision_ordinal 
_pdbx_audit_revision_category.data_content_type 
_pdbx_audit_revision_category.category 
1 4 'Structure model' chem_comp_atom       
2 4 'Structure model' chem_comp_bond       
3 4 'Structure model' database_2           
4 4 'Structure model' pdbx_database_status 
5 4 'Structure model' struct_site          
# 
loop_
_pdbx_audit_revision_item.ordinal 
_pdbx_audit_revision_item.revision_ordinal 
_pdbx_audit_revision_item.data_content_type 
_pdbx_audit_revision_item.item 
1 4 'Structure model' '_database_2.pdbx_DOI'                
2 4 'Structure model' '_database_2.pdbx_database_accession' 
3 4 'Structure model' '_pdbx_database_status.process_site'  
4 4 'Structure model' '_struct_site.pdbx_auth_asym_id'      
5 4 'Structure model' '_struct_site.pdbx_auth_comp_id'      
6 4 'Structure model' '_struct_site.pdbx_auth_seq_id'       
# 
_pdbx_database_status.status_code                     REL 
_pdbx_database_status.entry_id                        1STP 
_pdbx_database_status.recvd_initial_deposition_date   1992-03-12 
_pdbx_database_status.deposit_site                    ? 
_pdbx_database_status.process_site                    BNL 
_pdbx_database_status.SG_entry                        . 
_pdbx_database_status.pdb_format_compatible           Y 
_pdbx_database_status.status_code_mr                  ? 
_pdbx_database_status.status_code_sf                  ? 
_pdbx_database_status.status_code_cs                  ? 
_pdbx_database_status.status_code_nmr_data            ? 
_pdbx_database_status.methods_development_category    ? 
# 
loop_
_audit_author.name 
_audit_author.pdbx_ordinal 
'Weber, P.C.'   1 
'Salemme, F.R.' 2 
# 
loop_
_citation.id 
_citation.title 
_citation.journal_abbrev 
_citation.journal_volume 
_citation.page_first 
_citation.page_last 
_citation.year 
_citation.journal_id_ASTM 
_citation.country 
_citation.journal_id_ISSN 
_citation.journal_id_CSD 
_citation.book_publisher 
_citation.pdbx_database_id_PubMed 
_citation.pdbx_database_id_DOI 
primary 'Structural origins of high-affinity biotin binding to streptavidin.'                                  Science        243 
85   88 1989 SCIEAS US 0036-8075 0038 ? 2911722 ? 
1       'Crystallographic and Thermodynamic Comparison of Natural and Synthetic Ligands Bound to Streptavidin' J.Am.Chem.Soc. 114 
3197 ?  1992 JACSAT US 0002-7863 0004 ? ?       ? 
# 
loop_
_citation_author.citation_id 
_citation_author.name 
_citation_author.ordinal 
_citation_author.identifier_ORCID 
primary 'Weber, P.C.'      1 ? 
primary 'Ohlendorf, D.H.'  2 ? 
primary 'Wendoloski, J.J.' 3 ? 
primary 'Salemme, F.R.'    4 ? 
1       'Weber, P.C.'      5 ? 
1       'Wendoloski, J.J.' 6 ? 
1       'Pantoliano, M.W.' 7 ? 
1       'Salemme, F.R.'    8 ? 
# 
loop_
_entity.id 
_entity.type 
_entity.src_method 
_entity.pdbx_description 
_entity.formula_weight 
_entity.pdbx_number_of_molecules 
_entity.pdbx_ec 
_entity.pdbx_mutation 
_entity.pdbx_fragment 
_entity.details 
1 polymer     man 'STREPTAVIDIN COMPLEX WITH BIOTIN' 16504.852 1  ? ? ? ? 
2 non-polymer syn BIOTIN                             244.311   1  ? ? ? ? 
3 water       nat water                              18.015    84 ? ? ? ? 
# 
_entity_poly.entity_id                      1 
_entity_poly.type                           'polypeptide(L)' 
_entity_poly.nstd_linkage                   no 
_entity_poly.nstd_monomer                   no 
_entity_poly.pdbx_seq_one_letter_code       
;DPSKDSKAQVSAAEAGITGTWYNQLGSTFIVTAGADGALTGTYESAVGNAESRYVLTGRYDSAPATDGSGTALGWTVAWK
NNYRNAHSATTWSGQYVGGAEARINTQWLLTSGTTEANAWKSTLVGHDTFTKVKPSAASIDAAKKAGVNNGNPLDAVQQ
;
_entity_poly.pdbx_seq_one_letter_code_can   
;DPSKDSKAQVSAAEAGITGTWYNQLGSTFIVTAGADGALTGTYESAVGNAESRYVLTGRYDSAPATDGSGTALGWTVAWK
NNYRNAHSATTWSGQYVGGAEARINTQWLLTSGTTEANAWKSTLVGHDTFTKVKPSAASIDAAKKAGVNNGNPLDAVQQ
;
_entity_poly.pdbx_strand_id                 A 
_entity_poly.pdbx_target_identifier         ? 
# 
loop_
_pdbx_entity_nonpoly.entity_id 
_pdbx_entity_nonpoly.name 
_pdbx_entity_nonpoly.comp_id 
2 BIOTIN BTN 
3 water  HOH 
# 
loop_
_entity_poly_seq.entity_id 
_entity_poly_seq.num 
_entity_poly_seq.mon_id 
_entity_poly_seq.hetero 
1 1   ASP n 
1 2   PRO n 
1 3   SER n 
1 4   LYS n 
1 5   ASP n 
1 6   SER n 
1 7   LYS n 
1 8   ALA n 
1 9   GLN n 
1 10  VAL n 
1 11  SER n 
1 12  ALA n 
1 13  ALA n 
1 14  GLU n 
1 15  ALA n 
1 16  GLY n 
1 17  ILE n 
1 18  THR n 
1 19  GLY n 
1 20  THR n 
1 21  TRP n 
1 22  TYR n 
1 23  ASN n 
1 24  GLN n 
1 25  LEU n 
1 26  GLY n 
1 27  SER n 
1 28  THR n 
1 29  PHE n 
1 30  ILE n 
1 31  VAL n 
1 32  THR n 
1 33  ALA n 
1 34  GLY n 
1 35  ALA n 
1 36  ASP n 
1 37  GLY n 
1 38  ALA n 
1 39  LEU n 
1 40  THR n 
1 41  GLY n 
1 42  THR n 
1 43  TYR n 
1 44  GLU n 
1 45  SER n 
1 46  ALA n 
1 47  VAL n 
1 48  GLY n 
1 49  ASN n 
1 50  ALA n 
1 51  GLU n 
1 52  SER n 
1 53  ARG n 
1 54  TYR n 
1 55  VAL n 
1 56  LEU n 
1 57  THR n 
1 58  GLY n 
1 59  ARG n 
1 60  TYR n 
1 61  ASP n 
1 62  SER n 
1 63  ALA n 
1 64  PRO n 
1 65  ALA n 
1 66  THR n 
1 67  ASP n 
1 68  GLY n 
1 69  SER n 
1 70  GLY n 
1 71  THR n 
1 72  ALA n 
1 73  LEU n 
1 74  GLY n 
1 75  TRP n 
1 76  THR n 
1 77  VAL n 
1 78  ALA n 
1 79  TRP n 
1 80  LYS n 
1 81  ASN n 
1 82  ASN n 
1 83  TYR n 
1 84  ARG n 
1 85  ASN n 
1 86  ALA n 
1 87  HIS n 
1 88  SER n 
1 89  ALA n 
1 90  THR n 
1 91  THR n 
1 92  TRP n 
1 93  SER n 
1 94  GLY n 
1 95  GLN n 
1 96  TYR n 
1 97  VAL n 
1 98  GLY n 
1 99  GLY n 
1 100 ALA n 
1 101 GLU n 
1 102 ALA n 
1 103 ARG n 
1 104 ILE n 
1 105 ASN n 
1 106 THR n 
1 107 GLN n 
1 108 TRP n 
1 109 LEU n 
1 110 LEU n 
1 111 THR n 
1 112 SER n 
1 113 GLY n 
1 114 THR n 
1 115 THR n 
1 116 GLU n 
1 117 ALA n 
1 118 ASN n 
1 119 ALA n 
1 120 TRP n 
1 121 LYS n 
1 122 SER n 
1 123 THR n 
1 124 LEU n 
1 125 VAL n 
1 126 GLY n 
1 127 HIS n 
1 128 ASP n 
1 129 THR n 
1 130 PHE n 
1 131 THR n 
1 132 LYS n 
1 133 VAL n 
1 134 LYS n 
1 135 PRO n 
1 136 SER n 
1 137 ALA n 
1 138 ALA n 
1 139 SER n 
1 140 ILE n 
1 141 ASP n 
1 142 ALA n 
1 143 ALA n 
1 144 LYS n 
1 145 LYS n 
1 146 ALA n 
1 147 GLY n 
1 148 VAL n 
1 149 ASN n 
1 150 ASN n 
1 151 GLY n 
1 152 ASN n 
1 153 PRO n 
1 154 LEU n 
1 155 ASP n 
1 156 ALA n 
1 157 VAL n 
1 158 GLN n 
1 159 GLN n 
# 
_entity_src_gen.entity_id                          1 
_entity_src_gen.pdbx_src_id                        1 
_entity_src_gen.pdbx_alt_source_flag               sample 
_entity_src_gen.pdbx_seq_type                      ? 
_entity_src_gen.pdbx_beg_seq_num                   ? 
_entity_src_gen.pdbx_end_seq_num                   ? 
_entity_src_gen.gene_src_common_name               ? 
_entity_src_gen.gene_src_genus                     Streptomyces 
_entity_src_gen.pdbx_gene_src_gene                 ? 
_entity_src_gen.gene_src_species                   ? 
_entity_src_gen.gene_src_strain                    ? 
_entity_src_gen.gene_src_tissue                    ? 
_entity_src_gen.gene_src_tissue_fraction           ? 
_entity_src_gen.gene_src_details                   ? 
_entity_src_gen.pdbx_gene_src_fragment             ? 
_entity_src_gen.pdbx_gene_src_scientific_name      'Streptomyces avidinii' 
_entity_src_gen.pdbx_gene_src_ncbi_taxonomy_id     1895 
_entity_src_gen.pdbx_gene_src_variant              ? 
_entity_src_gen.pdbx_gene_src_cell_line            ? 
_entity_src_gen.pdbx_gene_src_atcc                 ? 
_entity_src_gen.pdbx_gene_src_organ                ? 
_entity_src_gen.pdbx_gene_src_organelle            ? 
_entity_src_gen.pdbx_gene_src_cell                 ? 
_entity_src_gen.pdbx_gene_src_cellular_location    ? 
_entity_src_gen.host_org_common_name               ? 
_entity_src_gen.pdbx_host_org_scientific_name      ? 
_entity_src_gen.pdbx_host_org_ncbi_taxonomy_id     ? 
_entity_src_gen.host_org_genus                     ? 
_entity_src_gen.pdbx_host_org_gene                 ? 
_entity_src_gen.pdbx_host_org_organ                ? 
_entity_src_gen.host_org_species                   ? 
_entity_src_gen.pdbx_host_org_tissue               ? 
_entity_src_gen.pdbx_host_org_tissue_fraction      ? 
_entity_src_gen.pdbx_host_org_strain               ? 
_entity_src_gen.pdbx_host_org_variant              ? 
_entity_src_gen.pdbx_host_org_cell_line            ? 
_entity_src_gen.pdbx_host_org_atcc                 ? 
_entity_src_gen.pdbx_host_org_culture_collection   ? 
_entity_src_gen.pdbx_host_org_cell                 ? 
_entity_src_gen.pdbx_host_org_organelle            ? 
_entity_src_gen.pdbx_host_org_cellular_location    ? 
_entity_src_gen.pdbx_host_org_vector_type          ? 
_entity_src_gen.pdbx_host_org_vector               ? 
_entity_src_gen.host_org_details                   ? 
_entity_src_gen.expression_system_id               ? 
_entity_src_gen.plasmid_name                       ? 
_entity_src_gen.plasmid_details                    ? 
_entity_src_gen.pdbx_description                   ? 
# 
loop_
_chem_comp.id 
_chem_comp.type 
_chem_comp.mon_nstd_flag 
_chem_comp.name 
_chem_comp.pdbx_synonyms 
_chem_comp.formula 
_chem_comp.formula_weight 
ALA 'L-peptide linking' y ALANINE         ? 'C3 H7 N O2'      89.093  
ARG 'L-peptide linking' y ARGININE        ? 'C6 H15 N4 O2 1'  175.209 
ASN 'L-peptide linking' y ASPARAGINE      ? 'C4 H8 N2 O3'     132.118 
ASP 'L-peptide linking' y 'ASPARTIC ACID' ? 'C4 H7 N O4'      133.103 
BTN non-polymer         . BIOTIN          ? 'C10 H16 N2 O3 S' 244.311 
GLN 'L-peptide linking' y GLUTAMINE       ? 'C5 H10 N2 O3'    146.144 
GLU 'L-peptide linking' y 'GLUTAMIC ACID' ? 'C5 H9 N O4'      147.129 
GLY 'peptide linking'   y GLYCINE         ? 'C2 H5 N O2'      75.067  
HIS 'L-peptide linking' y HISTIDINE       ? 'C6 H10 N3 O2 1'  156.162 
HOH non-polymer         . WATER           ? 'H2 O'            18.015  
ILE 'L-peptide linking' y ISOLEUCINE      ? 'C6 H13 N O2'     131.173 
LEU 'L-peptide linking' y LEUCINE         ? 'C6 H13 N O2'     131.173 
LYS 'L-peptide linking' y LYSINE          ? 'C6 H15 N2 O2 1'  147.195 
PHE 'L-peptide linking' y PHENYLALANINE   ? 'C9 H11 N O2'     165.189 
PRO 'L-peptide linking' y PROLINE         ? 'C5 H9 N O2'      115.130 
SER 'L-peptide linking' y SERINE          ? 'C3 H7 N O3'      105.093 
THR 'L-peptide linking' y THREONINE       ? 'C4 H9 N O3'      119.119 
TRP 'L-peptide linking' y TRYPTOPHAN      ? 'C11 H12 N2 O2'   204.225 
TYR 'L-peptide linking' y TYROSINE        ? 'C9 H11 N O3'     181.189 
VAL 'L-peptide linking' y VALINE          ? 'C5 H11 N O2'     117.146 
# 
loop_
_pdbx_poly_seq_scheme.asym_id 
_pdbx_poly_seq_scheme.entity_id 
_pdbx_poly_seq_scheme.seq_id 
_pdbx_poly_seq_scheme.mon_id 
_pdbx_poly_seq_scheme.ndb_seq_num 
_pdbx_poly_seq_scheme.pdb_seq_num 
_pdbx_poly_seq_scheme.auth_seq_num 
_pdbx_poly_seq_scheme.pdb_mon_id 
_pdbx_poly_seq_scheme.auth_mon_id 
_pdbx_poly_seq_scheme.pdb_strand_id 
_pdbx_poly_seq_scheme.pdb_ins_code 
_pdbx_poly_seq_scheme.hetero 
A 1 1   ASP 1   1   ?   ?   ?   A . n 
A 1 2   PRO 2   2   ?   ?   ?   A . n 
A 1 3   SER 3   3   ?   ?   ?   A . n 
A 1 4   LYS 4   4   ?   ?   ?   A . n 
A 1 5   ASP 5   5   ?   ?   ?   A . n 
A 1 6   SER 6   6   ?   ?   ?   A . n 
A 1 7   LYS 7   7   ?   ?   ?   A . n 
A 1 8   ALA 8   8   ?   ?   ?   A . n 
A 1 9   GLN 9   9   ?   ?   ?   A . n 
A 1 10  VAL 10  10  ?   ?   ?   A . n 
A 1 11  SER 11  11  ?   ?   ?   A . n 
A 1 12  ALA 12  12  ?   ?   ?   A . n 
A 1 13  ALA 13  13  13  ALA ALA A . n 
A 1 14  GLU 14  14  14  GLU GLU A . n 
A 1 15  ALA 15  15  15  ALA ALA A . n 
A 1 16  GLY 16  16  16  GLY GLY A . n 
A 1 17  ILE 17  17  17  ILE ILE A . n 
A 1 18  THR 18  18  18  THR THR A . n 
A 1 19  GLY 19  19  19  GLY GLY A . n 
A 1 20  THR 20  20  20  THR THR A . n 
A 1 21  TRP 21  21  21  TRP TRP A . n 
A 1 22  TYR 22  22  22  TYR TYR A . n 
A 1 23  ASN 23  23  23  ASN ASN A . n 
A 1 24  GLN 24  24  24  GLN GLN A . n 
A 1 25  LEU 25  25  25  LEU LEU A . n 
A 1 26  GLY 26  26  26  GLY GLY A . n 
A 1 27  SER 27  27  27  SER SER A . n 
A 1 28  THR 28  28  28  THR THR A . n 
A 1 29  PHE 29  29  29  PHE PHE A . n 
A 1 30  ILE 30  30  30  ILE ILE A . n 
A 1 31  VAL 31  31  31  VAL VAL A . n 
A 1 32  THR 32  32  32  THR THR A . n 
A 1 33  ALA 33  33  33  ALA ALA A . n 
A 1 34  GLY 34  34  34  GLY GLY A . n 
A 1 35  ALA 35  35  35  ALA ALA A . n 
A 1 36  ASP 36  36  36  ASP ASP A . n 
A 1 37  GLY 37  37  37  GLY GLY A . n 
A 1 38  ALA 38  38  38  ALA ALA A . n 
A 1 39  LEU 39  39  39  LEU LEU A . n 
A 1 40  THR 40  40  40  THR THR A . n 
A 1 41  GLY 41  41  41  GLY GLY A . n 
A 1 42  THR 42  42  42  THR THR A . n 
A 1 43  TYR 43  43  43  TYR TYR A . n 
A 1 44  GLU 44  44  44  GLU GLU A . n 
A 1 45  SER 45  45  45  SER SER A . n 
A 1 46  ALA 46  46  46  ALA ALA A . n 
A 1 47  VAL 47  47  47  VAL VAL A . n 
A 1 48  GLY 48  48  48  GLY GLY A . n 
A 1 49  ASN 49  49  49  ASN ASN A . n 
A 1 50  ALA 50  50  50  ALA ALA A . n 
A 1 51  GLU 51  51  51  GLU GLU A . n 
A 1 52  SER 52  52  52  SER SER A . n 
A 1 53  ARG 53  53  53  ARG ARG A . n 
A 1 54  TYR 54  54  54  TYR TYR A . n 
A 1 55  VAL 55  55  55  VAL VAL A . n 
A 1 56  LEU 56  56  56  LEU LEU A . n 
A 1 57  THR 57  57  57  THR THR A . n 
A 1 58  GLY 58  58  58  GLY GLY A . n 
A 1 59  ARG 59  59  59  ARG ARG A . n 
A 1 60  TYR 60  60  60  TYR TYR A . n 
A 1 61  ASP 61  61  61  ASP ASP A . n 
A 1 62  SER 62  62  62  SER SER A . n 
A 1 63  ALA 63  63  63  ALA ALA A . n 
A 1 64  PRO 64  64  64  PRO PRO A . n 
A 1 65  ALA 65  65  65  ALA ALA A . n 
A 1 66  THR 66  66  66  THR THR A . n 
A 1 67  ASP 67  67  67  ASP ASP A . n 
A 1 68  GLY 68  68  68  GLY GLY A . n 
A 1 69  SER 69  69  69  SER SER A . n 
A 1 70  GLY 70  70  70  GLY GLY A . n 
A 1 71  THR 71  71  71  THR THR A . n 
A 1 72  ALA 72  72  72  ALA ALA A . n 
A 1 73  LEU 73  73  73  LEU LEU A . n 
A 1 74  GLY 74  74  74  GLY GLY A . n 
A 1 75  TRP 75  75  75  TRP TRP A . n 
A 1 76  THR 76  76  76  THR THR A . n 
A 1 77  VAL 77  77  77  VAL VAL A . n 
A 1 78  ALA 78  78  78  ALA ALA A . n 
A 1 79  TRP 79  79  79  TRP TRP A . n 
A 1 80  LYS 80  80  80  LYS LYS A . n 
A 1 81  ASN 81  81  81  ASN ASN A . n 
A 1 82  ASN 82  82  82  ASN ASN A . n 
A 1 83  TYR 83  83  83  TYR TYR A . n 
A 1 84  ARG 84  84  84  ARG ARG A . n 
A 1 85  ASN 85  85  85  ASN ASN A . n 
A 1 86  ALA 86  86  86  ALA ALA A . n 
A 1 87  HIS 87  87  87  HIS HIS A . n 
A 1 88  SER 88  88  88  SER SER A . n 
A 1 89  ALA 89  89  89  ALA ALA A . n 
A 1 90  THR 90  90  90  THR THR A . n 
A 1 91  THR 91  91  91  THR THR A . n 
A 1 92  TRP 92  92  92  TRP TRP A . n 
A 1 93  SER 93  93  93  SER SER A . n 
A 1 94  GLY 94  94  94  GLY GLY A . n 
A 1 95  GLN 95  95  95  GLN GLN A . n 
A 1 96  TYR 96  96  96  TYR TYR A . n 
A 1 97  VAL 97  97  97  VAL VAL A . n 
A 1 98  GLY 98  98  98  GLY GLY A . n 
A 1 99  GLY 99  99  99  GLY GLY A . n 
A 1 100 ALA 100 100 100 ALA ALA A . n 
A 1 101 GLU 101 101 101 GLU GLU A . n 
A 1 102 ALA 102 102 102 ALA ALA A . n 
A 1 103 ARG 103 103 103 ARG ARG A . n 
A 1 104 ILE 104 104 104 ILE ILE A . n 
A 1 105 ASN 105 105 105 ASN ASN A . n 
A 1 106 THR 106 106 106 THR THR A . n 
A 1 107 GLN 107 107 107 GLN GLN A . n 
A 1 108 TRP 108 108 108 TRP TRP A . n 
A 1 109 LEU 109 109 109 LEU LEU A . n 
A 1 110 LEU 110 110 110 LEU LEU A . n 
A 1 111 THR 111 111 111 THR THR A . n 
A 1 112 SER 112 112 112 SER SER A . n 
A 1 113 GLY 113 113 113 GLY GLY A . n 
A 1 114 THR 114 114 114 THR THR A . n 
A 1 115 THR 115 115 115 THR THR A . n 
A 1 116 GLU 116 116 116 GLU GLU A . n 
A 1 117 ALA 117 117 117 ALA ALA A . n 
A 1 118 ASN 118 118 118 ASN ASN A . n 
A 1 119 ALA 119 119 119 ALA ALA A . n 
A 1 120 TRP 120 120 120 TRP TRP A . n 
A 1 121 LYS 121 121 121 LYS LYS A . n 
A 1 122 SER 122 122 122 SER SER A . n 
A 1 123 THR 123 123 123 THR THR A . n 
A 1 124 LEU 124 124 124 LEU LEU A . n 
A 1 125 VAL 125 125 125 VAL VAL A . n 
A 1 126 GLY 126 126 126 GLY GLY A . n 
A 1 127 HIS 127 127 127 HIS HIS A . n 
A 1 128 ASP 128 128 128 ASP ASP A . n 
A 1 129 THR 129 129 129 THR THR A . n 
A 1 130 PHE 130 130 130 PHE PHE A . n 
A 1 131 THR 131 131 131 THR THR A . n 
A 1 132 LYS 132 132 132 LYS LYS A . n 
A 1 133 VAL 133 133 133 VAL VAL A . n 
A 1 134 LYS 134 134 ?   ?   ?   A . n 
A 1 135 PRO 135 135 ?   ?   ?   A . n 
A 1 136 SER 136 136 ?   ?   ?   A . n 
A 1 137 ALA 137 137 ?   ?   ?   A . n 
A 1 138 ALA 138 138 ?   ?   ?   A . n 
A 1 139 SER 139 139 ?   ?   ?   A . n 
A 1 140 ILE 140 140 ?   ?   ?   A . n 
A 1 141 ASP 141 141 ?   ?   ?   A . n 
A 1 142 ALA 142 142 ?   ?   ?   A . n 
A 1 143 ALA 143 143 ?   ?   ?   A . n 
A 1 144 LYS 144 144 ?   ?   ?   A . n 
A 1 145 LYS 145 145 ?   ?   ?   A . n 
A 1 146 ALA 146 146 ?   ?   ?   A . n 
A 1 147 GLY 147 147 ?   ?   ?   A . n 
A 1 148 VAL 148 148 ?   ?   ?   A . n 
A 1 149 ASN 149 149 ?   ?   ?   A . n 
A 1 150 ASN 150 150 ?   ?   ?   A . n 
A 1 151 GLY 151 151 ?   ?   ?   A . n 
A 1 152 ASN 152 152 ?   ?   ?   A . n 
A 1 153 PRO 153 153 ?   ?   ?   A . n 
A 1 154 LEU 154 154 ?   ?   ?   A . n 
A 1 155 ASP 155 155 ?   ?   ?   A . n 
A 1 156 ALA 156 156 ?   ?   ?   A . n 
A 1 157 VAL 157 157 ?   ?   ?   A . n 
A 1 158 GLN 158 158 ?   ?   ?   A . n 
A 1 159 GLN 159 159 ?   ?   ?   A . n 
# 
loop_
_pdbx_nonpoly_scheme.asym_id 
_pdbx_nonpoly_scheme.entity_id 
_pdbx_nonpoly_scheme.mon_id 
_pdbx_nonpoly_scheme.ndb_seq_num 
_pdbx_nonpoly_scheme.pdb_seq_num 
_pdbx_nonpoly_scheme.auth_seq_num 
_pdbx_nonpoly_scheme.pdb_mon_id 
_pdbx_nonpoly_scheme.auth_mon_id 
_pdbx_nonpoly_scheme.pdb_strand_id 
_pdbx_nonpoly_scheme.pdb_ins_code 
B 2 BTN 1  300 300 BTN BTN A . 
C 3 HOH 1  311 311 HOH HOH A . 
C 3 HOH 2  312 312 HOH HOH A . 
C 3 HOH 3  313 313 HOH HOH A . 
C 3 HOH 4  314 314 HOH HOH A . 
C 3 HOH 5  315 315 HOH HOH A . 
C 3 HOH 6  316 316 HOH HOH A . 
C 3 HOH 7  317 317 HOH HOH A . 
C 3 HOH 8  318 318 HOH HOH A . 
C 3 HOH 9  319 319 HOH HOH A . 
C 3 HOH 10 320 320 HOH HOH A . 
C 3 HOH 11 321 321 HOH HOH A . 
C 3 HOH 12 322 322 HOH HOH A . 
C 3 HOH 13 323 323 HOH HOH A . 
C 3 HOH 14 324 324 HOH HOH A . 
C 3 HOH 15 326 326 HOH HOH A . 
C 3 HOH 16 327 327 HOH HOH A . 
C 3 HOH 17 329 329 HOH HOH A . 
C 3 HOH 18 330 330 HOH HOH A . 
C 3 HOH 19 331 331 HOH HOH A . 
C 3 HOH 20 332 332 HOH HOH A . 
C 3 HOH 21 333 333 HOH HOH A . 
C 3 HOH 22 334 334 HOH HOH A . 
C 3 HOH 23 335 335 HOH HOH A . 
C 3 HOH 24 336 336 HOH HOH A . 
C 3 HOH 25 338 338 HOH HOH A . 
C 3 HOH 26 339 339 HOH HOH A . 
C 3 HOH 27 340 340 HOH HOH A . 
C 3 HOH 28 341 341 HOH HOH A . 
C 3 HOH 29 342 342 HOH HOH A . 
C 3 HOH 30 343 343 HOH HOH A . 
C 3 HOH 31 344 344 HOH HOH A . 
C 3 HOH 32 345 345 HOH HOH A . 
C 3 HOH 33 346 346 HOH HOH A . 
C 3 HOH 34 347 347 HOH HOH A . 
C 3 HOH 35 350 350 HOH HOH A . 
C 3 HOH 36 351 351 HOH HOH A . 
C 3 HOH 37 352 352 HOH HOH A . 
C 3 HOH 38 354 354 HOH HOH A . 
C 3 HOH 39 355 355 HOH HOH A . 
C 3 HOH 40 358 358 HOH HOH A . 
C 3 HOH 41 361 361 HOH HOH A . 
C 3 HOH 42 363 363 HOH HOH A . 
C 3 HOH 43 364 364 HOH HOH A . 
C 3 HOH 44 365 365 HOH HOH A . 
C 3 HOH 45 366 366 HOH HOH A . 
C 3 HOH 46 370 370 HOH HOH A . 
C 3 HOH 47 371 371 HOH HOH A . 
C 3 HOH 48 372 372 HOH HOH A . 
C 3 HOH 49 373 373 HOH HOH A . 
C 3 HOH 50 375 375 HOH HOH A . 
C 3 HOH 51 379 379 HOH HOH A . 
C 3 HOH 52 381 381 HOH HOH A . 
C 3 HOH 53 383 383 HOH HOH A . 
C 3 HOH 54 384 384 HOH HOH A . 
C 3 HOH 55 386 386 HOH HOH A . 
C 3 HOH 56 387 387 HOH HOH A . 
C 3 HOH 57 389 389 HOH HOH A . 
C 3 HOH 58 390 390 HOH HOH A . 
C 3 HOH 59 392 392 HOH HOH A . 
C 3 HOH 60 393 393 HOH HOH A . 
C 3 HOH 61 394 394 HOH HOH A . 
C 3 HOH 62 398 398 HOH HOH A . 
C 3 HOH 63 399 399 HOH HOH A . 
C 3 HOH 64 400 400 HOH HOH A . 
C 3 HOH 65 401 401 HOH HOH A . 
C 3 HOH 66 406 406 HOH HOH A . 
C 3 HOH 67 407 407 HOH HOH A . 
C 3 HOH 68 409 409 HOH HOH A . 
C 3 HOH 69 410 410 HOH HOH A . 
C 3 HOH 70 411 411 HOH HOH A . 
C 3 HOH 71 413 413 HOH HOH A . 
C 3 HOH 72 415 415 HOH HOH A . 
C 3 HOH 73 416 416 HOH HOH A . 
C 3 HOH 74 429 429 HOH HOH A . 
C 3 HOH 75 431 431 HOH HOH A . 
C 3 HOH 76 432 432 HOH HOH A . 
C 3 HOH 77 433 433 HOH HOH A . 
C 3 HOH 78 435 435 HOH HOH A . 
C 3 HOH 79 436 436 HOH HOH A . 
C 3 HOH 80 438 438 HOH HOH A . 
C 3 HOH 81 442 442 HOH HOH A . 
C 3 HOH 82 443 443 HOH HOH A . 
C 3 HOH 83 445 445 HOH HOH A . 
C 3 HOH 84 449 449 HOH HOH A . 
# 
_software.name             PROLSQ 
_software.classification   refinement 
_software.version          . 
_software.citation_id      ? 
_software.pdbx_ordinal     1 
# 
_cell.entry_id           1STP 
_cell.length_a           99.400 
_cell.length_b           99.400 
_cell.length_c           125.800 
_cell.angle_alpha        90.00 
_cell.angle_beta         90.00 
_cell.angle_gamma        90.00 
_cell.Z_PDB              16 
_cell.pdbx_unique_axis   ? 
# 
_symmetry.entry_id                         1STP 
_symmetry.space_group_name_H-M             'I 41 2 2' 
_symmetry.pdbx_full_space_group_name_H-M   ? 
_symmetry.cell_setting                     ? 
_symmetry.Int_Tables_number                98 
# 
_exptl.entry_id          1STP 
_exptl.method            'X-RAY DIFFRACTION' 
_exptl.crystals_number   ? 
# 
_exptl_crystal.id                    1 
_exptl_crystal.density_meas          ? 
_exptl_crystal.density_Matthews      4.71 
_exptl_crystal.density_percent_sol   73.86 
_exptl_crystal.description           ? 
# 
_diffrn.id                     1 
_diffrn.crystal_id             1 
_diffrn.ambient_temp           ? 
_diffrn.ambient_temp_details   ? 
# 
_refine.entry_id                                 1STP 
_refine.ls_number_reflns_obs                     ? 
_refine.ls_number_reflns_all                     ? 
_refine.pdbx_ls_sigma_I                          ? 
_refine.pdbx_ls_sigma_F                          ? 
_refine.pdbx_data_cutoff_high_absF               ? 
_refine.pdbx_data_cutoff_low_absF                ? 
_refine.pdbx_data_cutoff_high_rms_absF           ? 
_refine.ls_d_res_low                             ? 
_refine.ls_d_res_high                            2.6 
_refine.ls_percent_reflns_obs                    ? 
_refine.ls_R_factor_obs                          0.2200000 
_refine.ls_R_factor_all                          ? 
_refine.ls_R_factor_R_work                       ? 
_refine.ls_R_factor_R_free                       ? 
_refine.ls_R_factor_R_free_error                 ? 
_refine.ls_R_factor_R_free_error_details         ? 
_refine.ls_percent_reflns_R_free                 ? 
_refine.ls_number_reflns_R_free                  ? 
_refine.ls_number_parameters                     ? 
_refine.ls_number_restraints                     ? 
_refine.occupancy_min                            ? 
_refine.occupancy_max                            ? 
_refine.B_iso_mean                               ? 
_refine.aniso_B[1][1]                            ? 
_refine.aniso_B[2][2]                            ? 
_refine.aniso_B[3][3]                            ? 
_refine.aniso_B[1][2]                            ? 
_refine.aniso_B[1][3]                            ? 
_refine.aniso_B[2][3]                            ? 
_refine.solvent_model_details                    ? 
_refine.solvent_model_param_ksol                 ? 
_refine.solvent_model_param_bsol                 ? 
_refine.pdbx_ls_cross_valid_method               ? 
_refine.details                                  ? 
_refine.pdbx_starting_model                      ? 
_refine.pdbx_method_to_determine_struct          ? 
_refine.pdbx_isotropic_thermal_model             ? 
_refine.pdbx_stereochemistry_target_values       ? 
_refine.pdbx_stereochem_target_val_spec_case     ? 
_refine.pdbx_R_Free_selection_details            ? 
_refine.pdbx_overall_ESU_R                       ? 
_refine.pdbx_overall_ESU_R_Free                  ? 
_refine.overall_SU_ML                            ? 
_refine.overall_SU_B                             ? 
_refine.pdbx_refine_id                           'X-RAY DIFFRACTION' 
_refine.pdbx_diffrn_id                           1 
_refine.pdbx_TLS_residual_ADP_flag               ? 
_refine.correlation_coeff_Fo_to_Fc               ? 
_refine.correlation_coeff_Fo_to_Fc_free          ? 
_refine.pdbx_solvent_vdw_probe_radii             ? 
_refine.pdbx_solvent_ion_probe_radii             ? 
_refine.pdbx_solvent_shrinkage_radii             ? 
_refine.pdbx_overall_phase_error                 ? 
_refine.overall_SU_R_Cruickshank_DPI             ? 
_refine.pdbx_overall_SU_R_free_Cruickshank_DPI   ? 
_refine.pdbx_overall_SU_R_Blow_DPI               ? 
_refine.pdbx_overall_SU_R_free_Blow_DPI          ? 
# 
_refine_hist.pdbx_refine_id                   'X-RAY DIFFRACTION' 
_refine_hist.cycle_id                         LAST 
_refine_hist.pdbx_number_atoms_protein        901 
_refine_hist.pdbx_number_atoms_nucleic_acid   0 
_refine_hist.pdbx_number_atoms_ligand         16 
_refine_hist.number_atoms_solvent             84 
_refine_hist.number_atoms_total               1001 
_refine_hist.d_res_high                       2.6 
_refine_hist.d_res_low                        . 
# 
_struct.entry_id                  1STP 
_struct.title                     'STRUCTURAL ORIGINS OF HIGH-AFFINITY BIOTIN BINDING TO STREPTAVIDIN' 
_struct.pdbx_model_details        ? 
_struct.pdbx_CASP_flag            ? 
_struct.pdbx_model_type_details   ? 
# 
_struct_keywords.entry_id        1STP 
_struct_keywords.pdbx_keywords   'BIOTIN BINDING PROTEIN' 
_struct_keywords.text            'BIOTIN BINDING PROTEIN' 
# 
loop_
_struct_asym.id 
_struct_asym.pdbx_blank_PDB_chainid_flag 
_struct_asym.pdbx_modified 
_struct_asym.entity_id 
_struct_asym.details 
A N N 1 ? 
B N N 2 ? 
C N N 3 ? 
# 
_struct_ref.id                         1 
_struct_ref.db_name                    UNP 
_struct_ref.db_code                    SAV_STRAV 
_struct_ref.entity_id                  1 
_struct_ref.pdbx_db_accession          P22629 
_struct_ref.pdbx_align_begin           1 
_struct_ref.pdbx_seq_one_letter_code   
;MRKIVVAAIAVSLTTVSITASASADPSKDSKAQVSAAEAGITGTWYNQLGSTFIVTAGADGALTGTYESAVGNAESRYVL
TGRYDSAPATDGSGTALGWTVAWKNNYRNAHSATTWSGQYVGGAEARINTQWLLTSGTTEANAWKSTLVGHDTFTKVKPS
AASIDAAKKAGVNNGNPLDAVQQ
;
_struct_ref.pdbx_db_isoform            ? 
# 
_struct_ref_seq.align_id                      1 
_struct_ref_seq.ref_id                        1 
_struct_ref_seq.pdbx_PDB_id_code              1STP 
_struct_ref_seq.pdbx_strand_id                A 
_struct_ref_seq.seq_align_beg                 1 
_struct_ref_seq.pdbx_seq_align_beg_ins_code   ? 
_struct_ref_seq.seq_align_end                 159 
_struct_ref_seq.pdbx_seq_align_end_ins_code   ? 
_struct_ref_seq.pdbx_db_accession             P22629 
_struct_ref_seq.db_align_beg                  25 
_struct_ref_seq.pdbx_db_align_beg_ins_code    ? 
_struct_ref_seq.db_align_end                  183 
_struct_ref_seq.pdbx_db_align_end_ins_code    ? 
_struct_ref_seq.pdbx_auth_seq_align_beg       1 
_struct_ref_seq.pdbx_auth_seq_align_end       159 
# 
_pdbx_struct_assembly.id                   1 
_pdbx_struct_assembly.details              author_and_software_defined_assembly 
_pdbx_struct_assembly.method_details       PISA,PQS 
_pdbx_struct_assembly.oligomeric_details   tetrameric 
_pdbx_struct_assembly.oligomeric_count     4 
# 
loop_
_pdbx_struct_assembly_prop.biol_id 
_pdbx_struct_assembly_prop.type 
_pdbx_struct_assembly_prop.value 
_pdbx_struct_assembly_prop.details 
1 'ABSA (A^2)' 11350 ? 
1 MORE         -42   ? 
1 'SSA (A^2)'  18340 ? 
# 
_pdbx_struct_assembly_gen.assembly_id       1 
_pdbx_struct_assembly_gen.oper_expression   1,2,3,4 
_pdbx_struct_assembly_gen.asym_id_list      A,B,C 
# 
loop_
_pdbx_struct_oper_list.id 
_pdbx_struct_oper_list.type 
_pdbx_struct_oper_list.name 
_pdbx_struct_oper_list.symmetry_operation 
_pdbx_struct_oper_list.matrix[1][1] 
_pdbx_struct_oper_list.matrix[1][2] 
_pdbx_struct_oper_list.matrix[1][3] 
_pdbx_struct_oper_list.vector[1] 
_pdbx_struct_oper_list.matrix[2][1] 
_pdbx_struct_oper_list.matrix[2][2] 
_pdbx_struct_oper_list.matrix[2][3] 
_pdbx_struct_oper_list.vector[2] 
_pdbx_struct_oper_list.matrix[3][1] 
_pdbx_struct_oper_list.matrix[3][2] 
_pdbx_struct_oper_list.matrix[3][3] 
_pdbx_struct_oper_list.vector[3] 
1 'identity operation'         1_555  x,y,z    1.0000000000  0.0000000000  0.0000000000  0.0000000000  0.0000000000  1.0000000000  0.0000000000  0.0000000000  0.0000000000  0.0000000000  1.0000000000  0.0000000000  
2 'crystal symmetry operation' 8_555  -y,-x,-z -0.8923411561 -0.2394123097 -0.3826342995 17.6714899650 -0.2394123097 -0.4675936323 0.8509041902  20.0581083279 -0.3826342995 0.8509041902  0.3599347883  -7.5781650186 
3 'crystal symmetry operation' 10_555 -x,-y,z  -0.1975500847 -0.7135098006 0.6722185124  16.8281848688 -0.7135098006 -0.3655725723 -0.5977126892 25.4204406750 0.6722185124  -0.5977126892 -0.4368773430 6.8935293376  
4 'crystal symmetry operation' 15_555 y,x,-z   0.0898912408  0.9529221104  -0.2895842129 -6.0686591611 0.9529221104  -0.1668337954 -0.2531915011 10.0085305289 -0.2895842129 -0.2531915011 -0.9230574454 10.0943747635 
# 
_struct_biol.id   1 
# 
loop_
_struct_conf.conf_type_id 
_struct_conf.id 
_struct_conf.pdbx_PDB_helix_id 
_struct_conf.beg_label_comp_id 
_struct_conf.beg_label_asym_id 
_struct_conf.beg_label_seq_id 
_struct_conf.pdbx_beg_PDB_ins_code 
_struct_conf.end_label_comp_id 
_struct_conf.end_label_asym_id 
_struct_conf.end_label_seq_id 
_struct_conf.pdbx_end_PDB_ins_code 
_struct_conf.beg_auth_comp_id 
_struct_conf.beg_auth_asym_id 
_struct_conf.beg_auth_seq_id 
_struct_conf.end_auth_comp_id 
_struct_conf.end_auth_asym_id 
_struct_conf.end_auth_seq_id 
_struct_conf.pdbx_PDB_helix_class 
_struct_conf.details 
_struct_conf.pdbx_PDB_helix_length 
HELX_P HELX_P1 1 ALA A 13  ? THR A 18  ? ALA A 13  THR A 18  1 ? 6 
HELX_P HELX_P2 2 THR A 115 ? LYS A 121 ? THR A 115 LYS A 121 5 ? 7 
# 
_struct_conf_type.id          HELX_P 
_struct_conf_type.criteria    ? 
_struct_conf_type.reference   ? 
# 
_struct_sheet.id               A 
_struct_sheet.type             ? 
_struct_sheet.number_strands   9 
_struct_sheet.details          ? 
# 
loop_
_struct_sheet_order.sheet_id 
_struct_sheet_order.range_id_1 
_struct_sheet_order.range_id_2 
_struct_sheet_order.offset 
_struct_sheet_order.sense 
A 1 2 ? anti-parallel 
A 2 3 ? anti-parallel 
A 3 4 ? anti-parallel 
A 4 5 ? anti-parallel 
A 5 6 ? anti-parallel 
A 6 7 ? anti-parallel 
A 7 8 ? anti-parallel 
A 8 9 ? anti-parallel 
# 
loop_
_struct_sheet_range.sheet_id 
_struct_sheet_range.id 
_struct_sheet_range.beg_label_comp_id 
_struct_sheet_range.beg_label_asym_id 
_struct_sheet_range.beg_label_seq_id 
_struct_sheet_range.pdbx_beg_PDB_ins_code 
_struct_sheet_range.end_label_comp_id 
_struct_sheet_range.end_label_asym_id 
_struct_sheet_range.end_label_seq_id 
_struct_sheet_range.pdbx_end_PDB_ins_code 
_struct_sheet_range.beg_auth_comp_id 
_struct_sheet_range.beg_auth_asym_id 
_struct_sheet_range.beg_auth_seq_id 
_struct_sheet_range.end_auth_comp_id 
_struct_sheet_range.end_auth_asym_id 
_struct_sheet_range.end_auth_seq_id 
A 1 GLY A 19  ? ASN A 23  ? GLY A 19  ASN A 23  
A 2 THR A 28  ? ALA A 33  ? THR A 28  ALA A 33  
A 3 ALA A 38  ? GLU A 44  ? ALA A 38  GLU A 44  
A 4 TYR A 54  ? TYR A 60  ? TYR A 54  TYR A 60  
A 5 THR A 71  ? LYS A 80  ? THR A 71  LYS A 80  
A 6 ASN A 85  ? VAL A 97  ? ASN A 85  VAL A 97  
A 7 ARG A 103 ? SER A 112 ? ARG A 103 SER A 112 
A 8 THR A 123 ? THR A 131 ? THR A 123 THR A 131 
A 9 GLY A 19  ? ASN A 23  ? GLY A 19  ASN A 23  
# 
loop_
_pdbx_struct_sheet_hbond.sheet_id 
_pdbx_struct_sheet_hbond.range_id_1 
_pdbx_struct_sheet_hbond.range_id_2 
_pdbx_struct_sheet_hbond.range_1_label_atom_id 
_pdbx_struct_sheet_hbond.range_1_label_comp_id 
_pdbx_struct_sheet_hbond.range_1_label_asym_id 
_pdbx_struct_sheet_hbond.range_1_label_seq_id 
_pdbx_struct_sheet_hbond.range_1_PDB_ins_code 
_pdbx_struct_sheet_hbond.range_1_auth_atom_id 
_pdbx_struct_sheet_hbond.range_1_auth_comp_id 
_pdbx_struct_sheet_hbond.range_1_auth_asym_id 
_pdbx_struct_sheet_hbond.range_1_auth_seq_id 
_pdbx_struct_sheet_hbond.range_2_label_atom_id 
_pdbx_struct_sheet_hbond.range_2_label_comp_id 
_pdbx_struct_sheet_hbond.range_2_label_asym_id 
_pdbx_struct_sheet_hbond.range_2_label_seq_id 
_pdbx_struct_sheet_hbond.range_2_PDB_ins_code 
_pdbx_struct_sheet_hbond.range_2_auth_atom_id 
_pdbx_struct_sheet_hbond.range_2_auth_comp_id 
_pdbx_struct_sheet_hbond.range_2_auth_asym_id 
_pdbx_struct_sheet_hbond.range_2_auth_seq_id 
A 1 2 O TRP A 21  ? O TRP A 21  N PHE A 29  ? N PHE A 29  
A 2 3 N THR A 32  ? N THR A 32  O THR A 40  ? O THR A 40  
A 3 4 O TYR A 43  ? O TYR A 43  N TYR A 54  ? N TYR A 54  
A 4 5 O ARG A 59  ? O ARG A 59  N GLY A 74  ? N GLY A 74  
A 5 6 O TRP A 79  ? O TRP A 79  N ALA A 86  ? N ALA A 86  
A 6 7 N VAL A 97  ? N VAL A 97  O ARG A 103 ? O ARG A 103 
A 7 8 O LEU A 110 ? O LEU A 110 N LEU A 124 ? N LEU A 124 
A 8 9 O THR A 131 ? O THR A 131 N TYR A 22  ? N TYR A 22  
# 
_struct_site.id                   AC1 
_struct_site.pdbx_evidence_code   Software 
_struct_site.pdbx_auth_asym_id    A 
_struct_site.pdbx_auth_comp_id    BTN 
_struct_site.pdbx_auth_seq_id     300 
_struct_site.pdbx_auth_ins_code   ? 
_struct_site.pdbx_num_residues    15 
_struct_site.details              'BINDING SITE FOR RESIDUE BTN A 300' 
# 
loop_
_struct_site_gen.id 
_struct_site_gen.site_id 
_struct_site_gen.pdbx_num_res 
_struct_site_gen.label_comp_id 
_struct_site_gen.label_asym_id 
_struct_site_gen.label_seq_id 
_struct_site_gen.pdbx_auth_ins_code 
_struct_site_gen.auth_comp_id 
_struct_site_gen.auth_asym_id 
_struct_site_gen.auth_seq_id 
_struct_site_gen.label_atom_id 
_struct_site_gen.label_alt_id 
_struct_site_gen.symmetry 
_struct_site_gen.details 
1  AC1 15 ASN A 23  ? ASN A 23  . ? 1_555  ? 
2  AC1 15 SER A 27  ? SER A 27  . ? 1_555  ? 
3  AC1 15 TYR A 43  ? TYR A 43  . ? 1_555  ? 
4  AC1 15 SER A 45  ? SER A 45  . ? 1_555  ? 
5  AC1 15 VAL A 47  ? VAL A 47  . ? 1_555  ? 
6  AC1 15 ASN A 49  ? ASN A 49  . ? 1_555  ? 
7  AC1 15 TRP A 79  ? TRP A 79  . ? 1_555  ? 
8  AC1 15 ALA A 86  ? ALA A 86  . ? 1_555  ? 
9  AC1 15 SER A 88  ? SER A 88  . ? 1_555  ? 
10 AC1 15 THR A 90  ? THR A 90  . ? 1_555  ? 
11 AC1 15 TRP A 108 ? TRP A 108 . ? 1_555  ? 
12 AC1 15 TRP A 120 ? TRP A 120 . ? 10_555 ? 
13 AC1 15 ASP A 128 ? ASP A 128 . ? 1_555  ? 
14 AC1 15 HOH C .   ? HOH A 315 . ? 1_555  ? 
15 AC1 15 HOH C .   ? HOH A 445 . ? 1_555  ? 
# 
loop_
_pdbx_validate_rmsd_angle.id 
_pdbx_validate_rmsd_angle.PDB_model_num 
_pdbx_validate_rmsd_angle.auth_atom_id_1 
_pdbx_validate_rmsd_angle.auth_asym_id_1 
_pdbx_validate_rmsd_angle.auth_comp_id_1 
_pdbx_validate_rmsd_angle.auth_seq_id_1 
_pdbx_validate_rmsd_angle.PDB_ins_code_1 
_pdbx_validate_rmsd_angle.label_alt_id_1 
_pdbx_validate_rmsd_angle.auth_atom_id_2 
_pdbx_validate_rmsd_angle.auth_asym_id_2 
_pdbx_validate_rmsd_angle.auth_comp_id_2 
_pdbx_validate_rmsd_angle.auth_seq_id_2 
_pdbx_validate_rmsd_angle.PDB_ins_code_2 
_pdbx_validate_rmsd_angle.label_alt_id_2 
_pdbx_validate_rmsd_angle.auth_atom_id_3 
_pdbx_validate_rmsd_angle.auth_asym_id_3 
_pdbx_validate_rmsd_angle.auth_comp_id_3 
_pdbx_validate_rmsd_angle.auth_seq_id_3 
_pdbx_validate_rmsd_angle.PDB_ins_code_3 
_pdbx_validate_rmsd_angle.label_alt_id_3 
_pdbx_validate_rmsd_angle.angle_value 
_pdbx_validate_rmsd_angle.angle_target_value 
_pdbx_validate_rmsd_angle.angle_deviation 
_pdbx_validate_rmsd_angle.angle_standard_deviation 
_pdbx_validate_rmsd_angle.linker_flag 
1 1 CA A ARG 53  ? ? CB A ARG 53  ? ? CG  A ARG 53  ? ? 129.36 113.40 15.96 2.20 N 
2 1 CD A ARG 53  ? ? NE A ARG 53  ? ? CZ  A ARG 53  ? ? 136.21 123.60 12.61 1.40 N 
3 1 NE A ARG 53  ? ? CZ A ARG 53  ? ? NH1 A ARG 53  ? ? 124.95 120.30 4.65  0.50 N 
4 1 NE A ARG 84  ? ? CZ A ARG 84  ? ? NH1 A ARG 84  ? ? 117.08 120.30 -3.22 0.50 N 
5 1 CD A ARG 103 ? ? NE A ARG 103 ? ? CZ  A ARG 103 ? ? 114.34 123.60 -9.26 1.40 N 
6 1 NE A ARG 103 ? ? CZ A ARG 103 ? ? NH1 A ARG 103 ? ? 115.68 120.30 -4.62 0.50 N 
# 
loop_
_pdbx_validate_torsion.id 
_pdbx_validate_torsion.PDB_model_num 
_pdbx_validate_torsion.auth_comp_id 
_pdbx_validate_torsion.auth_asym_id 
_pdbx_validate_torsion.auth_seq_id 
_pdbx_validate_torsion.PDB_ins_code 
_pdbx_validate_torsion.label_alt_id 
_pdbx_validate_torsion.phi 
_pdbx_validate_torsion.psi 
1 1 SER A 52 ? ? 72.34  -156.81 
2 1 TRP A 79 ? ? -69.17 57.58   
# 
_pdbx_validate_planes.id              1 
_pdbx_validate_planes.PDB_model_num   1 
_pdbx_validate_planes.auth_comp_id    ARG 
_pdbx_validate_planes.auth_asym_id    A 
_pdbx_validate_planes.auth_seq_id     103 
_pdbx_validate_planes.PDB_ins_code    ? 
_pdbx_validate_planes.label_alt_id    ? 
_pdbx_validate_planes.rmsd            0.095 
_pdbx_validate_planes.type            'SIDE CHAIN' 
# 
loop_
_pdbx_unobs_or_zero_occ_residues.id 
_pdbx_unobs_or_zero_occ_residues.PDB_model_num 
_pdbx_unobs_or_zero_occ_residues.polymer_flag 
_pdbx_unobs_or_zero_occ_residues.occupancy_flag 
_pdbx_unobs_or_zero_occ_residues.auth_asym_id 
_pdbx_unobs_or_zero_occ_residues.auth_comp_id 
_pdbx_unobs_or_zero_occ_residues.auth_seq_id 
_pdbx_unobs_or_zero_occ_residues.PDB_ins_code 
_pdbx_unobs_or_zero_occ_residues.label_asym_id 
_pdbx_unobs_or_zero_occ_residues.label_comp_id 
_pdbx_unobs_or_zero_occ_residues.label_seq_id 
1  1 Y 1 A ASP 1   ? A ASP 1   
2  1 Y 1 A PRO 2   ? A PRO 2   
3  1 Y 1 A SER 3   ? A SER 3   
4  1 Y 1 A LYS 4   ? A LYS 4   
5  1 Y 1 A ASP 5   ? A ASP 5   
6  1 Y 1 A SER 6   ? A SER 6   
7  1 Y 1 A LYS 7   ? A LYS 7   
8  1 Y 1 A ALA 8   ? A ALA 8   
9  1 Y 1 A GLN 9   ? A GLN 9   
10 1 Y 1 A VAL 10  ? A VAL 10  
11 1 Y 1 A SER 11  ? A SER 11  
12 1 Y 1 A ALA 12  ? A ALA 12  
13 1 Y 1 A LYS 134 ? A LYS 134 
14 1 Y 1 A PRO 135 ? A PRO 135 
15 1 Y 1 A SER 136 ? A SER 136 
16 1 Y 1 A ALA 137 ? A ALA 137 
17 1 Y 1 A ALA 138 ? A ALA 138 
18 1 Y 1 A SER 139 ? A SER 139 
19 1 Y 1 A ILE 140 ? A ILE 140 
20 1 Y 1 A ASP 141 ? A ASP 141 
21 1 Y 1 A ALA 142 ? A ALA 142 
22 1 Y 1 A ALA 143 ? A ALA 143 
23 1 Y 1 A LYS 144 ? A LYS 144 
24 1 Y 1 A LYS 145 ? A LYS 145 
25 1 Y 1 A ALA 146 ? A ALA 146 
26 1 Y 1 A GLY 147 ? A GLY 147 
27 1 Y 1 A VAL 148 ? A VAL 148 
28 1 Y 1 A ASN 149 ? A ASN 149 
29 1 Y 1 A ASN 150 ? A ASN 150 
30 1 Y 1 A GLY 151 ? A GLY 151 
31 1 Y 1 A ASN 152 ? A ASN 152 
32 1 Y 1 A PRO 153 ? A PRO 153 
33 1 Y 1 A LEU 154 ? A LEU 154 
34 1 Y 1 A ASP 155 ? A ASP 155 
35 1 Y 1 A ALA 156 ? A ALA 156 
36 1 Y 1 A VAL 157 ? A VAL 157 
37 1 Y 1 A GLN 158 ? A GLN 158 
38 1 Y 1 A GLN 159 ? A GLN 159 
# 
loop_
_chem_comp_atom.comp_id 
_chem_comp_atom.atom_id 
_chem_comp_atom.type_symbol 
_chem_comp_atom.pdbx_aromatic_flag 
_chem_comp_atom.pdbx_stereo_config 
_chem_comp_atom.pdbx_ordinal 
ALA N    N N N 1   
ALA CA   C N S 2   
ALA C    C N N 3   
ALA O    O N N 4   
ALA CB   C N N 5   
ALA OXT  O N N 6   
ALA H    H N N 7   
ALA H2   H N N 8   
ALA HA   H N N 9   
ALA HB1  H N N 10  
ALA HB2  H N N 11  
ALA HB3  H N N 12  
ALA HXT  H N N 13  
ARG N    N N N 14  
ARG CA   C N S 15  
ARG C    C N N 16  
ARG O    O N N 17  
ARG CB   C N N 18  
ARG CG   C N N 19  
ARG CD   C N N 20  
ARG NE   N N N 21  
ARG CZ   C N N 22  
ARG NH1  N N N 23  
ARG NH2  N N N 24  
ARG OXT  O N N 25  
ARG H    H N N 26  
ARG H2   H N N 27  
ARG HA   H N N 28  
ARG HB2  H N N 29  
ARG HB3  H N N 30  
ARG HG2  H N N 31  
ARG HG3  H N N 32  
ARG HD2  H N N 33  
ARG HD3  H N N 34  
ARG HE   H N N 35  
ARG HH11 H N N 36  
ARG HH12 H N N 37  
ARG HH21 H N N 38  
ARG HH22 H N N 39  
ARG HXT  H N N 40  
ASN N    N N N 41  
ASN CA   C N S 42  
ASN C    C N N 43  
ASN O    O N N 44  
ASN CB   C N N 45  
ASN CG   C N N 46  
ASN OD1  O N N 47  
ASN ND2  N N N 48  
ASN OXT  O N N 49  
ASN H    H N N 50  
ASN H2   H N N 51  
ASN HA   H N N 52  
ASN HB2  H N N 53  
ASN HB3  H N N 54  
ASN HD21 H N N 55  
ASN HD22 H N N 56  
ASN HXT  H N N 57  
ASP N    N N N 58  
ASP CA   C N S 59  
ASP C    C N N 60  
ASP O    O N N 61  
ASP CB   C N N 62  
ASP CG   C N N 63  
ASP OD1  O N N 64  
ASP OD2  O N N 65  
ASP OXT  O N N 66  
ASP H    H N N 67  
ASP H2   H N N 68  
ASP HA   H N N 69  
ASP HB2  H N N 70  
ASP HB3  H N N 71  
ASP HD2  H N N 72  
ASP HXT  H N N 73  
BTN C11  C N N 74  
BTN O11  O N N 75  
BTN O12  O N N 76  
BTN C10  C N N 77  
BTN C9   C N N 78  
BTN C8   C N N 79  
BTN C7   C N N 80  
BTN C2   C N S 81  
BTN S1   S N N 82  
BTN C6   C N N 83  
BTN C5   C N R 84  
BTN N1   N N N 85  
BTN C3   C N N 86  
BTN O3   O N N 87  
BTN N2   N N N 88  
BTN C4   C N S 89  
BTN HO2  H N N 90  
BTN H101 H N N 91  
BTN H102 H N N 92  
BTN H91  H N N 93  
BTN H92  H N N 94  
BTN H81  H N N 95  
BTN H82  H N N 96  
BTN H71  H N N 97  
BTN H72  H N N 98  
BTN H2   H N N 99  
BTN H61  H N N 100 
BTN H62  H N N 101 
BTN H5   H N N 102 
BTN HN1  H N N 103 
BTN HN2  H N N 104 
BTN H4   H N N 105 
GLN N    N N N 106 
GLN CA   C N S 107 
GLN C    C N N 108 
GLN O    O N N 109 
GLN CB   C N N 110 
GLN CG   C N N 111 
GLN CD   C N N 112 
GLN OE1  O N N 113 
GLN NE2  N N N 114 
GLN OXT  O N N 115 
GLN H    H N N 116 
GLN H2   H N N 117 
GLN HA   H N N 118 
GLN HB2  H N N 119 
GLN HB3  H N N 120 
GLN HG2  H N N 121 
GLN HG3  H N N 122 
GLN HE21 H N N 123 
GLN HE22 H N N 124 
GLN HXT  H N N 125 
GLU N    N N N 126 
GLU CA   C N S 127 
GLU C    C N N 128 
GLU O    O N N 129 
GLU CB   C N N 130 
GLU CG   C N N 131 
GLU CD   C N N 132 
GLU OE1  O N N 133 
GLU OE2  O N N 134 
GLU OXT  O N N 135 
GLU H    H N N 136 
GLU H2   H N N 137 
GLU HA   H N N 138 
GLU HB2  H N N 139 
GLU HB3  H N N 140 
GLU HG2  H N N 141 
GLU HG3  H N N 142 
GLU HE2  H N N 143 
GLU HXT  H N N 144 
GLY N    N N N 145 
GLY CA   C N N 146 
GLY C    C N N 147 
GLY O    O N N 148 
GLY OXT  O N N 149 
GLY H    H N N 150 
GLY H2   H N N 151 
GLY HA2  H N N 152 
GLY HA3  H N N 153 
GLY HXT  H N N 154 
HIS N    N N N 155 
HIS CA   C N S 156 
HIS C    C N N 157 
HIS O    O N N 158 
HIS CB   C N N 159 
HIS CG   C Y N 160 
HIS ND1  N Y N 161 
HIS CD2  C Y N 162 
HIS CE1  C Y N 163 
HIS NE2  N Y N 164 
HIS OXT  O N N 165 
HIS H    H N N 166 
HIS H2   H N N 167 
HIS HA   H N N 168 
HIS HB2  H N N 169 
HIS HB3  H N N 170 
HIS HD1  H N N 171 
HIS HD2  H N N 172 
HIS HE1  H N N 173 
HIS HE2  H N N 174 
HIS HXT  H N N 175 
HOH O    O N N 176 
HOH H1   H N N 177 
HOH H2   H N N 178 
ILE N    N N N 179 
ILE CA   C N S 180 
ILE C    C N N 181 
ILE O    O N N 182 
ILE CB   C N S 183 
ILE CG1  C N N 184 
ILE CG2  C N N 185 
ILE CD1  C N N 186 
ILE OXT  O N N 187 
ILE H    H N N 188 
ILE H2   H N N 189 
ILE HA   H N N 190 
ILE HB   H N N 191 
ILE HG12 H N N 192 
ILE HG13 H N N 193 
ILE HG21 H N N 194 
ILE HG22 H N N 195 
ILE HG23 H N N 196 
ILE HD11 H N N 197 
ILE HD12 H N N 198 
ILE HD13 H N N 199 
ILE HXT  H N N 200 
LEU N    N N N 201 
LEU CA   C N S 202 
LEU C    C N N 203 
LEU O    O N N 204 
LEU CB   C N N 205 
LEU CG   C N N 206 
LEU CD1  C N N 207 
LEU CD2  C N N 208 
LEU OXT  O N N 209 
LEU H    H N N 210 
LEU H2   H N N 211 
LEU HA   H N N 212 
LEU HB2  H N N 213 
LEU HB3  H N N 214 
LEU HG   H N N 215 
LEU HD11 H N N 216 
LEU HD12 H N N 217 
LEU HD13 H N N 218 
LEU HD21 H N N 219 
LEU HD22 H N N 220 
LEU HD23 H N N 221 
LEU HXT  H N N 222 
LYS N    N N N 223 
LYS CA   C N S 224 
LYS C    C N N 225 
LYS O    O N N 226 
LYS CB   C N N 227 
LYS CG   C N N 228 
LYS CD   C N N 229 
LYS CE   C N N 230 
LYS NZ   N N N 231 
LYS OXT  O N N 232 
LYS H    H N N 233 
LYS H2   H N N 234 
LYS HA   H N N 235 
LYS HB2  H N N 236 
LYS HB3  H N N 237 
LYS HG2  H N N 238 
LYS HG3  H N N 239 
LYS HD2  H N N 240 
LYS HD3  H N N 241 
LYS HE2  H N N 242 
LYS HE3  H N N 243 
LYS HZ1  H N N 244 
LYS HZ2  H N N 245 
LYS HZ3  H N N 246 
LYS HXT  H N N 247 
PHE N    N N N 248 
PHE CA   C N S 249 
PHE C    C N N 250 
PHE O    O N N 251 
PHE CB   C N N 252 
PHE CG   C Y N 253 
PHE CD1  C Y N 254 
PHE CD2  C Y N 255 
PHE CE1  C Y N 256 
PHE CE2  C Y N 257 
PHE CZ   C Y N 258 
PHE OXT  O N N 259 
PHE H    H N N 260 
PHE H2   H N N 261 
PHE HA   H N N 262 
PHE HB2  H N N 263 
PHE HB3  H N N 264 
PHE HD1  H N N 265 
PHE HD2  H N N 266 
PHE HE1  H N N 267 
PHE HE2  H N N 268 
PHE HZ   H N N 269 
PHE HXT  H N N 270 
PRO N    N N N 271 
PRO CA   C N S 272 
PRO C    C N N 273 
PRO O    O N N 274 
PRO CB   C N N 275 
PRO CG   C N N 276 
PRO CD   C N N 277 
PRO OXT  O N N 278 
PRO H    H N N 279 
PRO HA   H N N 280 
PRO HB2  H N N 281 
PRO HB3  H N N 282 
PRO HG2  H N N 283 
PRO HG3  H N N 284 
PRO HD2  H N N 285 
PRO HD3  H N N 286 
PRO HXT  H N N 287 
SER N    N N N 288 
SER CA   C N S 289 
SER C    C N N 290 
SER O    O N N 291 
SER CB   C N N 292 
SER OG   O N N 293 
SER OXT  O N N 294 
SER H    H N N 295 
SER H2   H N N 296 
SER HA   H N N 297 
SER HB2  H N N 298 
SER HB3  H N N 299 
SER HG   H N N 300 
SER HXT  H N N 301 
THR N    N N N 302 
THR CA   C N S 303 
THR C    C N N 304 
THR O    O N N 305 
THR CB   C N R 306 
THR OG1  O N N 307 
THR CG2  C N N 308 
THR OXT  O N N 309 
THR H    H N N 310 
THR H2   H N N 311 
THR HA   H N N 312 
THR HB   H N N 313 
THR HG1  H N N 314 
THR HG21 H N N 315 
THR HG22 H N N 316 
THR HG23 H N N 317 
THR HXT  H N N 318 
TRP N    N N N 319 
TRP CA   C N S 320 
TRP C    C N N 321 
TRP O    O N N 322 
TRP CB   C N N 323 
TRP CG   C Y N 324 
TRP CD1  C Y N 325 
TRP CD2  C Y N 326 
TRP NE1  N Y N 327 
TRP CE2  C Y N 328 
TRP CE3  C Y N 329 
TRP CZ2  C Y N 330 
TRP CZ3  C Y N 331 
TRP CH2  C Y N 332 
TRP OXT  O N N 333 
TRP H    H N N 334 
TRP H2   H N N 335 
TRP HA   H N N 336 
TRP HB2  H N N 337 
TRP HB3  H N N 338 
TRP HD1  H N N 339 
TRP HE1  H N N 340 
TRP HE3  H N N 341 
TRP HZ2  H N N 342 
TRP HZ3  H N N 343 
TRP HH2  H N N 344 
TRP HXT  H N N 345 
TYR N    N N N 346 
TYR CA   C N S 347 
TYR C    C N N 348 
TYR O    O N N 349 
TYR CB   C N N 350 
TYR CG   C Y N 351 
TYR CD1  C Y N 352 
TYR CD2  C Y N 353 
TYR CE1  C Y N 354 
TYR CE2  C Y N 355 
TYR CZ   C Y N 356 
TYR OH   O N N 357 
TYR OXT  O N N 358 
TYR H    H N N 359 
TYR H2   H N N 360 
TYR HA   H N N 361 
TYR HB2  H N N 362 
TYR HB3  H N N 363 
TYR HD1  H N N 364 
TYR HD2  H N N 365 
TYR HE1  H N N 366 
TYR HE2  H N N 367 
TYR HH   H N N 368 
TYR HXT  H N N 369 
VAL N    N N N 370 
VAL CA   C N S 371 
VAL C    C N N 372 
VAL O    O N N 373 
VAL CB   C N N 374 
VAL CG1  C N N 375 
VAL CG2  C N N 376 
VAL OXT  O N N 377 
VAL H    H N N 378 
VAL H2   H N N 379 
VAL HA   H N N 380 
VAL HB   H N N 381 
VAL HG11 H N N 382 
VAL HG12 H N N 383 
VAL HG13 H N N 384 
VAL HG21 H N N 385 
VAL HG22 H N N 386 
VAL HG23 H N N 387 
VAL HXT  H N N 388 
# 
loop_
_chem_comp_bond.comp_id 
_chem_comp_bond.atom_id_1 
_chem_comp_bond.atom_id_2 
_chem_comp_bond.value_order 
_chem_comp_bond.pdbx_aromatic_flag 
_chem_comp_bond.pdbx_stereo_config 
_chem_comp_bond.pdbx_ordinal 
ALA N   CA   sing N N 1   
ALA N   H    sing N N 2   
ALA N   H2   sing N N 3   
ALA CA  C    sing N N 4   
ALA CA  CB   sing N N 5   
ALA CA  HA   sing N N 6   
ALA C   O    doub N N 7   
ALA C   OXT  sing N N 8   
ALA CB  HB1  sing N N 9   
ALA CB  HB2  sing N N 10  
ALA CB  HB3  sing N N 11  
ALA OXT HXT  sing N N 12  
ARG N   CA   sing N N 13  
ARG N   H    sing N N 14  
ARG N   H2   sing N N 15  
ARG CA  C    sing N N 16  
ARG CA  CB   sing N N 17  
ARG CA  HA   sing N N 18  
ARG C   O    doub N N 19  
ARG C   OXT  sing N N 20  
ARG CB  CG   sing N N 21  
ARG CB  HB2  sing N N 22  
ARG CB  HB3  sing N N 23  
ARG CG  CD   sing N N 24  
ARG CG  HG2  sing N N 25  
ARG CG  HG3  sing N N 26  
ARG CD  NE   sing N N 27  
ARG CD  HD2  sing N N 28  
ARG CD  HD3  sing N N 29  
ARG NE  CZ   sing N N 30  
ARG NE  HE   sing N N 31  
ARG CZ  NH1  sing N N 32  
ARG CZ  NH2  doub N N 33  
ARG NH1 HH11 sing N N 34  
ARG NH1 HH12 sing N N 35  
ARG NH2 HH21 sing N N 36  
ARG NH2 HH22 sing N N 37  
ARG OXT HXT  sing N N 38  
ASN N   CA   sing N N 39  
ASN N   H    sing N N 40  
ASN N   H2   sing N N 41  
ASN CA  C    sing N N 42  
ASN CA  CB   sing N N 43  
ASN CA  HA   sing N N 44  
ASN C   O    doub N N 45  
ASN C   OXT  sing N N 46  
ASN CB  CG   sing N N 47  
ASN CB  HB2  sing N N 48  
ASN CB  HB3  sing N N 49  
ASN CG  OD1  doub N N 50  
ASN CG  ND2  sing N N 51  
ASN ND2 HD21 sing N N 52  
ASN ND2 HD22 sing N N 53  
ASN OXT HXT  sing N N 54  
ASP N   CA   sing N N 55  
ASP N   H    sing N N 56  
ASP N   H2   sing N N 57  
ASP CA  C    sing N N 58  
ASP CA  CB   sing N N 59  
ASP CA  HA   sing N N 60  
ASP C   O    doub N N 61  
ASP C   OXT  sing N N 62  
ASP CB  CG   sing N N 63  
ASP CB  HB2  sing N N 64  
ASP CB  HB3  sing N N 65  
ASP CG  OD1  doub N N 66  
ASP CG  OD2  sing N N 67  
ASP OD2 HD2  sing N N 68  
ASP OXT HXT  sing N N 69  
BTN C11 O11  doub N N 70  
BTN C11 O12  sing N N 71  
BTN C11 C10  sing N N 72  
BTN O12 HO2  sing N N 73  
BTN C10 C9   sing N N 74  
BTN C10 H101 sing N N 75  
BTN C10 H102 sing N N 76  
BTN C9  C8   sing N N 77  
BTN C9  H91  sing N N 78  
BTN C9  H92  sing N N 79  
BTN C8  C7   sing N N 80  
BTN C8  H81  sing N N 81  
BTN C8  H82  sing N N 82  
BTN C7  C2   sing N N 83  
BTN C7  H71  sing N N 84  
BTN C7  H72  sing N N 85  
BTN C2  S1   sing N N 86  
BTN C2  C4   sing N N 87  
BTN C2  H2   sing N N 88  
BTN S1  C6   sing N N 89  
BTN C6  C5   sing N N 90  
BTN C6  H61  sing N N 91  
BTN C6  H62  sing N N 92  
BTN C5  N1   sing N N 93  
BTN C5  C4   sing N N 94  
BTN C5  H5   sing N N 95  
BTN N1  C3   sing N N 96  
BTN N1  HN1  sing N N 97  
BTN C3  O3   doub N N 98  
BTN C3  N2   sing N N 99  
BTN N2  C4   sing N N 100 
BTN N2  HN2  sing N N 101 
BTN C4  H4   sing N N 102 
GLN N   CA   sing N N 103 
GLN N   H    sing N N 104 
GLN N   H2   sing N N 105 
GLN CA  C    sing N N 106 
GLN CA  CB   sing N N 107 
GLN CA  HA   sing N N 108 
GLN C   O    doub N N 109 
GLN C   OXT  sing N N 110 
GLN CB  CG   sing N N 111 
GLN CB  HB2  sing N N 112 
GLN CB  HB3  sing N N 113 
GLN CG  CD   sing N N 114 
GLN CG  HG2  sing N N 115 
GLN CG  HG3  sing N N 116 
GLN CD  OE1  doub N N 117 
GLN CD  NE2  sing N N 118 
GLN NE2 HE21 sing N N 119 
GLN NE2 HE22 sing N N 120 
GLN OXT HXT  sing N N 121 
GLU N   CA   sing N N 122 
GLU N   H    sing N N 123 
GLU N   H2   sing N N 124 
GLU CA  C    sing N N 125 
GLU CA  CB   sing N N 126 
GLU CA  HA   sing N N 127 
GLU C   O    doub N N 128 
GLU C   OXT  sing N N 129 
GLU CB  CG   sing N N 130 
GLU CB  HB2  sing N N 131 
GLU CB  HB3  sing N N 132 
GLU CG  CD   sing N N 133 
GLU CG  HG2  sing N N 134 
GLU CG  HG3  sing N N 135 
GLU CD  OE1  doub N N 136 
GLU CD  OE2  sing N N 137 
GLU OE2 HE2  sing N N 138 
GLU OXT HXT  sing N N 139 
GLY N   CA   sing N N 140 
GLY N   H    sing N N 141 
GLY N   H2   sing N N 142 
GLY CA  C    sing N N 143 
GLY CA  HA2  sing N N 144 
GLY CA  HA3  sing N N 145 
GLY C   O    doub N N 146 
GLY C   OXT  sing N N 147 
GLY OXT HXT  sing N N 148 
HIS N   CA   sing N N 149 
HIS N   H    sing N N 150 
HIS N   H2   sing N N 151 
HIS CA  C    sing N N 152 
HIS CA  CB   sing N N 153 
HIS CA  HA   sing N N 154 
HIS C   O    doub N N 155 
HIS C   OXT  sing N N 156 
HIS CB  CG   sing N N 157 
HIS CB  HB2  sing N N 158 
HIS CB  HB3  sing N N 159 
HIS CG  ND1  sing Y N 160 
HIS CG  CD2  doub Y N 161 
HIS ND1 CE1  doub Y N 162 
HIS ND1 HD1  sing N N 163 
HIS CD2 NE2  sing Y N 164 
HIS CD2 HD2  sing N N 165 
HIS CE1 NE2  sing Y N 166 
HIS CE1 HE1  sing N N 167 
HIS NE2 HE2  sing N N 168 
HIS OXT HXT  sing N N 169 
HOH O   H1   sing N N 170 
HOH O   H2   sing N N 171 
ILE N   CA   sing N N 172 
ILE N   H    sing N N 173 
ILE N   H2   sing N N 174 
ILE CA  C    sing N N 175 
ILE CA  CB   sing N N 176 
ILE CA  HA   sing N N 177 
ILE C   O    doub N N 178 
ILE C   OXT  sing N N 179 
ILE CB  CG1  sing N N 180 
ILE CB  CG2  sing N N 181 
ILE CB  HB   sing N N 182 
ILE CG1 CD1  sing N N 183 
ILE CG1 HG12 sing N N 184 
ILE CG1 HG13 sing N N 185 
ILE CG2 HG21 sing N N 186 
ILE CG2 HG22 sing N N 187 
ILE CG2 HG23 sing N N 188 
ILE CD1 HD11 sing N N 189 
ILE CD1 HD12 sing N N 190 
ILE CD1 HD13 sing N N 191 
ILE OXT HXT  sing N N 192 
LEU N   CA   sing N N 193 
LEU N   H    sing N N 194 
LEU N   H2   sing N N 195 
LEU CA  C    sing N N 196 
LEU CA  CB   sing N N 197 
LEU CA  HA   sing N N 198 
LEU C   O    doub N N 199 
LEU C   OXT  sing N N 200 
LEU CB  CG   sing N N 201 
LEU CB  HB2  sing N N 202 
LEU CB  HB3  sing N N 203 
LEU CG  CD1  sing N N 204 
LEU CG  CD2  sing N N 205 
LEU CG  HG   sing N N 206 
LEU CD1 HD11 sing N N 207 
LEU CD1 HD12 sing N N 208 
LEU CD1 HD13 sing N N 209 
LEU CD2 HD21 sing N N 210 
LEU CD2 HD22 sing N N 211 
LEU CD2 HD23 sing N N 212 
LEU OXT HXT  sing N N 213 
LYS N   CA   sing N N 214 
LYS N   H    sing N N 215 
LYS N   H2   sing N N 216 
LYS CA  C    sing N N 217 
LYS CA  CB   sing N N 218 
LYS CA  HA   sing N N 219 
LYS C   O    doub N N 220 
LYS C   OXT  sing N N 221 
LYS CB  CG   sing N N 222 
LYS CB  HB2  sing N N 223 
LYS CB  HB3  sing N N 224 
LYS CG  CD   sing N N 225 
LYS CG  HG2  sing N N 226 
LYS CG  HG3  sing N N 227 
LYS CD  CE   sing N N 228 
LYS CD  HD2  sing N N 229 
LYS CD  HD3  sing N N 230 
LYS CE  NZ   sing N N 231 
LYS CE  HE2  sing N N 232 
LYS CE  HE3  sing N N 233 
LYS NZ  HZ1  sing N N 234 
LYS NZ  HZ2  sing N N 235 
LYS NZ  HZ3  sing N N 236 
LYS OXT HXT  sing N N 237 
PHE N   CA   sing N N 238 
PHE N   H    sing N N 239 
PHE N   H2   sing N N 240 
PHE CA  C    sing N N 241 
PHE CA  CB   sing N N 242 
PHE CA  HA   sing N N 243 
PHE C   O    doub N N 244 
PHE C   OXT  sing N N 245 
PHE CB  CG   sing N N 246 
PHE CB  HB2  sing N N 247 
PHE CB  HB3  sing N N 248 
PHE CG  CD1  doub Y N 249 
PHE CG  CD2  sing Y N 250 
PHE CD1 CE1  sing Y N 251 
PHE CD1 HD1  sing N N 252 
PHE CD2 CE2  doub Y N 253 
PHE CD2 HD2  sing N N 254 
PHE CE1 CZ   doub Y N 255 
PHE CE1 HE1  sing N N 256 
PHE CE2 CZ   sing Y N 257 
PHE CE2 HE2  sing N N 258 
PHE CZ  HZ   sing N N 259 
PHE OXT HXT  sing N N 260 
PRO N   CA   sing N N 261 
PRO N   CD   sing N N 262 
PRO N   H    sing N N 263 
PRO CA  C    sing N N 264 
PRO CA  CB   sing N N 265 
PRO CA  HA   sing N N 266 
PRO C   O    doub N N 267 
PRO C   OXT  sing N N 268 
PRO CB  CG   sing N N 269 
PRO CB  HB2  sing N N 270 
PRO CB  HB3  sing N N 271 
PRO CG  CD   sing N N 272 
PRO CG  HG2  sing N N 273 
PRO CG  HG3  sing N N 274 
PRO CD  HD2  sing N N 275 
PRO CD  HD3  sing N N 276 
PRO OXT HXT  sing N N 277 
SER N   CA   sing N N 278 
SER N   H    sing N N 279 
SER N   H2   sing N N 280 
SER CA  C    sing N N 281 
SER CA  CB   sing N N 282 
SER CA  HA   sing N N 283 
SER C   O    doub N N 284 
SER C   OXT  sing N N 285 
SER CB  OG   sing N N 286 
SER CB  HB2  sing N N 287 
SER CB  HB3  sing N N 288 
SER OG  HG   sing N N 289 
SER OXT HXT  sing N N 290 
THR N   CA   sing N N 291 
THR N   H    sing N N 292 
THR N   H2   sing N N 293 
THR CA  C    sing N N 294 
THR CA  CB   sing N N 295 
THR CA  HA   sing N N 296 
THR C   O    doub N N 297 
THR C   OXT  sing N N 298 
THR CB  OG1  sing N N 299 
THR CB  CG2  sing N N 300 
THR CB  HB   sing N N 301 
THR OG1 HG1  sing N N 302 
THR CG2 HG21 sing N N 303 
THR CG2 HG22 sing N N 304 
THR CG2 HG23 sing N N 305 
THR OXT HXT  sing N N 306 
TRP N   CA   sing N N 307 
TRP N   H    sing N N 308 
TRP N   H2   sing N N 309 
TRP CA  C    sing N N 310 
TRP CA  CB   sing N N 311 
TRP CA  HA   sing N N 312 
TRP C   O    doub N N 313 
TRP C   OXT  sing N N 314 
TRP CB  CG   sing N N 315 
TRP CB  HB2  sing N N 316 
TRP CB  HB3  sing N N 317 
TRP CG  CD1  doub Y N 318 
TRP CG  CD2  sing Y N 319 
TRP CD1 NE1  sing Y N 320 
TRP CD1 HD1  sing N N 321 
TRP CD2 CE2  doub Y N 322 
TRP CD2 CE3  sing Y N 323 
TRP NE1 CE2  sing Y N 324 
TRP NE1 HE1  sing N N 325 
TRP CE2 CZ2  sing Y N 326 
TRP CE3 CZ3  doub Y N 327 
TRP CE3 HE3  sing N N 328 
TRP CZ2 CH2  doub Y N 329 
TRP CZ2 HZ2  sing N N 330 
TRP CZ3 CH2  sing Y N 331 
TRP CZ3 HZ3  sing N N 332 
TRP CH2 HH2  sing N N 333 
TRP OXT HXT  sing N N 334 
TYR N   CA   sing N N 335 
TYR N   H    sing N N 336 
TYR N   H2   sing N N 337 
TYR CA  C    sing N N 338 
TYR CA  CB   sing N N 339 
TYR CA  HA   sing N N 340 
TYR C   O    doub N N 341 
TYR C   OXT  sing N N 342 
TYR CB  CG   sing N N 343 
TYR CB  HB2  sing N N 344 
TYR CB  HB3  sing N N 345 
TYR CG  CD1  doub Y N 346 
TYR CG  CD2  sing Y N 347 
TYR CD1 CE1  sing Y N 348 
TYR CD1 HD1  sing N N 349 
TYR CD2 CE2  doub Y N 350 
TYR CD2 HD2  sing N N 351 
TYR CE1 CZ   doub Y N 352 
TYR CE1 HE1  sing N N 353 
TYR CE2 CZ   sing Y N 354 
TYR CE2 HE2  sing N N 355 
TYR CZ  OH   sing N N 356 
TYR OH  HH   sing N N 357 
TYR OXT HXT  sing N N 358 
VAL N   CA   sing N N 359 
VAL N   H    sing N N 360 
VAL N   H2   sing N N 361 
VAL CA  C    sing N N 362 
VAL CA  CB   sing N N 363 
VAL CA  HA   sing N N 364 
VAL C   O    doub N N 365 
VAL C   OXT  sing N N 366 
VAL CB  CG1  sing N N 367 
VAL CB  CG2  sing N N 368 
VAL CB  HB   sing N N 369 
VAL CG1 HG11 sing N N 370 
VAL CG1 HG12 sing N N 371 
VAL CG1 HG13 sing N N 372 
VAL CG2 HG21 sing N N 373 
VAL CG2 HG22 sing N N 374 
VAL CG2 HG23 sing N N 375 
VAL OXT HXT  sing N N 376 
# 
_atom_sites.entry_id                    1STP 
_atom_sites.fract_transf_matrix[1][1]   -0.00360080 
_atom_sites.fract_transf_matrix[1][2]   -0.00826148 
_atom_sites.fract_transf_matrix[1][3]   -0.00447055 
_atom_sites.fract_transf_matrix[2][1]   -0.00690163 
_atom_sites.fract_transf_matrix[2][2]   -0.00092108 
_atom_sites.fract_transf_matrix[2][3]   0.00726104 
_atom_sites.fract_transf_matrix[3][1]   -0.00503508 
_atom_sites.fract_transf_matrix[3][2]   0.00447701 
_atom_sites.fract_transf_matrix[3][3]   -0.00421793 
_atom_sites.fract_transf_vector[1]      0.150712 
_atom_sites.fract_transf_vector[2]      0.044751 
_atom_sites.fract_transf_vector[3]      -0.016394 
# 
loop_
_atom_type.symbol 
C 
N 
O 
S 
# 
loop_
_atom_site.group_PDB 
_atom_site.id 
_atom_site.type_symbol 
_atom_site.label_atom_id 
_atom_site.label_alt_id 
_atom_site.label_comp_id 
_atom_site.label_asym_id 
_atom_site.label_entity_id 
_atom_site.label_seq_id 
_atom_site.pdbx_PDB_ins_code 
_atom_site.Cartn_x 
_atom_site.Cartn_y 
_atom_site.Cartn_z 
_atom_site.occupancy 
_atom_site.B_iso_or_equiv 
_atom_site.pdbx_formal_charge 
_atom_site.auth_seq_id 
_atom_site.auth_comp_id 
_atom_site.auth_asym_id 
_atom_site.auth_atom_id 
_atom_site.pdbx_PDB_model_num 
ATOM   1    N N   . ALA A 1 13  ? -12.402 1.378   -9.785  1.00 44.60 ? 13  ALA A N   1 
ATOM   2    C CA  . ALA A 1 13  ? -11.748 0.279   -10.572 1.00 44.15 ? 13  ALA A CA  1 
ATOM   3    C C   . ALA A 1 13  ? -11.688 -0.973  -9.704  1.00 43.61 ? 13  ALA A C   1 
ATOM   4    O O   . ALA A 1 13  ? -10.594 -1.312  -9.206  1.00 43.25 ? 13  ALA A O   1 
ATOM   5    C CB  . ALA A 1 13  ? -10.313 0.782   -10.857 1.00 44.78 ? 13  ALA A CB  1 
ATOM   6    N N   . GLU A 1 14  ? -12.846 -1.586  -9.504  1.00 43.22 ? 14  GLU A N   1 
ATOM   7    C CA  . GLU A 1 14  ? -12.884 -2.820  -8.660  1.00 42.92 ? 14  GLU A CA  1 
ATOM   8    C C   . GLU A 1 14  ? -12.109 -3.924  -9.367  1.00 41.56 ? 14  GLU A C   1 
ATOM   9    O O   . GLU A 1 14  ? -11.082 -4.420  -8.866  1.00 40.18 ? 14  GLU A O   1 
ATOM   10   C CB  . GLU A 1 14  ? -14.287 -3.244  -8.341  1.00 45.21 ? 14  GLU A CB  1 
ATOM   11   C CG  . GLU A 1 14  ? -14.625 -4.745  -8.399  1.00 47.97 ? 14  GLU A CG  1 
ATOM   12   C CD  . GLU A 1 14  ? -15.838 -4.980  -9.288  1.00 50.45 ? 14  GLU A CD  1 
ATOM   13   O OE1 . GLU A 1 14  ? -16.691 -4.099  -9.449  1.00 51.48 ? 14  GLU A OE1 1 
ATOM   14   O OE2 . GLU A 1 14  ? -15.830 -6.101  -9.853  1.00 51.38 ? 14  GLU A OE2 1 
ATOM   15   N N   . ALA A 1 15  ? -12.585 -4.266  -10.545 1.00 41.06 ? 15  ALA A N   1 
ATOM   16   C CA  . ALA A 1 15  ? -11.949 -5.297  -11.391 1.00 40.49 ? 15  ALA A CA  1 
ATOM   17   C C   . ALA A 1 15  ? -10.459 -4.994  -11.569 1.00 39.77 ? 15  ALA A C   1 
ATOM   18   O O   . ALA A 1 15  ? -9.592  -5.858  -11.311 1.00 40.22 ? 15  ALA A O   1 
ATOM   19   C CB  . ALA A 1 15  ? -12.679 -5.387  -12.733 1.00 40.43 ? 15  ALA A CB  1 
ATOM   20   N N   . GLY A 1 16  ? -10.187 -3.772  -11.988 1.00 38.49 ? 16  GLY A N   1 
ATOM   21   C CA  . GLY A 1 16  ? -8.869  -3.234  -12.261 1.00 36.65 ? 16  GLY A CA  1 
ATOM   22   C C   . GLY A 1 16  ? -7.912  -3.366  -11.100 1.00 35.22 ? 16  GLY A C   1 
ATOM   23   O O   . GLY A 1 16  ? -6.840  -3.981  -11.263 1.00 34.92 ? 16  GLY A O   1 
ATOM   24   N N   . ILE A 1 17  ? -8.333  -2.815  -9.957  1.00 33.99 ? 17  ILE A N   1 
ATOM   25   C CA  . ILE A 1 17  ? -7.513  -2.837  -8.743  1.00 31.84 ? 17  ILE A CA  1 
ATOM   26   C C   . ILE A 1 17  ? -7.299  -4.225  -8.165  1.00 30.62 ? 17  ILE A C   1 
ATOM   27   O O   . ILE A 1 17  ? -6.144  -4.507  -7.773  1.00 29.72 ? 17  ILE A O   1 
ATOM   28   C CB  . ILE A 1 17  ? -7.929  -1.779  -7.678  1.00 30.59 ? 17  ILE A CB  1 
ATOM   29   C CG1 . ILE A 1 17  ? -8.030  -0.367  -8.303  1.00 29.88 ? 17  ILE A CG1 1 
ATOM   30   C CG2 . ILE A 1 17  ? -6.990  -1.808  -6.443  1.00 30.17 ? 17  ILE A CG2 1 
ATOM   31   C CD1 . ILE A 1 17  ? -8.835  0.673   -7.469  1.00 29.08 ? 17  ILE A CD1 1 
ATOM   32   N N   . THR A 1 18  ? -8.344  -5.023  -8.109  1.00 30.04 ? 18  THR A N   1 
ATOM   33   C CA  . THR A 1 18  ? -8.269  -6.379  -7.568  1.00 29.04 ? 18  THR A CA  1 
ATOM   34   C C   . THR A 1 18  ? -7.194  -7.182  -8.295  1.00 28.21 ? 18  THR A C   1 
ATOM   35   O O   . THR A 1 18  ? -7.114  -7.134  -9.538  1.00 28.76 ? 18  THR A O   1 
ATOM   36   C CB  . THR A 1 18  ? -9.626  -7.160  -7.535  1.00 29.24 ? 18  THR A CB  1 
ATOM   37   O OG1 . THR A 1 18  ? -10.617 -6.244  -6.991  1.00 31.12 ? 18  THR A OG1 1 
ATOM   38   C CG2 . THR A 1 18  ? -9.546  -8.454  -6.700  1.00 28.67 ? 18  THR A CG2 1 
ATOM   39   N N   . GLY A 1 19  ? -6.386  -7.879  -7.515  1.00 26.95 ? 19  GLY A N   1 
ATOM   40   C CA  . GLY A 1 19  ? -5.299  -8.684  -8.054  1.00 25.82 ? 19  GLY A CA  1 
ATOM   41   C C   . GLY A 1 19  ? -4.081  -8.695  -7.147  1.00 24.95 ? 19  GLY A C   1 
ATOM   42   O O   . GLY A 1 19  ? -4.125  -8.267  -5.988  1.00 24.79 ? 19  GLY A O   1 
ATOM   43   N N   . THR A 1 20  ? -3.028  -9.245  -7.722  1.00 24.26 ? 20  THR A N   1 
ATOM   44   C CA  . THR A 1 20  ? -1.709  -9.383  -7.088  1.00 23.70 ? 20  THR A CA  1 
ATOM   45   C C   . THR A 1 20  ? -0.776  -8.402  -7.781  1.00 23.24 ? 20  THR A C   1 
ATOM   46   O O   . THR A 1 20  ? -0.739  -8.437  -9.024  1.00 23.64 ? 20  THR A O   1 
ATOM   47   C CB  . THR A 1 20  ? -1.193  -10.867 -7.177  1.00 23.37 ? 20  THR A CB  1 
ATOM   48   O OG1 . THR A 1 20  ? -2.102  -11.638 -6.308  1.00 24.35 ? 20  THR A OG1 1 
ATOM   49   C CG2 . THR A 1 20  ? 0.266   -11.080 -6.771  1.00 23.02 ? 20  THR A CG2 1 
ATOM   50   N N   . TRP A 1 21  ? -0.081  -7.587  -7.033  1.00 22.64 ? 21  TRP A N   1 
ATOM   51   C CA  . TRP A 1 21  ? 0.839   -6.572  -7.611  1.00 22.01 ? 21  TRP A CA  1 
ATOM   52   C C   . TRP A 1 21  ? 2.219   -6.711  -6.963  1.00 21.90 ? 21  TRP A C   1 
ATOM   53   O O   . TRP A 1 21  ? 2.306   -7.181  -5.815  1.00 21.96 ? 21  TRP A O   1 
ATOM   54   C CB  . TRP A 1 21  ? 0.259   -5.195  -7.241  1.00 21.05 ? 21  TRP A CB  1 
ATOM   55   C CG  . TRP A 1 21  ? -1.117  -4.888  -7.691  1.00 20.48 ? 21  TRP A CG  1 
ATOM   56   C CD1 . TRP A 1 21  ? -2.311  -5.247  -7.127  1.00 20.35 ? 21  TRP A CD1 1 
ATOM   57   C CD2 . TRP A 1 21  ? -1.451  -4.083  -8.836  1.00 20.29 ? 21  TRP A CD2 1 
ATOM   58   N NE1 . TRP A 1 21  ? -3.366  -4.738  -7.853  1.00 20.70 ? 21  TRP A NE1 1 
ATOM   59   C CE2 . TRP A 1 21  ? -2.865  -4.027  -8.905  1.00 20.31 ? 21  TRP A CE2 1 
ATOM   60   C CE3 . TRP A 1 21  ? -0.687  -3.426  -9.798  1.00 19.89 ? 21  TRP A CE3 1 
ATOM   61   C CZ2 . TRP A 1 21  ? -3.514  -3.314  -9.904  1.00 20.32 ? 21  TRP A CZ2 1 
ATOM   62   C CZ3 . TRP A 1 21  ? -1.333  -2.741  -10.804 1.00 19.86 ? 21  TRP A CZ3 1 
ATOM   63   C CH2 . TRP A 1 21  ? -2.721  -2.667  -10.850 1.00 20.01 ? 21  TRP A CH2 1 
ATOM   64   N N   . TYR A 1 22  ? 3.239   -6.267  -7.648  1.00 21.84 ? 22  TYR A N   1 
ATOM   65   C CA  . TYR A 1 22  ? 4.624   -6.266  -7.186  1.00 21.44 ? 22  TYR A CA  1 
ATOM   66   C C   . TYR A 1 22  ? 5.219   -4.866  -7.409  1.00 21.20 ? 22  TYR A C   1 
ATOM   67   O O   . TYR A 1 22  ? 4.941   -4.222  -8.435  1.00 21.54 ? 22  TYR A O   1 
ATOM   68   C CB  . TYR A 1 22  ? 5.500   -7.231  -8.035  1.00 22.44 ? 22  TYR A CB  1 
ATOM   69   C CG  . TYR A 1 22  ? 4.839   -8.587  -8.122  1.00 23.56 ? 22  TYR A CG  1 
ATOM   70   C CD1 . TYR A 1 22  ? 5.074   -9.549  -7.140  1.00 23.82 ? 22  TYR A CD1 1 
ATOM   71   C CD2 . TYR A 1 22  ? 3.940   -8.857  -9.157  1.00 24.10 ? 22  TYR A CD2 1 
ATOM   72   C CE1 . TYR A 1 22  ? 4.427   -10.773 -7.194  1.00 24.71 ? 22  TYR A CE1 1 
ATOM   73   C CE2 . TYR A 1 22  ? 3.291   -10.086 -9.220  1.00 25.16 ? 22  TYR A CE2 1 
ATOM   74   C CZ  . TYR A 1 22  ? 3.552   -11.037 -8.231  1.00 25.69 ? 22  TYR A CZ  1 
ATOM   75   O OH  . TYR A 1 22  ? 2.939   -12.269 -8.282  1.00 27.06 ? 22  TYR A OH  1 
ATOM   76   N N   . ASN A 1 23  ? 6.031   -4.462  -6.459  1.00 20.71 ? 23  ASN A N   1 
ATOM   77   C CA  . ASN A 1 23  ? 6.705   -3.145  -6.593  1.00 20.28 ? 23  ASN A CA  1 
ATOM   78   C C   . ASN A 1 23  ? 8.148   -3.451  -7.022  1.00 20.02 ? 23  ASN A C   1 
ATOM   79   O O   . ASN A 1 23  ? 8.573   -4.612  -7.131  1.00 19.94 ? 23  ASN A O   1 
ATOM   80   C CB  . ASN A 1 23  ? 6.493   -2.260  -5.391  1.00 20.09 ? 23  ASN A CB  1 
ATOM   81   C CG  . ASN A 1 23  ? 7.252   -2.654  -4.141  1.00 19.72 ? 23  ASN A CG  1 
ATOM   82   O OD1 . ASN A 1 23  ? 8.153   -3.524  -4.185  1.00 19.72 ? 23  ASN A OD1 1 
ATOM   83   N ND2 . ASN A 1 23  ? 6.907   -2.044  -3.012  1.00 18.49 ? 23  ASN A ND2 1 
ATOM   84   N N   . GLN A 1 24  ? 8.883   -2.397  -7.236  1.00 20.05 ? 24  GLN A N   1 
ATOM   85   C CA  . GLN A 1 24  ? 10.264  -2.363  -7.641  1.00 19.87 ? 24  GLN A CA  1 
ATOM   86   C C   . GLN A 1 24  ? 11.193  -3.067  -6.680  1.00 20.21 ? 24  GLN A C   1 
ATOM   87   O O   . GLN A 1 24  ? 12.352  -3.243  -7.108  1.00 20.69 ? 24  GLN A O   1 
ATOM   88   C CB  . GLN A 1 24  ? 10.751  -0.953  -7.965  1.00 18.77 ? 24  GLN A CB  1 
ATOM   89   C CG  . GLN A 1 24  ? 11.097  -0.104  -6.783  1.00 18.83 ? 24  GLN A CG  1 
ATOM   90   C CD  . GLN A 1 24  ? 9.961   0.347   -5.905  1.00 19.08 ? 24  GLN A CD  1 
ATOM   91   O OE1 . GLN A 1 24  ? 8.786   0.333   -6.264  1.00 19.16 ? 24  GLN A OE1 1 
ATOM   92   N NE2 . GLN A 1 24  ? 10.303  0.796   -4.694  1.00 18.73 ? 24  GLN A NE2 1 
ATOM   93   N N   . LEU A 1 25  ? 10.789  -3.423  -5.478  1.00 20.21 ? 25  LEU A N   1 
ATOM   94   C CA  . LEU A 1 25  ? 11.619  -4.117  -4.504  1.00 20.44 ? 25  LEU A CA  1 
ATOM   95   C C   . LEU A 1 25  ? 11.288  -5.611  -4.394  1.00 20.83 ? 25  LEU A C   1 
ATOM   96   O O   . LEU A 1 25  ? 11.953  -6.312  -3.600  1.00 21.24 ? 25  LEU A O   1 
ATOM   97   C CB  . LEU A 1 25  ? 11.464  -3.483  -3.120  1.00 20.19 ? 25  LEU A CB  1 
ATOM   98   C CG  . LEU A 1 25  ? 11.789  -2.027  -2.925  1.00 20.31 ? 25  LEU A CG  1 
ATOM   99   C CD1 . LEU A 1 25  ? 11.230  -1.495  -1.609  1.00 19.90 ? 25  LEU A CD1 1 
ATOM   100  C CD2 . LEU A 1 25  ? 13.304  -1.869  -2.966  1.00 20.44 ? 25  LEU A CD2 1 
ATOM   101  N N   . GLY A 1 26  ? 10.256  -6.058  -5.085  1.00 20.88 ? 26  GLY A N   1 
ATOM   102  C CA  . GLY A 1 26  ? 9.826   -7.446  -5.042  1.00 20.85 ? 26  GLY A CA  1 
ATOM   103  C C   . GLY A 1 26  ? 8.795   -7.690  -3.959  1.00 21.25 ? 26  GLY A C   1 
ATOM   104  O O   . GLY A 1 26  ? 8.516   -8.865  -3.609  1.00 21.85 ? 26  GLY A O   1 
ATOM   105  N N   . SER A 1 27  ? 8.201   -6.639  -3.431  1.00 21.08 ? 27  SER A N   1 
ATOM   106  C CA  . SER A 1 27  ? 7.166   -6.805  -2.389  1.00 21.11 ? 27  SER A CA  1 
ATOM   107  C C   . SER A 1 27  ? 5.875   -7.209  -3.098  1.00 21.27 ? 27  SER A C   1 
ATOM   108  O O   . SER A 1 27  ? 5.677   -6.821  -4.266  1.00 21.37 ? 27  SER A O   1 
ATOM   109  C CB  . SER A 1 27  ? 7.027   -5.564  -1.540  1.00 21.22 ? 27  SER A CB  1 
ATOM   110  O OG  . SER A 1 27  ? 8.238   -5.310  -0.826  1.00 21.28 ? 27  SER A OG  1 
ATOM   111  N N   . THR A 1 28  ? 5.035   -7.944  -2.415  1.00 21.25 ? 28  THR A N   1 
ATOM   112  C CA  . THR A 1 28  ? 3.770   -8.449  -2.897  1.00 21.37 ? 28  THR A CA  1 
ATOM   113  C C   . THR A 1 28  ? 2.590   -7.825  -2.143  1.00 21.19 ? 28  THR A C   1 
ATOM   114  O O   . THR A 1 28  ? 2.524   -7.934  -0.904  1.00 21.38 ? 28  THR A O   1 
ATOM   115  C CB  . THR A 1 28  ? 3.662   -10.026 -2.689  1.00 22.62 ? 28  THR A CB  1 
ATOM   116  O OG1 . THR A 1 28  ? 4.787   -10.608 -3.398  1.00 23.90 ? 28  THR A OG1 1 
ATOM   117  C CG2 . THR A 1 28  ? 2.306   -10.594 -3.105  1.00 22.77 ? 28  THR A CG2 1 
ATOM   118  N N   . PHE A 1 29  ? 1.706   -7.284  -2.920  1.00 20.82 ? 29  PHE A N   1 
ATOM   119  C CA  . PHE A 1 29  ? 0.477   -6.610  -2.502  1.00 20.63 ? 29  PHE A CA  1 
ATOM   120  C C   . PHE A 1 29  ? -0.721  -7.339  -3.116  1.00 21.31 ? 29  PHE A C   1 
ATOM   121  O O   . PHE A 1 29  ? -0.955  -7.266  -4.340  1.00 21.63 ? 29  PHE A O   1 
ATOM   122  C CB  . PHE A 1 29  ? 0.562   -5.137  -2.904  1.00 18.99 ? 29  PHE A CB  1 
ATOM   123  C CG  . PHE A 1 29  ? -0.608  -4.234  -2.808  1.00 17.52 ? 29  PHE A CG  1 
ATOM   124  C CD1 . PHE A 1 29  ? -1.389  -4.154  -1.652  1.00 16.99 ? 29  PHE A CD1 1 
ATOM   125  C CD2 . PHE A 1 29  ? -0.936  -3.418  -3.903  1.00 17.15 ? 29  PHE A CD2 1 
ATOM   126  C CE1 . PHE A 1 29  ? -2.488  -3.279  -1.585  1.00 16.41 ? 29  PHE A CE1 1 
ATOM   127  C CE2 . PHE A 1 29  ? -2.022  -2.546  -3.859  1.00 16.67 ? 29  PHE A CE2 1 
ATOM   128  C CZ  . PHE A 1 29  ? -2.799  -2.490  -2.697  1.00 16.24 ? 29  PHE A CZ  1 
ATOM   129  N N   . ILE A 1 30  ? -1.456  -8.023  -2.261  1.00 21.61 ? 30  ILE A N   1 
ATOM   130  C CA  . ILE A 1 30  ? -2.667  -8.756  -2.710  1.00 22.21 ? 30  ILE A CA  1 
ATOM   131  C C   . ILE A 1 30  ? -3.893  -8.006  -2.198  1.00 22.70 ? 30  ILE A C   1 
ATOM   132  O O   . ILE A 1 30  ? -4.105  -7.986  -0.974  1.00 22.40 ? 30  ILE A O   1 
ATOM   133  C CB  . ILE A 1 30  ? -2.569  -10.246 -2.222  1.00 21.94 ? 30  ILE A CB  1 
ATOM   134  C CG1 . ILE A 1 30  ? -1.275  -10.893 -2.808  1.00 21.62 ? 30  ILE A CG1 1 
ATOM   135  C CG2 . ILE A 1 30  ? -3.816  -11.097 -2.546  1.00 21.36 ? 30  ILE A CG2 1 
ATOM   136  C CD1 . ILE A 1 30  ? -0.882  -12.224 -2.134  1.00 20.86 ? 30  ILE A CD1 1 
ATOM   137  N N   . VAL A 1 31  ? -4.645  -7.393  -3.096  1.00 23.63 ? 31  VAL A N   1 
ATOM   138  C CA  . VAL A 1 31  ? -5.836  -6.636  -2.799  1.00 24.73 ? 31  VAL A CA  1 
ATOM   139  C C   . VAL A 1 31  ? -7.127  -7.116  -3.526  1.00 25.63 ? 31  VAL A C   1 
ATOM   140  O O   . VAL A 1 31  ? -7.139  -7.654  -4.618  1.00 26.16 ? 31  VAL A O   1 
ATOM   141  C CB  . VAL A 1 31  ? -5.741  -5.143  -3.264  1.00 24.33 ? 31  VAL A CB  1 
ATOM   142  C CG1 . VAL A 1 31  ? -5.639  -4.128  -2.196  1.00 24.56 ? 31  VAL A CG1 1 
ATOM   143  C CG2 . VAL A 1 31  ? -4.819  -4.991  -4.426  1.00 24.61 ? 31  VAL A CG2 1 
ATOM   144  N N   . THR A 1 32  ? -8.199  -6.694  -2.891  1.00 25.81 ? 32  THR A N   1 
ATOM   145  C CA  . THR A 1 32  ? -9.566  -6.841  -3.277  1.00 26.54 ? 32  THR A CA  1 
ATOM   146  C C   . THR A 1 32  ? -10.236 -5.448  -3.055  1.00 27.20 ? 32  THR A C   1 
ATOM   147  O O   . THR A 1 32  ? -10.216 -4.969  -1.911  1.00 27.42 ? 32  THR A O   1 
ATOM   148  C CB  . THR A 1 32  ? -10.440 -7.852  -2.446  1.00 26.84 ? 32  THR A CB  1 
ATOM   149  O OG1 . THR A 1 32  ? -9.664  -9.063  -2.334  1.00 28.33 ? 32  THR A OG1 1 
ATOM   150  C CG2 . THR A 1 32  ? -11.799 -8.049  -3.130  1.00 26.54 ? 32  THR A CG2 1 
ATOM   151  N N   . ALA A 1 33  ? -10.773 -4.917  -4.121  1.00 27.73 ? 33  ALA A N   1 
ATOM   152  C CA  . ALA A 1 33  ? -11.440 -3.614  -4.041  1.00 28.49 ? 33  ALA A CA  1 
ATOM   153  C C   . ALA A 1 33  ? -12.935 -3.871  -3.900  1.00 29.30 ? 33  ALA A C   1 
ATOM   154  O O   . ALA A 1 33  ? -13.514 -4.420  -4.855  1.00 29.92 ? 33  ALA A O   1 
ATOM   155  C CB  . ALA A 1 33  ? -11.098 -2.805  -5.268  1.00 28.47 ? 33  ALA A CB  1 
ATOM   156  N N   . GLY A 1 34  ? -13.509 -3.528  -2.771  1.00 29.42 ? 34  GLY A N   1 
ATOM   157  C CA  . GLY A 1 34  ? -14.936 -3.684  -2.518  1.00 29.94 ? 34  GLY A CA  1 
ATOM   158  C C   . GLY A 1 34  ? -15.689 -2.623  -3.332  1.00 30.70 ? 34  GLY A C   1 
ATOM   159  O O   . GLY A 1 34  ? -15.141 -1.589  -3.731  1.00 30.58 ? 34  GLY A O   1 
ATOM   160  N N   . ALA A 1 35  ? -16.958 -2.907  -3.539  1.00 31.50 ? 35  ALA A N   1 
ATOM   161  C CA  . ALA A 1 35  ? -17.903 -2.085  -4.295  1.00 31.85 ? 35  ALA A CA  1 
ATOM   162  C C   . ALA A 1 35  ? -18.117 -0.734  -3.614  1.00 32.18 ? 35  ALA A C   1 
ATOM   163  O O   . ALA A 1 35  ? -18.426 0.248   -4.305  1.00 32.80 ? 35  ALA A O   1 
ATOM   164  C CB  . ALA A 1 35  ? -19.265 -2.793  -4.339  1.00 32.25 ? 35  ALA A CB  1 
ATOM   165  N N   . ASP A 1 36  ? -17.997 -0.750  -2.312  1.00 31.87 ? 36  ASP A N   1 
ATOM   166  C CA  . ASP A 1 36  ? -18.162 0.380   -1.418  1.00 31.42 ? 36  ASP A CA  1 
ATOM   167  C C   . ASP A 1 36  ? -16.895 1.206   -1.185  1.00 30.61 ? 36  ASP A C   1 
ATOM   168  O O   . ASP A 1 36  ? -16.866 1.969   -0.180  1.00 30.77 ? 36  ASP A O   1 
ATOM   169  C CB  . ASP A 1 36  ? -18.587 -0.233  -0.025  1.00 32.66 ? 36  ASP A CB  1 
ATOM   170  C CG  . ASP A 1 36  ? -17.458 -1.188  0.392   1.00 33.96 ? 36  ASP A CG  1 
ATOM   171  O OD1 . ASP A 1 36  ? -16.839 -1.809  -0.498  1.00 34.55 ? 36  ASP A OD1 1 
ATOM   172  O OD2 . ASP A 1 36  ? -17.231 -1.304  1.619   1.00 34.25 ? 36  ASP A OD2 1 
ATOM   173  N N   . GLY A 1 37  ? -15.875 1.036   -1.988  1.00 29.48 ? 37  GLY A N   1 
ATOM   174  C CA  . GLY A 1 37  ? -14.628 1.782   -1.845  1.00 27.95 ? 37  GLY A CA  1 
ATOM   175  C C   . GLY A 1 37  ? -13.691 1.282   -0.770  1.00 26.60 ? 37  GLY A C   1 
ATOM   176  O O   . GLY A 1 37  ? -12.800 2.040   -0.329  1.00 26.00 ? 37  GLY A O   1 
ATOM   177  N N   . ALA A 1 38  ? -13.860 0.028   -0.376  1.00 25.74 ? 38  ALA A N   1 
ATOM   178  C CA  . ALA A 1 38  ? -13.007 -0.604  0.649   1.00 24.69 ? 38  ALA A CA  1 
ATOM   179  C C   . ALA A 1 38  ? -11.915 -1.453  -0.008  1.00 24.04 ? 38  ALA A C   1 
ATOM   180  O O   . ALA A 1 38  ? -12.129 -2.040  -1.084  1.00 24.17 ? 38  ALA A O   1 
ATOM   181  C CB  . ALA A 1 38  ? -13.827 -1.409  1.621   1.00 23.93 ? 38  ALA A CB  1 
ATOM   182  N N   . LEU A 1 39  ? -10.752 -1.434  0.627   1.00 23.06 ? 39  LEU A N   1 
ATOM   183  C CA  . LEU A 1 39  ? -9.581  -2.201  0.175   1.00 22.06 ? 39  LEU A CA  1 
ATOM   184  C C   . LEU A 1 39  ? -9.193  -3.109  1.373   1.00 21.84 ? 39  LEU A C   1 
ATOM   185  O O   . LEU A 1 39  ? -9.135  -2.584  2.509   1.00 21.95 ? 39  LEU A O   1 
ATOM   186  C CB  . LEU A 1 39  ? -8.455  -1.299  -0.209  1.00 20.95 ? 39  LEU A CB  1 
ATOM   187  C CG  . LEU A 1 39  ? -8.379  -0.338  -1.340  1.00 20.15 ? 39  LEU A CG  1 
ATOM   188  C CD1 . LEU A 1 39  ? -6.988  0.349   -1.305  1.00 19.73 ? 39  LEU A CD1 1 
ATOM   189  C CD2 . LEU A 1 39  ? -8.587  -0.973  -2.710  1.00 19.35 ? 39  LEU A CD2 1 
ATOM   190  N N   . THR A 1 40  ? -9.011  -4.366  1.082   1.00 21.43 ? 40  THR A N   1 
ATOM   191  C CA  . THR A 1 40  ? -8.603  -5.346  2.106   1.00 21.58 ? 40  THR A CA  1 
ATOM   192  C C   . THR A 1 40  ? -7.635  -6.299  1.412   1.00 21.54 ? 40  THR A C   1 
ATOM   193  O O   . THR A 1 40  ? -7.649  -6.375  0.156   1.00 22.18 ? 40  THR A O   1 
ATOM   194  C CB  . THR A 1 40  ? -9.765  -6.028  2.891   1.00 22.00 ? 40  THR A CB  1 
ATOM   195  O OG1 . THR A 1 40  ? -10.333 -7.000  1.972   1.00 23.37 ? 40  THR A OG1 1 
ATOM   196  C CG2 . THR A 1 40  ? -10.880 -5.095  3.365   1.00 21.45 ? 40  THR A CG2 1 
ATOM   197  N N   . GLY A 1 41  ? -6.764  -6.941  2.153   1.00 20.99 ? 41  GLY A N   1 
ATOM   198  C CA  . GLY A 1 41  ? -5.790  -7.835  1.528   1.00 20.35 ? 41  GLY A CA  1 
ATOM   199  C C   . GLY A 1 41  ? -4.619  -8.105  2.459   1.00 20.35 ? 41  GLY A C   1 
ATOM   200  O O   . GLY A 1 41  ? -4.681  -8.018  3.691   1.00 20.66 ? 41  GLY A O   1 
ATOM   201  N N   . THR A 1 42  ? -3.534  -8.413  1.791   1.00 19.99 ? 42  THR A N   1 
ATOM   202  C CA  . THR A 1 42  ? -2.270  -8.817  2.422   1.00 19.44 ? 42  THR A CA  1 
ATOM   203  C C   . THR A 1 42  ? -1.087  -8.133  1.792   1.00 19.63 ? 42  THR A C   1 
ATOM   204  O O   . THR A 1 42  ? -1.121  -7.854  0.570   1.00 20.04 ? 42  THR A O   1 
ATOM   205  C CB  . THR A 1 42  ? -2.242  -10.393 2.126   1.00 18.87 ? 42  THR A CB  1 
ATOM   206  O OG1 . THR A 1 42  ? -2.650  -11.024 3.349   1.00 19.74 ? 42  THR A OG1 1 
ATOM   207  C CG2 . THR A 1 42  ? -1.084  -10.945 1.377   1.00 18.38 ? 42  THR A CG2 1 
ATOM   208  N N   . TYR A 1 43  ? -0.077  -7.877  2.620   1.00 19.30 ? 43  TYR A N   1 
ATOM   209  C CA  . TYR A 1 43  ? 1.152   -7.244  2.152   1.00 19.01 ? 43  TYR A CA  1 
ATOM   210  C C   . TYR A 1 43  ? 2.339   -8.027  2.718   1.00 19.71 ? 43  TYR A C   1 
ATOM   211  O O   . TYR A 1 43  ? 2.339   -8.405  3.899   1.00 19.79 ? 43  TYR A O   1 
ATOM   212  C CB  . TYR A 1 43  ? 1.270   -5.763  2.567   1.00 17.53 ? 43  TYR A CB  1 
ATOM   213  C CG  . TYR A 1 43  ? 2.255   -4.985  1.708   1.00 16.48 ? 43  TYR A CG  1 
ATOM   214  C CD1 . TYR A 1 43  ? 3.631   -4.991  1.959   1.00 15.58 ? 43  TYR A CD1 1 
ATOM   215  C CD2 . TYR A 1 43  ? 1.782   -4.239  0.629   1.00 16.18 ? 43  TYR A CD2 1 
ATOM   216  C CE1 . TYR A 1 43  ? 4.528   -4.299  1.168   1.00 15.37 ? 43  TYR A CE1 1 
ATOM   217  C CE2 . TYR A 1 43  ? 2.658   -3.516  -0.176  1.00 16.42 ? 43  TYR A CE2 1 
ATOM   218  C CZ  . TYR A 1 43  ? 4.029   -3.541  0.108   1.00 16.74 ? 43  TYR A CZ  1 
ATOM   219  O OH  . TYR A 1 43  ? 4.835   -2.805  -0.731  1.00 17.51 ? 43  TYR A OH  1 
ATOM   220  N N   . GLU A 1 44  ? 3.308   -8.226  1.848   1.00 20.30 ? 44  GLU A N   1 
ATOM   221  C CA  . GLU A 1 44  ? 4.558   -8.915  2.232   1.00 20.76 ? 44  GLU A CA  1 
ATOM   222  C C   . GLU A 1 44  ? 5.720   -8.138  1.598   1.00 20.61 ? 44  GLU A C   1 
ATOM   223  O O   . GLU A 1 44  ? 5.784   -7.940  0.381   1.00 20.49 ? 44  GLU A O   1 
ATOM   224  C CB  . GLU A 1 44  ? 4.582   -10.335 1.756   1.00 22.61 ? 44  GLU A CB  1 
ATOM   225  C CG  . GLU A 1 44  ? 5.920   -11.065 1.686   1.00 24.44 ? 44  GLU A CG  1 
ATOM   226  C CD  . GLU A 1 44  ? 5.732   -12.546 1.454   1.00 25.93 ? 44  GLU A CD  1 
ATOM   227  O OE1 . GLU A 1 44  ? 4.671   -13.013 1.091   1.00 26.65 ? 44  GLU A OE1 1 
ATOM   228  O OE2 . GLU A 1 44  ? 6.760   -13.186 1.707   1.00 27.68 ? 44  GLU A OE2 1 
ATOM   229  N N   . SER A 1 45  ? 6.589   -7.672  2.461   1.00 20.51 ? 45  SER A N   1 
ATOM   230  C CA  . SER A 1 45  ? 7.765   -6.889  2.160   1.00 20.54 ? 45  SER A CA  1 
ATOM   231  C C   . SER A 1 45  ? 9.000   -7.731  1.903   1.00 21.02 ? 45  SER A C   1 
ATOM   232  O O   . SER A 1 45  ? 9.310   -8.706  2.629   1.00 21.74 ? 45  SER A O   1 
ATOM   233  C CB  . SER A 1 45  ? 8.058   -5.923  3.328   1.00 19.82 ? 45  SER A CB  1 
ATOM   234  O OG  . SER A 1 45  ? 8.997   -4.951  2.887   1.00 19.60 ? 45  SER A OG  1 
ATOM   235  N N   . ALA A 1 46  ? 9.726   -7.331  0.881   1.00 21.06 ? 46  ALA A N   1 
ATOM   236  C CA  . ALA A 1 46  ? 10.974  -7.997  0.488   1.00 20.90 ? 46  ALA A CA  1 
ATOM   237  C C   . ALA A 1 46  ? 12.131  -7.430  1.300   1.00 21.05 ? 46  ALA A C   1 
ATOM   238  O O   . ALA A 1 46  ? 13.266  -7.933  1.162   1.00 21.90 ? 46  ALA A O   1 
ATOM   239  C CB  . ALA A 1 46  ? 11.205  -7.723  -1.009  1.00 20.41 ? 46  ALA A CB  1 
ATOM   240  N N   . VAL A 1 47  ? 11.881  -6.395  2.066   1.00 20.71 ? 47  VAL A N   1 
ATOM   241  C CA  . VAL A 1 47  ? 12.914  -5.710  2.855   1.00 20.55 ? 47  VAL A CA  1 
ATOM   242  C C   . VAL A 1 47  ? 12.374  -5.246  4.211   1.00 20.47 ? 47  VAL A C   1 
ATOM   243  O O   . VAL A 1 47  ? 11.172  -5.257  4.452   1.00 20.37 ? 47  VAL A O   1 
ATOM   244  C CB  . VAL A 1 47  ? 13.432  -4.483  2.041   1.00 20.03 ? 47  VAL A CB  1 
ATOM   245  C CG1 . VAL A 1 47  ? 13.904  -4.803  0.651   1.00 19.25 ? 47  VAL A CG1 1 
ATOM   246  C CG2 . VAL A 1 47  ? 12.374  -3.370  1.989   1.00 20.03 ? 47  VAL A CG2 1 
ATOM   247  N N   . GLY A 1 48  ? 13.296  -4.835  5.048   1.00 20.68 ? 48  GLY A N   1 
ATOM   248  C CA  . GLY A 1 48  ? 13.032  -4.317  6.369   1.00 20.99 ? 48  GLY A CA  1 
ATOM   249  C C   . GLY A 1 48  ? 12.720  -5.338  7.444   1.00 21.14 ? 48  GLY A C   1 
ATOM   250  O O   . GLY A 1 48  ? 12.857  -6.549  7.284   1.00 21.67 ? 48  GLY A O   1 
ATOM   251  N N   . ASN A 1 49  ? 12.295  -4.808  8.584   1.00 21.07 ? 49  ASN A N   1 
ATOM   252  C CA  . ASN A 1 49  ? 11.948  -5.591  9.760   1.00 21.26 ? 49  ASN A CA  1 
ATOM   253  C C   . ASN A 1 49  ? 10.589  -6.252  9.571   1.00 21.40 ? 49  ASN A C   1 
ATOM   254  O O   . ASN A 1 49  ? 9.598   -5.956  10.273  1.00 21.08 ? 49  ASN A O   1 
ATOM   255  C CB  . ASN A 1 49  ? 12.154  -4.785  11.029  1.00 21.46 ? 49  ASN A CB  1 
ATOM   256  C CG  . ASN A 1 49  ? 12.181  -5.659  12.263  1.00 22.31 ? 49  ASN A CG  1 
ATOM   257  O OD1 . ASN A 1 49  ? 12.038  -5.171  13.390  1.00 23.11 ? 49  ASN A OD1 1 
ATOM   258  N ND2 . ASN A 1 49  ? 12.340  -6.972  12.108  1.00 23.50 ? 49  ASN A ND2 1 
ATOM   259  N N   . ALA A 1 50  ? 10.583  -7.189  8.624   1.00 21.71 ? 50  ALA A N   1 
ATOM   260  C CA  . ALA A 1 50  ? 9.338   -7.905  8.286   1.00 22.17 ? 50  ALA A CA  1 
ATOM   261  C C   . ALA A 1 50  ? 9.589   -9.307  7.753   1.00 22.28 ? 50  ALA A C   1 
ATOM   262  O O   . ALA A 1 50  ? 10.654  -9.607  7.232   1.00 22.49 ? 50  ALA A O   1 
ATOM   263  C CB  . ALA A 1 50  ? 8.635   -7.090  7.170   1.00 22.33 ? 50  ALA A CB  1 
ATOM   264  N N   . GLU A 1 51  ? 8.555   -10.121 7.873   1.00 22.30 ? 51  GLU A N   1 
ATOM   265  C CA  . GLU A 1 51  ? 8.562   -11.499 7.390   1.00 22.89 ? 51  GLU A CA  1 
ATOM   266  C C   . GLU A 1 51  ? 7.119   -12.006 7.270   1.00 22.78 ? 51  GLU A C   1 
ATOM   267  O O   . GLU A 1 51  ? 6.286   -11.773 8.172   1.00 23.09 ? 51  GLU A O   1 
ATOM   268  C CB  . GLU A 1 51  ? 9.306   -12.485 8.286   1.00 24.46 ? 51  GLU A CB  1 
ATOM   269  C CG  . GLU A 1 51  ? 8.611   -12.966 9.557   1.00 26.20 ? 51  GLU A CG  1 
ATOM   270  C CD  . GLU A 1 51  ? 9.438   -13.876 10.402  1.00 27.91 ? 51  GLU A CD  1 
ATOM   271  O OE1 . GLU A 1 51  ? 10.173  -13.258 11.200  1.00 29.09 ? 51  GLU A OE1 1 
ATOM   272  O OE2 . GLU A 1 51  ? 9.456   -15.089 10.332  1.00 28.99 ? 51  GLU A OE2 1 
ATOM   273  N N   . SER A 1 52  ? 6.896   -12.678 6.161   1.00 22.49 ? 52  SER A N   1 
ATOM   274  C CA  . SER A 1 52  ? 5.586   -13.271 5.857   1.00 22.57 ? 52  SER A CA  1 
ATOM   275  C C   . SER A 1 52  ? 4.568   -12.203 5.501   1.00 22.55 ? 52  SER A C   1 
ATOM   276  O O   . SER A 1 52  ? 4.963   -11.103 5.052   1.00 22.38 ? 52  SER A O   1 
ATOM   277  C CB  . SER A 1 52  ? 5.158   -14.239 6.928   1.00 22.90 ? 52  SER A CB  1 
ATOM   278  O OG  . SER A 1 52  ? 4.252   -15.182 6.420   1.00 24.14 ? 52  SER A OG  1 
ATOM   279  N N   . ARG A 1 53  ? 3.285   -12.498 5.661   1.00 22.65 ? 53  ARG A N   1 
ATOM   280  C CA  . ARG A 1 53  ? 2.203   -11.607 5.329   1.00 22.38 ? 53  ARG A CA  1 
ATOM   281  C C   . ARG A 1 53  ? 1.571   -10.856 6.463   1.00 22.06 ? 53  ARG A C   1 
ATOM   282  O O   . ARG A 1 53  ? 1.421   -11.352 7.576   1.00 23.03 ? 53  ARG A O   1 
ATOM   283  C CB  . ARG A 1 53  ? 1.273   -11.997 4.256   1.00 22.92 ? 53  ARG A CB  1 
ATOM   284  C CG  . ARG A 1 53  ? 0.849   -13.338 3.832   1.00 23.40 ? 53  ARG A CG  1 
ATOM   285  C CD  . ARG A 1 53  ? 1.013   -13.553 2.341   1.00 23.74 ? 53  ARG A CD  1 
ATOM   286  N NE  . ARG A 1 53  ? -0.030  -14.353 1.791   1.00 24.51 ? 53  ARG A NE  1 
ATOM   287  C CZ  . ARG A 1 53  ? -0.280  -14.918 0.634   1.00 24.47 ? 53  ARG A CZ  1 
ATOM   288  N NH1 . ARG A 1 53  ? 0.523   -14.891 -0.408  1.00 24.39 ? 53  ARG A NH1 1 
ATOM   289  N NH2 . ARG A 1 53  ? -1.424  -15.604 0.482   1.00 25.30 ? 53  ARG A NH2 1 
ATOM   290  N N   . TYR A 1 54  ? 1.244   -9.597  6.158   1.00 21.11 ? 54  TYR A N   1 
ATOM   291  C CA  . TYR A 1 54  ? 0.607   -8.646  7.065   1.00 20.10 ? 54  TYR A CA  1 
ATOM   292  C C   . TYR A 1 54  ? -0.747  -8.207  6.491   1.00 19.90 ? 54  TYR A C   1 
ATOM   293  O O   . TYR A 1 54  ? -0.927  -8.109  5.258   1.00 19.73 ? 54  TYR A O   1 
ATOM   294  C CB  . TYR A 1 54  ? 1.494   -7.387  7.295   1.00 18.45 ? 54  TYR A CB  1 
ATOM   295  C CG  . TYR A 1 54  ? 2.835   -7.742  7.893   1.00 17.81 ? 54  TYR A CG  1 
ATOM   296  C CD1 . TYR A 1 54  ? 3.865   -8.228  7.076   1.00 17.68 ? 54  TYR A CD1 1 
ATOM   297  C CD2 . TYR A 1 54  ? 3.075   -7.650  9.260   1.00 17.37 ? 54  TYR A CD2 1 
ATOM   298  C CE1 . TYR A 1 54  ? 5.096   -8.583  7.610   1.00 17.83 ? 54  TYR A CE1 1 
ATOM   299  C CE2 . TYR A 1 54  ? 4.303   -8.005  9.817   1.00 17.15 ? 54  TYR A CE2 1 
ATOM   300  C CZ  . TYR A 1 54  ? 5.313   -8.467  8.994   1.00 17.66 ? 54  TYR A CZ  1 
ATOM   301  O OH  . TYR A 1 54  ? 6.508   -8.834  9.533   1.00 18.10 ? 54  TYR A OH  1 
ATOM   302  N N   . VAL A 1 55  ? -1.647  -7.927  7.415   1.00 19.66 ? 55  VAL A N   1 
ATOM   303  C CA  . VAL A 1 55  ? -2.987  -7.442  7.052   1.00 19.61 ? 55  VAL A CA  1 
ATOM   304  C C   . VAL A 1 55  ? -2.879  -5.953  6.655   1.00 19.81 ? 55  VAL A C   1 
ATOM   305  O O   . VAL A 1 55  ? -2.107  -5.174  7.253   1.00 19.81 ? 55  VAL A O   1 
ATOM   306  C CB  . VAL A 1 55  ? -3.954  -7.657  8.233   1.00 18.98 ? 55  VAL A CB  1 
ATOM   307  C CG1 . VAL A 1 55  ? -5.206  -6.782  8.099   1.00 18.78 ? 55  VAL A CG1 1 
ATOM   308  C CG2 . VAL A 1 55  ? -4.327  -9.086  8.431   1.00 18.47 ? 55  VAL A CG2 1 
ATOM   309  N N   . LEU A 1 56  ? -3.671  -5.603  5.652   1.00 19.86 ? 56  LEU A N   1 
ATOM   310  C CA  . LEU A 1 56  ? -3.773  -4.244  5.142   1.00 20.10 ? 56  LEU A CA  1 
ATOM   311  C C   . LEU A 1 56  ? -5.260  -3.868  5.068   1.00 20.53 ? 56  LEU A C   1 
ATOM   312  O O   . LEU A 1 56  ? -6.142  -4.733  4.897   1.00 21.23 ? 56  LEU A O   1 
ATOM   313  C CB  . LEU A 1 56  ? -3.058  -4.061  3.815   1.00 19.82 ? 56  LEU A CB  1 
ATOM   314  C CG  . LEU A 1 56  ? -3.640  -4.566  2.532   1.00 19.81 ? 56  LEU A CG  1 
ATOM   315  C CD1 . LEU A 1 56  ? -4.665  -3.637  1.900   1.00 19.73 ? 56  LEU A CD1 1 
ATOM   316  C CD2 . LEU A 1 56  ? -2.522  -4.873  1.530   1.00 19.68 ? 56  LEU A CD2 1 
ATOM   317  N N   . THR A 1 57  ? -5.469  -2.577  5.194   1.00 20.46 ? 57  THR A N   1 
ATOM   318  C CA  . THR A 1 57  ? -6.820  -1.987  5.106   1.00 20.38 ? 57  THR A CA  1 
ATOM   319  C C   . THR A 1 57  ? -6.672  -0.658  4.390   1.00 20.17 ? 57  THR A C   1 
ATOM   320  O O   . THR A 1 57  ? -5.649  0.017   4.675   1.00 20.00 ? 57  THR A O   1 
ATOM   321  C CB  . THR A 1 57  ? -7.495  -1.874  6.503   1.00 20.87 ? 57  THR A CB  1 
ATOM   322  O OG1 . THR A 1 57  ? -8.928  -1.811  6.223   1.00 22.97 ? 57  THR A OG1 1 
ATOM   323  C CG2 . THR A 1 57  ? -7.073  -0.711  7.382   1.00 20.37 ? 57  THR A CG2 1 
ATOM   324  N N   . GLY A 1 58  ? -7.595  -0.311  3.520   1.00 20.09 ? 58  GLY A N   1 
ATOM   325  C CA  . GLY A 1 58  ? -7.503  0.984   2.809   1.00 20.18 ? 58  GLY A CA  1 
ATOM   326  C C   . GLY A 1 58  ? -8.831  1.412   2.241   1.00 20.39 ? 58  GLY A C   1 
ATOM   327  O O   . GLY A 1 58  ? -9.858  0.791   2.526   1.00 20.53 ? 58  GLY A O   1 
ATOM   328  N N   . ARG A 1 59  ? -8.795  2.468   1.443   1.00 20.68 ? 59  ARG A N   1 
ATOM   329  C CA  . ARG A 1 59  ? -9.999  3.037   0.797   1.00 21.47 ? 59  ARG A CA  1 
ATOM   330  C C   . ARG A 1 59  ? -9.607  3.557   -0.580  1.00 21.84 ? 59  ARG A C   1 
ATOM   331  O O   . ARG A 1 59  ? -8.436  3.942   -0.724  1.00 21.89 ? 59  ARG A O   1 
ATOM   332  C CB  . ARG A 1 59  ? -10.564 4.211   1.618   1.00 21.92 ? 59  ARG A CB  1 
ATOM   333  C CG  . ARG A 1 59  ? -10.984 3.908   3.042   1.00 22.75 ? 59  ARG A CG  1 
ATOM   334  C CD  . ARG A 1 59  ? -12.261 3.152   3.158   1.00 23.47 ? 59  ARG A CD  1 
ATOM   335  N NE  . ARG A 1 59  ? -13.368 3.903   2.552   1.00 24.29 ? 59  ARG A NE  1 
ATOM   336  C CZ  . ARG A 1 59  ? -14.560 3.336   2.292   1.00 25.38 ? 59  ARG A CZ  1 
ATOM   337  N NH1 . ARG A 1 59  ? -14.751 2.077   2.663   1.00 27.19 ? 59  ARG A NH1 1 
ATOM   338  N NH2 . ARG A 1 59  ? -15.531 4.017   1.704   1.00 25.32 ? 59  ARG A NH2 1 
ATOM   339  N N   . TYR A 1 60  ? -10.531 3.579   -1.521  1.00 22.39 ? 60  TYR A N   1 
ATOM   340  C CA  . TYR A 1 60  ? -10.239 4.095   -2.875  1.00 22.68 ? 60  TYR A CA  1 
ATOM   341  C C   . TYR A 1 60  ? -11.463 4.830   -3.413  1.00 22.87 ? 60  TYR A C   1 
ATOM   342  O O   . TYR A 1 60  ? -12.569 4.586   -2.895  1.00 22.87 ? 60  TYR A O   1 
ATOM   343  C CB  . TYR A 1 60  ? -9.773  2.992   -3.832  1.00 23.06 ? 60  TYR A CB  1 
ATOM   344  C CG  . TYR A 1 60  ? -10.896 2.114   -4.323  1.00 23.70 ? 60  TYR A CG  1 
ATOM   345  C CD1 . TYR A 1 60  ? -11.496 1.193   -3.467  1.00 24.01 ? 60  TYR A CD1 1 
ATOM   346  C CD2 . TYR A 1 60  ? -11.406 2.239   -5.617  1.00 24.48 ? 60  TYR A CD2 1 
ATOM   347  C CE1 . TYR A 1 60  ? -12.547 0.388   -3.896  1.00 24.63 ? 60  TYR A CE1 1 
ATOM   348  C CE2 . TYR A 1 60  ? -12.472 1.453   -6.064  1.00 24.62 ? 60  TYR A CE2 1 
ATOM   349  C CZ  . TYR A 1 60  ? -13.039 0.527   -5.188  1.00 24.90 ? 60  TYR A CZ  1 
ATOM   350  O OH  . TYR A 1 60  ? -14.077 -0.279  -5.555  1.00 25.59 ? 60  TYR A OH  1 
ATOM   351  N N   . ASP A 1 61  ? -11.206 5.700   -4.397  1.00 22.88 ? 61  ASP A N   1 
ATOM   352  C CA  . ASP A 1 61  ? -12.297 6.461   -5.030  1.00 23.16 ? 61  ASP A CA  1 
ATOM   353  C C   . ASP A 1 61  ? -13.108 5.463   -5.890  1.00 23.72 ? 61  ASP A C   1 
ATOM   354  O O   . ASP A 1 61  ? -12.632 5.048   -6.964  1.00 23.90 ? 61  ASP A O   1 
ATOM   355  C CB  . ASP A 1 61  ? -11.772 7.609   -5.890  1.00 22.63 ? 61  ASP A CB  1 
ATOM   356  C CG  . ASP A 1 61  ? -12.901 8.336   -6.615  1.00 22.73 ? 61  ASP A CG  1 
ATOM   357  O OD1 . ASP A 1 61  ? -14.103 8.036   -6.425  1.00 22.93 ? 61  ASP A OD1 1 
ATOM   358  O OD2 . ASP A 1 61  ? -12.592 9.260   -7.386  1.00 22.37 ? 61  ASP A OD2 1 
ATOM   359  N N   . SER A 1 62  ? -14.287 5.112   -5.403  1.00 23.97 ? 62  SER A N   1 
ATOM   360  C CA  . SER A 1 62  ? -15.146 4.167   -6.115  1.00 24.31 ? 62  SER A CA  1 
ATOM   361  C C   . SER A 1 62  ? -15.930 4.788   -7.252  1.00 24.40 ? 62  SER A C   1 
ATOM   362  O O   . SER A 1 62  ? -16.676 4.028   -7.907  1.00 24.89 ? 62  SER A O   1 
ATOM   363  C CB  . SER A 1 62  ? -16.030 3.336   -5.215  1.00 24.57 ? 62  SER A CB  1 
ATOM   364  O OG  . SER A 1 62  ? -16.936 4.224   -4.575  1.00 25.77 ? 62  SER A OG  1 
ATOM   365  N N   . ALA A 1 63  ? -15.780 6.060   -7.539  1.00 24.12 ? 63  ALA A N   1 
ATOM   366  C CA  . ALA A 1 63  ? -16.514 6.676   -8.685  1.00 23.76 ? 63  ALA A CA  1 
ATOM   367  C C   . ALA A 1 63  ? -15.579 7.708   -9.300  1.00 23.93 ? 63  ALA A C   1 
ATOM   368  O O   . ALA A 1 63  ? -15.829 8.928   -9.215  1.00 24.24 ? 63  ALA A O   1 
ATOM   369  C CB  . ALA A 1 63  ? -17.826 7.225   -8.208  1.00 22.60 ? 63  ALA A CB  1 
ATOM   370  N N   . PRO A 1 64  ? -14.499 7.212   -9.882  1.00 23.83 ? 64  PRO A N   1 
ATOM   371  C CA  . PRO A 1 64  ? -13.481 8.061   -10.497 1.00 24.35 ? 64  PRO A CA  1 
ATOM   372  C C   . PRO A 1 64  ? -14.028 8.910   -11.629 1.00 25.44 ? 64  PRO A C   1 
ATOM   373  O O   . PRO A 1 64  ? -14.995 8.506   -12.296 1.00 25.98 ? 64  PRO A O   1 
ATOM   374  C CB  . PRO A 1 64  ? -12.411 7.081   -11.005 1.00 23.95 ? 64  PRO A CB  1 
ATOM   375  C CG  . PRO A 1 64  ? -12.985 5.728   -10.911 1.00 23.67 ? 64  PRO A CG  1 
ATOM   376  C CD  . PRO A 1 64  ? -14.179 5.784   -9.985  1.00 23.75 ? 64  PRO A CD  1 
ATOM   377  N N   . ALA A 1 65  ? -13.420 10.062  -11.861 1.00 26.56 ? 65  ALA A N   1 
ATOM   378  C CA  . ALA A 1 65  ? -13.826 10.955  -12.955 1.00 28.11 ? 65  ALA A CA  1 
ATOM   379  C C   . ALA A 1 65  ? -13.751 10.125  -14.255 1.00 29.73 ? 65  ALA A C   1 
ATOM   380  O O   . ALA A 1 65  ? -13.018 9.135   -14.334 1.00 29.84 ? 65  ALA A O   1 
ATOM   381  C CB  . ALA A 1 65  ? -12.880 12.126  -13.114 1.00 27.40 ? 65  ALA A CB  1 
ATOM   382  N N   . THR A 1 66  ? -14.510 10.617  -15.229 1.00 31.26 ? 66  THR A N   1 
ATOM   383  C CA  . THR A 1 66  ? -14.565 9.934   -16.551 1.00 32.32 ? 66  THR A CA  1 
ATOM   384  C C   . THR A 1 66  ? -13.588 10.493  -17.543 1.00 32.38 ? 66  THR A C   1 
ATOM   385  O O   . THR A 1 66  ? -13.436 9.877   -18.640 1.00 32.94 ? 66  THR A O   1 
ATOM   386  C CB  . THR A 1 66  ? -16.055 9.792   -17.014 1.00 33.96 ? 66  THR A CB  1 
ATOM   387  O OG1 . THR A 1 66  ? -16.638 8.947   -15.918 1.00 35.59 ? 66  THR A OG1 1 
ATOM   388  C CG2 . THR A 1 66  ? -16.286 9.079   -18.347 1.00 34.37 ? 66  THR A CG2 1 
ATOM   389  N N   . ASP A 1 67  ? -12.848 11.545  -17.223 1.00 31.80 ? 67  ASP A N   1 
ATOM   390  C CA  . ASP A 1 67  ? -11.881 12.151  -18.141 1.00 31.33 ? 67  ASP A CA  1 
ATOM   391  C C   . ASP A 1 67  ? -10.589 11.374  -18.320 1.00 31.31 ? 67  ASP A C   1 
ATOM   392  O O   . ASP A 1 67  ? -9.622  11.953  -18.892 1.00 31.27 ? 67  ASP A O   1 
ATOM   393  C CB  . ASP A 1 67  ? -11.523 13.595  -17.659 1.00 30.78 ? 67  ASP A CB  1 
ATOM   394  C CG  . ASP A 1 67  ? -10.883 13.501  -16.287 1.00 31.00 ? 67  ASP A CG  1 
ATOM   395  O OD1 . ASP A 1 67  ? -10.681 12.357  -15.823 1.00 31.14 ? 67  ASP A OD1 1 
ATOM   396  O OD2 . ASP A 1 67  ? -10.646 14.565  -15.670 1.00 30.91 ? 67  ASP A OD2 1 
ATOM   397  N N   . GLY A 1 68  ? -10.503 10.170  -17.800 1.00 31.35 ? 68  GLY A N   1 
ATOM   398  C CA  . GLY A 1 68  ? -9.258  9.363   -17.919 1.00 30.67 ? 68  GLY A CA  1 
ATOM   399  C C   . GLY A 1 68  ? -8.174  9.766   -16.930 1.00 29.92 ? 68  GLY A C   1 
ATOM   400  O O   . GLY A 1 68  ? -6.967  9.646   -17.252 1.00 29.99 ? 68  GLY A O   1 
ATOM   401  N N   . SER A 1 69  ? -8.528  10.256  -15.756 1.00 28.81 ? 69  SER A N   1 
ATOM   402  C CA  . SER A 1 69  ? -7.556  10.604  -14.689 1.00 26.96 ? 69  SER A CA  1 
ATOM   403  C C   . SER A 1 69  ? -7.423  9.271   -13.883 1.00 25.84 ? 69  SER A C   1 
ATOM   404  O O   . SER A 1 69  ? -8.319  8.411   -14.053 1.00 26.04 ? 69  SER A O   1 
ATOM   405  C CB  . SER A 1 69  ? -8.175  11.551  -13.682 1.00 27.05 ? 69  SER A CB  1 
ATOM   406  O OG  . SER A 1 69  ? -8.588  12.745  -14.225 1.00 29.05 ? 69  SER A OG  1 
ATOM   407  N N   . GLY A 1 70  ? -6.423  9.220   -13.048 1.00 24.34 ? 70  GLY A N   1 
ATOM   408  C CA  . GLY A 1 70  ? -6.194  7.998   -12.223 1.00 22.71 ? 70  GLY A CA  1 
ATOM   409  C C   . GLY A 1 70  ? -7.215  8.003   -11.074 1.00 21.50 ? 70  GLY A C   1 
ATOM   410  O O   . GLY A 1 70  ? -7.909  9.004   -10.867 1.00 21.07 ? 70  GLY A O   1 
ATOM   411  N N   . THR A 1 71  ? -7.289  6.901   -10.391 1.00 21.01 ? 71  THR A N   1 
ATOM   412  C CA  . THR A 1 71  ? -8.180  6.693   -9.238  1.00 20.96 ? 71  THR A CA  1 
ATOM   413  C C   . THR A 1 71  ? -7.371  6.838   -7.943  1.00 20.82 ? 71  THR A C   1 
ATOM   414  O O   . THR A 1 71  ? -6.406  6.048   -7.743  1.00 21.63 ? 71  THR A O   1 
ATOM   415  C CB  . THR A 1 71  ? -8.734  5.199   -9.301  1.00 21.47 ? 71  THR A CB  1 
ATOM   416  O OG1 . THR A 1 71  ? -9.453  5.069   -10.551 1.00 22.30 ? 71  THR A OG1 1 
ATOM   417  C CG2 . THR A 1 71  ? -9.546  4.787   -8.079  1.00 21.36 ? 71  THR A CG2 1 
ATOM   418  N N   . ALA A 1 72  ? -7.710  7.776   -7.110  1.00 19.92 ? 72  ALA A N   1 
ATOM   419  C CA  . ALA A 1 72  ? -7.011  8.033   -5.837  1.00 19.22 ? 72  ALA A CA  1 
ATOM   420  C C   . ALA A 1 72  ? -7.284  6.890   -4.866  1.00 19.03 ? 72  ALA A C   1 
ATOM   421  O O   . ALA A 1 72  ? -8.428  6.364   -4.820  1.00 19.56 ? 72  ALA A O   1 
ATOM   422  C CB  . ALA A 1 72  ? -7.446  9.373   -5.299  1.00 18.54 ? 72  ALA A CB  1 
ATOM   423  N N   . LEU A 1 73  ? -6.265  6.487   -4.132  1.00 18.24 ? 73  LEU A N   1 
ATOM   424  C CA  . LEU A 1 73  ? -6.408  5.369   -3.175  1.00 17.90 ? 73  LEU A CA  1 
ATOM   425  C C   . LEU A 1 73  ? -5.313  5.456   -2.115  1.00 17.49 ? 73  LEU A C   1 
ATOM   426  O O   . LEU A 1 73  ? -4.336  6.209   -2.281  1.00 17.30 ? 73  LEU A O   1 
ATOM   427  C CB  . LEU A 1 73  ? -6.421  4.071   -4.003  1.00 17.99 ? 73  LEU A CB  1 
ATOM   428  C CG  . LEU A 1 73  ? -5.144  3.328   -4.287  1.00 18.31 ? 73  LEU A CG  1 
ATOM   429  C CD1 . LEU A 1 73  ? -5.322  2.096   -5.158  1.00 18.18 ? 73  LEU A CD1 1 
ATOM   430  C CD2 . LEU A 1 73  ? -4.090  4.231   -4.922  1.00 18.78 ? 73  LEU A CD2 1 
ATOM   431  N N   . GLY A 1 74  ? -5.484  4.678   -1.053  1.00 16.96 ? 74  GLY A N   1 
ATOM   432  C CA  . GLY A 1 74  ? -4.502  4.602   0.028   1.00 16.50 ? 74  GLY A CA  1 
ATOM   433  C C   . GLY A 1 74  ? -4.752  3.339   0.853   1.00 16.33 ? 74  GLY A C   1 
ATOM   434  O O   . GLY A 1 74  ? -5.864  2.795   0.834   1.00 16.59 ? 74  GLY A O   1 
ATOM   435  N N   . TRP A 1 75  ? -3.716  2.915   1.558   1.00 15.77 ? 75  TRP A N   1 
ATOM   436  C CA  . TRP A 1 75  ? -3.781  1.749   2.446   1.00 15.12 ? 75  TRP A CA  1 
ATOM   437  C C   . TRP A 1 75  ? -2.683  1.878   3.515   1.00 14.91 ? 75  TRP A C   1 
ATOM   438  O O   . TRP A 1 75  ? -1.756  2.686   3.380   1.00 14.72 ? 75  TRP A O   1 
ATOM   439  C CB  . TRP A 1 75  ? -3.869  0.439   1.731   1.00 14.17 ? 75  TRP A CB  1 
ATOM   440  C CG  . TRP A 1 75  ? -2.573  -0.033  1.153   1.00 14.53 ? 75  TRP A CG  1 
ATOM   441  C CD1 . TRP A 1 75  ? -1.634  -0.820  1.762   1.00 14.24 ? 75  TRP A CD1 1 
ATOM   442  C CD2 . TRP A 1 75  ? -2.058  0.286   -0.155  1.00 13.95 ? 75  TRP A CD2 1 
ATOM   443  N NE1 . TRP A 1 75  ? -0.580  -1.031  0.901   1.00 14.44 ? 75  TRP A NE1 1 
ATOM   444  C CE2 . TRP A 1 75  ? -0.811  -0.370  -0.275  1.00 13.93 ? 75  TRP A CE2 1 
ATOM   445  C CE3 . TRP A 1 75  ? -2.545  1.034   -1.215  1.00 13.73 ? 75  TRP A CE3 1 
ATOM   446  C CZ2 . TRP A 1 75  ? -0.036  -0.295  -1.420  1.00 13.67 ? 75  TRP A CZ2 1 
ATOM   447  C CZ3 . TRP A 1 75  ? -1.774  1.098   -2.371  1.00 14.12 ? 75  TRP A CZ3 1 
ATOM   448  C CH2 . TRP A 1 75  ? -0.536  0.453   -2.478  1.00 13.90 ? 75  TRP A CH2 1 
ATOM   449  N N   . THR A 1 76  ? -2.849  1.138   4.583   1.00 14.94 ? 76  THR A N   1 
ATOM   450  C CA  . THR A 1 76  ? -2.020  1.044   5.748   1.00 14.73 ? 76  THR A CA  1 
ATOM   451  C C   . THR A 1 76  ? -1.792  -0.453  6.113   1.00 14.64 ? 76  THR A C   1 
ATOM   452  O O   . THR A 1 76  ? -2.606  -1.335  5.946   1.00 13.99 ? 76  THR A O   1 
ATOM   453  C CB  . THR A 1 76  ? -2.674  1.676   7.062   1.00 15.11 ? 76  THR A CB  1 
ATOM   454  O OG1 . THR A 1 76  ? -3.239  2.960   6.667   1.00 16.46 ? 76  THR A OG1 1 
ATOM   455  C CG2 . THR A 1 76  ? -1.775  1.764   8.279   1.00 14.05 ? 76  THR A CG2 1 
ATOM   456  N N   . VAL A 1 77  ? -0.599  -0.614  6.679   1.00 15.13 ? 77  VAL A N   1 
ATOM   457  C CA  . VAL A 1 77  ? -0.088  -1.866  7.202   1.00 15.41 ? 77  VAL A CA  1 
ATOM   458  C C   . VAL A 1 77  ? 0.620   -1.562  8.543   1.00 15.79 ? 77  VAL A C   1 
ATOM   459  O O   . VAL A 1 77  ? 1.540   -0.739  8.506   1.00 15.84 ? 77  VAL A O   1 
ATOM   460  C CB  . VAL A 1 77  ? 0.915   -2.528  6.235   1.00 15.49 ? 77  VAL A CB  1 
ATOM   461  C CG1 . VAL A 1 77  ? 1.633   -3.699  6.893   1.00 15.47 ? 77  VAL A CG1 1 
ATOM   462  C CG2 . VAL A 1 77  ? 0.280   -2.934  4.920   1.00 15.45 ? 77  VAL A CG2 1 
ATOM   463  N N   . ALA A 1 78  ? 0.132   -2.167  9.598   1.00 16.38 ? 78  ALA A N   1 
ATOM   464  C CA  . ALA A 1 78  ? 0.796   -2.055  10.930  1.00 16.81 ? 78  ALA A CA  1 
ATOM   465  C C   . ALA A 1 78  ? 1.695   -3.325  10.916  1.00 17.43 ? 78  ALA A C   1 
ATOM   466  O O   . ALA A 1 78  ? 1.152   -4.436  10.756  1.00 17.74 ? 78  ALA A O   1 
ATOM   467  C CB  . ALA A 1 78  ? -0.147  -2.045  12.089  1.00 15.89 ? 78  ALA A CB  1 
ATOM   468  N N   . TRP A 1 79  ? 2.986   -3.106  11.007  1.00 17.93 ? 79  TRP A N   1 
ATOM   469  C CA  . TRP A 1 79  ? 4.000   -4.142  10.938  1.00 18.38 ? 79  TRP A CA  1 
ATOM   470  C C   . TRP A 1 79  ? 4.096   -5.121  12.085  1.00 19.61 ? 79  TRP A C   1 
ATOM   471  O O   . TRP A 1 79  ? 5.166   -5.331  12.703  1.00 19.91 ? 79  TRP A O   1 
ATOM   472  C CB  . TRP A 1 79  ? 5.349   -3.624  10.457  1.00 15.89 ? 79  TRP A CB  1 
ATOM   473  C CG  . TRP A 1 79  ? 5.285   -2.893  9.157   1.00 14.50 ? 79  TRP A CG  1 
ATOM   474  C CD1 . TRP A 1 79  ? 5.261   -1.536  8.986   1.00 13.80 ? 79  TRP A CD1 1 
ATOM   475  C CD2 . TRP A 1 79  ? 5.226   -3.471  7.839   1.00 13.65 ? 79  TRP A CD2 1 
ATOM   476  N NE1 . TRP A 1 79  ? 5.196   -1.242  7.639   1.00 13.50 ? 79  TRP A NE1 1 
ATOM   477  C CE2 . TRP A 1 79  ? 5.169   -2.399  6.918   1.00 13.32 ? 79  TRP A CE2 1 
ATOM   478  C CE3 . TRP A 1 79  ? 5.223   -4.779  7.367   1.00 13.05 ? 79  TRP A CE3 1 
ATOM   479  C CZ2 . TRP A 1 79  ? 5.119   -2.593  5.544   1.00 12.85 ? 79  TRP A CZ2 1 
ATOM   480  C CZ3 . TRP A 1 79  ? 5.163   -4.979  5.999   1.00 12.55 ? 79  TRP A CZ3 1 
ATOM   481  C CH2 . TRP A 1 79  ? 5.135   -3.911  5.108   1.00 12.71 ? 79  TRP A CH2 1 
ATOM   482  N N   . LYS A 1 80  ? 2.994   -5.783  12.324  1.00 20.50 ? 80  LYS A N   1 
ATOM   483  C CA  . LYS A 1 80  ? 2.837   -6.805  13.339  1.00 22.10 ? 80  LYS A CA  1 
ATOM   484  C C   . LYS A 1 80  ? 1.979   -7.967  12.814  1.00 23.13 ? 80  LYS A C   1 
ATOM   485  O O   . LYS A 1 80  ? 0.866   -7.749  12.300  1.00 23.31 ? 80  LYS A O   1 
ATOM   486  C CB  . LYS A 1 80  ? 2.150   -6.224  14.571  1.00 22.90 ? 80  LYS A CB  1 
ATOM   487  C CG  . LYS A 1 80  ? 1.622   -7.282  15.532  1.00 23.45 ? 80  LYS A CG  1 
ATOM   488  C CD  . LYS A 1 80  ? 0.991   -6.637  16.744  1.00 24.90 ? 80  LYS A CD  1 
ATOM   489  C CE  . LYS A 1 80  ? 0.640   -7.689  17.777  1.00 26.54 ? 80  LYS A CE  1 
ATOM   490  N NZ  . LYS A 1 80  ? -0.221  -8.757  17.185  1.00 27.56 ? 80  LYS A NZ  1 
ATOM   491  N N   . ASN A 1 81  ? 2.522   -9.150  12.939  1.00 24.04 ? 81  ASN A N   1 
ATOM   492  C CA  . ASN A 1 81  ? 1.854   -10.415 12.560  1.00 24.85 ? 81  ASN A CA  1 
ATOM   493  C C   . ASN A 1 81  ? 2.275   -11.418 13.652  1.00 26.05 ? 81  ASN A C   1 
ATOM   494  O O   . ASN A 1 81  ? 2.890   -10.998 14.665  1.00 26.40 ? 81  ASN A O   1 
ATOM   495  C CB  . ASN A 1 81  ? 2.056   -10.821 11.134  1.00 23.44 ? 81  ASN A CB  1 
ATOM   496  C CG  . ASN A 1 81  ? 3.467   -11.261 10.804  1.00 23.03 ? 81  ASN A CG  1 
ATOM   497  O OD1 . ASN A 1 81  ? 4.289   -11.381 11.710  1.00 23.38 ? 81  ASN A OD1 1 
ATOM   498  N ND2 . ASN A 1 81  ? 3.773   -11.497 9.529   1.00 22.69 ? 81  ASN A ND2 1 
ATOM   499  N N   . ASN A 1 82  ? 1.950   -12.672 13.462  1.00 27.13 ? 82  ASN A N   1 
ATOM   500  C CA  . ASN A 1 82  ? 2.268   -13.753 14.385  1.00 27.55 ? 82  ASN A CA  1 
ATOM   501  C C   . ASN A 1 82  ? 3.761   -13.980 14.569  1.00 27.53 ? 82  ASN A C   1 
ATOM   502  O O   . ASN A 1 82  ? 4.139   -14.446 15.653  1.00 27.96 ? 82  ASN A O   1 
ATOM   503  C CB  . ASN A 1 82  ? 1.602   -15.066 13.916  1.00 29.47 ? 82  ASN A CB  1 
ATOM   504  C CG  . ASN A 1 82  ? 0.151   -15.063 14.349  1.00 31.26 ? 82  ASN A CG  1 
ATOM   505  O OD1 . ASN A 1 82  ? -0.084  -14.807 15.554  1.00 32.58 ? 82  ASN A OD1 1 
ATOM   506  N ND2 . ASN A 1 82  ? -0.748  -15.258 13.394  1.00 31.52 ? 82  ASN A ND2 1 
ATOM   507  N N   . TYR A 1 83  ? 4.547   -13.743 13.551  1.00 27.15 ? 83  TYR A N   1 
ATOM   508  C CA  . TYR A 1 83  ? 5.982   -13.944 13.584  1.00 27.24 ? 83  TYR A CA  1 
ATOM   509  C C   . TYR A 1 83  ? 6.726   -12.793 14.192  1.00 27.16 ? 83  TYR A C   1 
ATOM   510  O O   . TYR A 1 83  ? 7.742   -13.102 14.878  1.00 28.09 ? 83  TYR A O   1 
ATOM   511  C CB  . TYR A 1 83  ? 6.565   -14.374 12.221  1.00 28.45 ? 83  TYR A CB  1 
ATOM   512  C CG  . TYR A 1 83  ? 5.652   -15.429 11.601  1.00 29.58 ? 83  TYR A CG  1 
ATOM   513  C CD1 . TYR A 1 83  ? 5.671   -16.738 12.064  1.00 29.81 ? 83  TYR A CD1 1 
ATOM   514  C CD2 . TYR A 1 83  ? 4.736   -15.077 10.606  1.00 30.17 ? 83  TYR A CD2 1 
ATOM   515  C CE1 . TYR A 1 83  ? 4.826   -17.696 11.528  1.00 30.28 ? 83  TYR A CE1 1 
ATOM   516  C CE2 . TYR A 1 83  ? 3.894   -16.030 10.052  1.00 30.88 ? 83  TYR A CE2 1 
ATOM   517  C CZ  . TYR A 1 83  ? 3.944   -17.345 10.521  1.00 30.86 ? 83  TYR A CZ  1 
ATOM   518  O OH  . TYR A 1 83  ? 3.097   -18.303 10.027  1.00 31.59 ? 83  TYR A OH  1 
ATOM   519  N N   . ARG A 1 84  ? 6.304   -11.556 13.990  1.00 26.27 ? 84  ARG A N   1 
ATOM   520  C CA  . ARG A 1 84  ? 7.000   -10.432 14.591  1.00 25.50 ? 84  ARG A CA  1 
ATOM   521  C C   . ARG A 1 84  ? 6.225   -9.142  14.673  1.00 24.90 ? 84  ARG A C   1 
ATOM   522  O O   . ARG A 1 84  ? 5.116   -9.028  14.177  1.00 25.04 ? 84  ARG A O   1 
ATOM   523  C CB  . ARG A 1 84  ? 8.380   -10.163 14.089  1.00 25.45 ? 84  ARG A CB  1 
ATOM   524  C CG  . ARG A 1 84  ? 8.566   -9.862  12.642  1.00 25.46 ? 84  ARG A CG  1 
ATOM   525  C CD  . ARG A 1 84  ? 9.811   -10.511 12.169  1.00 25.86 ? 84  ARG A CD  1 
ATOM   526  N NE  . ARG A 1 84  ? 10.909  -9.606  11.911  1.00 26.45 ? 84  ARG A NE  1 
ATOM   527  C CZ  . ARG A 1 84  ? 11.924  -10.119 11.177  1.00 27.63 ? 84  ARG A CZ  1 
ATOM   528  N NH1 . ARG A 1 84  ? 11.841  -11.398 10.845  1.00 27.76 ? 84  ARG A NH1 1 
ATOM   529  N NH2 . ARG A 1 84  ? 12.969  -9.393  10.820  1.00 28.19 ? 84  ARG A NH2 1 
ATOM   530  N N   . ASN A 1 85  ? 6.886   -8.208  15.349  1.00 24.18 ? 85  ASN A N   1 
ATOM   531  C CA  . ASN A 1 85  ? 6.362   -6.859  15.555  1.00 23.67 ? 85  ASN A CA  1 
ATOM   532  C C   . ASN A 1 85  ? 7.480   -5.831  15.429  1.00 23.49 ? 85  ASN A C   1 
ATOM   533  O O   . ASN A 1 85  ? 8.355   -5.768  16.305  1.00 24.37 ? 85  ASN A O   1 
ATOM   534  C CB  . ASN A 1 85  ? 5.618   -6.780  16.882  1.00 23.41 ? 85  ASN A CB  1 
ATOM   535  C CG  . ASN A 1 85  ? 4.890   -5.455  17.017  1.00 23.27 ? 85  ASN A CG  1 
ATOM   536  O OD1 . ASN A 1 85  ? 5.209   -4.566  16.205  1.00 24.35 ? 85  ASN A OD1 1 
ATOM   537  N ND2 . ASN A 1 85  ? 3.949   -5.323  17.930  1.00 22.73 ? 85  ASN A ND2 1 
ATOM   538  N N   . ALA A 1 86  ? 7.435   -5.042  14.376  1.00 22.56 ? 86  ALA A N   1 
ATOM   539  C CA  . ALA A 1 86  ? 8.441   -3.999  14.141  1.00 21.61 ? 86  ALA A CA  1 
ATOM   540  C C   . ALA A 1 86  ? 8.063   -2.701  14.844  1.00 21.24 ? 86  ALA A C   1 
ATOM   541  O O   . ALA A 1 86  ? 8.884   -1.759  14.852  1.00 21.73 ? 86  ALA A O   1 
ATOM   542  C CB  . ALA A 1 86  ? 8.638   -3.797  12.652  1.00 20.92 ? 86  ALA A CB  1 
ATOM   543  N N   . HIS A 1 87  ? 6.883   -2.623  15.411  1.00 20.57 ? 87  HIS A N   1 
ATOM   544  C CA  . HIS A 1 87  ? 6.403   -1.409  16.090  1.00 19.97 ? 87  HIS A CA  1 
ATOM   545  C C   . HIS A 1 87  ? 6.532   -0.199  15.145  1.00 19.43 ? 87  HIS A C   1 
ATOM   546  O O   . HIS A 1 87  ? 7.199   0.785   15.473  1.00 19.61 ? 87  HIS A O   1 
ATOM   547  C CB  . HIS A 1 87  ? 7.240   -1.056  17.331  1.00 20.34 ? 87  HIS A CB  1 
ATOM   548  C CG  . HIS A 1 87  ? 7.269   -2.186  18.309  1.00 21.05 ? 87  HIS A CG  1 
ATOM   549  N ND1 . HIS A 1 87  ? 6.110   -2.727  18.867  1.00 21.65 ? 87  HIS A ND1 1 
ATOM   550  C CD2 . HIS A 1 87  ? 8.306   -2.862  18.822  1.00 20.84 ? 87  HIS A CD2 1 
ATOM   551  C CE1 . HIS A 1 87  ? 6.453   -3.694  19.687  1.00 21.66 ? 87  HIS A CE1 1 
ATOM   552  N NE2 . HIS A 1 87  ? 7.775   -3.791  19.669  1.00 21.85 ? 87  HIS A NE2 1 
ATOM   553  N N   . SER A 1 88  ? 5.872   -0.316  14.010  1.00 18.70 ? 88  SER A N   1 
ATOM   554  C CA  . SER A 1 88  ? 5.857   0.692   12.959  1.00 17.73 ? 88  SER A CA  1 
ATOM   555  C C   . SER A 1 88  ? 4.668   0.454   12.031  1.00 17.12 ? 88  SER A C   1 
ATOM   556  O O   . SER A 1 88  ? 4.135   -0.653  11.987  1.00 17.39 ? 88  SER A O   1 
ATOM   557  C CB  . SER A 1 88  ? 7.169   0.628   12.165  1.00 17.06 ? 88  SER A CB  1 
ATOM   558  O OG  . SER A 1 88  ? 7.304   -0.610  11.548  1.00 16.41 ? 88  SER A OG  1 
ATOM   559  N N   . ALA A 1 89  ? 4.307   1.497   11.307  1.00 16.25 ? 89  ALA A N   1 
ATOM   560  C CA  . ALA A 1 89  ? 3.196   1.493   10.347  1.00 15.29 ? 89  ALA A CA  1 
ATOM   561  C C   . ALA A 1 89  ? 3.571   2.286   9.082   1.00 14.33 ? 89  ALA A C   1 
ATOM   562  O O   . ALA A 1 89  ? 4.244   3.346   9.160   1.00 14.52 ? 89  ALA A O   1 
ATOM   563  C CB  . ALA A 1 89  ? 1.982   2.175   11.028  1.00 14.84 ? 89  ALA A CB  1 
ATOM   564  N N   . THR A 1 90  ? 3.147   1.782   7.944   1.00 12.99 ? 90  THR A N   1 
ATOM   565  C CA  . THR A 1 90  ? 3.366   2.402   6.659   1.00 12.14 ? 90  THR A CA  1 
ATOM   566  C C   . THR A 1 90  ? 2.005   2.754   6.047   1.00 12.03 ? 90  THR A C   1 
ATOM   567  O O   . THR A 1 90  ? 1.020   2.011   6.184   1.00 12.59 ? 90  THR A O   1 
ATOM   568  C CB  . THR A 1 90  ? 4.174   1.534   5.633   1.00 12.01 ? 90  THR A CB  1 
ATOM   569  O OG1 . THR A 1 90  ? 5.443   1.168   6.245   1.00 12.26 ? 90  THR A OG1 1 
ATOM   570  C CG2 . THR A 1 90  ? 4.400   2.189   4.257   1.00 11.71 ? 90  THR A CG2 1 
ATOM   571  N N   . THR A 1 91  ? 1.983   3.880   5.373   1.00 11.69 ? 91  THR A N   1 
ATOM   572  C CA  . THR A 1 91  ? 0.804   4.353   4.663   1.00 11.63 ? 91  THR A CA  1 
ATOM   573  C C   . THR A 1 91  ? 1.265   4.719   3.231   1.00 11.86 ? 91  THR A C   1 
ATOM   574  O O   . THR A 1 91  ? 2.281   5.423   3.086   1.00 11.93 ? 91  THR A O   1 
ATOM   575  C CB  . THR A 1 91  ? -0.038  5.476   5.328   1.00 10.59 ? 91  THR A CB  1 
ATOM   576  O OG1 . THR A 1 91  ? 0.729   6.696   5.198   1.00 10.21 ? 91  THR A OG1 1 
ATOM   577  C CG2 . THR A 1 91  ? -0.566  5.193   6.727   1.00 9.91  ? 91  THR A CG2 1 
ATOM   578  N N   . TRP A 1 92  ? 0.528   4.145   2.284   1.00 11.89 ? 92  TRP A N   1 
ATOM   579  C CA  . TRP A 1 92  ? 0.781   4.367   0.864   1.00 12.12 ? 92  TRP A CA  1 
ATOM   580  C C   . TRP A 1 92  ? -0.398  5.206   0.324   1.00 12.88 ? 92  TRP A C   1 
ATOM   581  O O   . TRP A 1 92  ? -1.558  4.782   0.467   1.00 13.11 ? 92  TRP A O   1 
ATOM   582  C CB  . TRP A 1 92  ? 0.857   3.086   0.053   1.00 10.75 ? 92  TRP A CB  1 
ATOM   583  C CG  . TRP A 1 92  ? 2.050   2.215   0.157   1.00 9.98  ? 92  TRP A CG  1 
ATOM   584  C CD1 . TRP A 1 92  ? 3.158   2.196   -0.684  1.00 9.42  ? 92  TRP A CD1 1 
ATOM   585  C CD2 . TRP A 1 92  ? 2.294   1.190   1.142   1.00 8.76  ? 92  TRP A CD2 1 
ATOM   586  N NE1 . TRP A 1 92  ? 4.039   1.236   -0.269  1.00 9.19  ? 92  TRP A NE1 1 
ATOM   587  C CE2 . TRP A 1 92  ? 3.544   0.617   0.853   1.00 8.45  ? 92  TRP A CE2 1 
ATOM   588  C CE3 . TRP A 1 92  ? 1.583   0.771   2.255   1.00 8.73  ? 92  TRP A CE3 1 
ATOM   589  C CZ2 . TRP A 1 92  ? 4.086   -0.394  1.622   1.00 8.07  ? 92  TRP A CZ2 1 
ATOM   590  C CZ3 . TRP A 1 92  ? 2.132   -0.239  3.035   1.00 8.79  ? 92  TRP A CZ3 1 
ATOM   591  C CH2 . TRP A 1 92  ? 3.360   -0.815  2.720   1.00 8.31  ? 92  TRP A CH2 1 
ATOM   592  N N   . SER A 1 93  ? -0.038  6.292   -0.283  1.00 13.41 ? 93  SER A N   1 
ATOM   593  C CA  . SER A 1 93  ? -0.973  7.223   -0.925  1.00 14.09 ? 93  SER A CA  1 
ATOM   594  C C   . SER A 1 93  ? -0.567  7.364   -2.397  1.00 14.97 ? 93  SER A C   1 
ATOM   595  O O   . SER A 1 93  ? 0.565   7.796   -2.730  1.00 15.28 ? 93  SER A O   1 
ATOM   596  C CB  . SER A 1 93  ? -0.981  8.547   -0.199  1.00 13.92 ? 93  SER A CB  1 
ATOM   597  O OG  . SER A 1 93  ? -1.872  9.478   -0.751  1.00 14.10 ? 93  SER A OG  1 
ATOM   598  N N   . GLY A 1 94  ? -1.477  6.997   -3.283  1.00 15.72 ? 94  GLY A N   1 
ATOM   599  C CA  . GLY A 1 94  ? -1.219  7.101   -4.725  1.00 16.61 ? 94  GLY A CA  1 
ATOM   600  C C   . GLY A 1 94  ? -2.479  7.043   -5.547  1.00 17.64 ? 94  GLY A C   1 
ATOM   601  O O   . GLY A 1 94  ? -3.599  7.335   -5.087  1.00 17.97 ? 94  GLY A O   1 
ATOM   602  N N   . GLN A 1 95  ? -2.295  6.698   -6.809  1.00 18.62 ? 95  GLN A N   1 
ATOM   603  C CA  . GLN A 1 95  ? -3.409  6.585   -7.763  1.00 19.57 ? 95  GLN A CA  1 
ATOM   604  C C   . GLN A 1 95  ? -3.193  5.383   -8.673  1.00 20.66 ? 95  GLN A C   1 
ATOM   605  O O   . GLN A 1 95  ? -2.057  4.956   -8.964  1.00 20.54 ? 95  GLN A O   1 
ATOM   606  C CB  . GLN A 1 95  ? -3.658  7.883   -8.476  1.00 19.25 ? 95  GLN A CB  1 
ATOM   607  C CG  . GLN A 1 95  ? -2.558  8.404   -9.336  1.00 19.46 ? 95  GLN A CG  1 
ATOM   608  C CD  . GLN A 1 95  ? -2.872  9.749   -9.951  1.00 19.84 ? 95  GLN A CD  1 
ATOM   609  O OE1 . GLN A 1 95  ? -2.058  10.671  -9.959  1.00 20.62 ? 95  GLN A OE1 1 
ATOM   610  N NE2 . GLN A 1 95  ? -4.085  9.886   -10.463 1.00 19.96 ? 95  GLN A NE2 1 
ATOM   611  N N   . TYR A 1 96  ? -4.311  4.802   -9.046  1.00 21.87 ? 96  TYR A N   1 
ATOM   612  C CA  . TYR A 1 96  ? -4.345  3.643   -9.955  1.00 23.55 ? 96  TYR A CA  1 
ATOM   613  C C   . TYR A 1 96  ? -4.515  4.181   -11.384 1.00 24.58 ? 96  TYR A C   1 
ATOM   614  O O   . TYR A 1 96  ? -5.332  5.089   -11.610 1.00 24.27 ? 96  TYR A O   1 
ATOM   615  C CB  . TYR A 1 96  ? -5.490  2.710   -9.571  1.00 24.51 ? 96  TYR A CB  1 
ATOM   616  C CG  . TYR A 1 96  ? -5.876  1.733   -10.648 1.00 25.50 ? 96  TYR A CG  1 
ATOM   617  C CD1 . TYR A 1 96  ? -5.079  0.629   -10.955 1.00 26.19 ? 96  TYR A CD1 1 
ATOM   618  C CD2 . TYR A 1 96  ? -7.054  1.907   -11.368 1.00 25.90 ? 96  TYR A CD2 1 
ATOM   619  C CE1 . TYR A 1 96  ? -5.451  -0.287  -11.943 1.00 26.85 ? 96  TYR A CE1 1 
ATOM   620  C CE2 . TYR A 1 96  ? -7.429  1.029   -12.368 1.00 26.36 ? 96  TYR A CE2 1 
ATOM   621  C CZ  . TYR A 1 96  ? -6.631  -0.071  -12.644 1.00 27.20 ? 96  TYR A CZ  1 
ATOM   622  O OH  . TYR A 1 96  ? -7.052  -0.934  -13.619 1.00 28.45 ? 96  TYR A OH  1 
ATOM   623  N N   . VAL A 1 97  ? -3.722  3.653   -12.273 1.00 26.00 ? 97  VAL A N   1 
ATOM   624  C CA  . VAL A 1 97  ? -3.743  4.033   -13.705 1.00 27.69 ? 97  VAL A CA  1 
ATOM   625  C C   . VAL A 1 97  ? -3.961  2.772   -14.547 1.00 29.42 ? 97  VAL A C   1 
ATOM   626  O O   . VAL A 1 97  ? -3.101  1.864   -14.592 1.00 29.45 ? 97  VAL A O   1 
ATOM   627  C CB  . VAL A 1 97  ? -2.486  4.823   -14.050 1.00 27.28 ? 97  VAL A CB  1 
ATOM   628  C CG1 . VAL A 1 97  ? -2.446  5.192   -15.523 1.00 27.15 ? 97  VAL A CG1 1 
ATOM   629  C CG2 . VAL A 1 97  ? -2.364  6.042   -13.160 1.00 27.37 ? 97  VAL A CG2 1 
ATOM   630  N N   . GLY A 1 98  ? -5.137  2.725   -15.159 1.00 31.06 ? 98  GLY A N   1 
ATOM   631  C CA  . GLY A 1 98  ? -5.532  1.581   -15.974 1.00 33.05 ? 98  GLY A CA  1 
ATOM   632  C C   . GLY A 1 98  ? -4.943  1.637   -17.375 1.00 34.63 ? 98  GLY A C   1 
ATOM   633  O O   . GLY A 1 98  ? -4.316  2.634   -17.795 1.00 34.73 ? 98  GLY A O   1 
ATOM   634  N N   . GLY A 1 99  ? -5.162  0.512   -18.076 1.00 35.96 ? 99  GLY A N   1 
ATOM   635  C CA  . GLY A 1 99  ? -4.689  0.400   -19.463 1.00 37.50 ? 99  GLY A CA  1 
ATOM   636  C C   . GLY A 1 99  ? -3.863  -0.844  -19.739 1.00 38.52 ? 99  GLY A C   1 
ATOM   637  O O   . GLY A 1 99  ? -3.865  -1.839  -18.988 1.00 38.69 ? 99  GLY A O   1 
ATOM   638  N N   . ALA A 1 100 ? -3.196  -0.747  -20.886 1.00 39.19 ? 100 ALA A N   1 
ATOM   639  C CA  . ALA A 1 100 ? -2.335  -1.861  -21.363 1.00 39.75 ? 100 ALA A CA  1 
ATOM   640  C C   . ALA A 1 100 ? -1.509  -2.334  -20.159 1.00 39.93 ? 100 ALA A C   1 
ATOM   641  O O   . ALA A 1 100 ? -1.712  -3.450  -19.628 1.00 40.36 ? 100 ALA A O   1 
ATOM   642  C CB  . ALA A 1 100 ? -1.482  -1.342  -22.505 1.00 40.29 ? 100 ALA A CB  1 
ATOM   643  N N   . GLU A 1 101 ? -0.631  -1.428  -19.742 1.00 39.47 ? 101 GLU A N   1 
ATOM   644  C CA  . GLU A 1 101 ? 0.220   -1.714  -18.574 1.00 39.03 ? 101 GLU A CA  1 
ATOM   645  C C   . GLU A 1 101 ? -0.300  -0.918  -17.376 1.00 37.18 ? 101 GLU A C   1 
ATOM   646  O O   . GLU A 1 101 ? 0.140   0.221   -17.124 1.00 37.62 ? 101 GLU A O   1 
ATOM   647  C CB  . GLU A 1 101 ? 1.655   -1.330  -18.855 1.00 43.12 ? 101 GLU A CB  1 
ATOM   648  C CG  . GLU A 1 101 ? 2.306   -1.773  -20.167 1.00 47.15 ? 101 GLU A CG  1 
ATOM   649  C CD  . GLU A 1 101 ? 2.437   -3.263  -20.335 1.00 50.09 ? 101 GLU A CD  1 
ATOM   650  O OE1 . GLU A 1 101 ? 2.541   -4.048  -19.391 1.00 51.19 ? 101 GLU A OE1 1 
ATOM   651  O OE2 . GLU A 1 101 ? 2.439   -3.614  -21.549 1.00 51.32 ? 101 GLU A OE2 1 
ATOM   652  N N   . ALA A 1 102 ? -1.240  -1.494  -16.655 1.00 34.93 ? 102 ALA A N   1 
ATOM   653  C CA  . ALA A 1 102 ? -1.824  -0.876  -15.462 1.00 32.66 ? 102 ALA A CA  1 
ATOM   654  C C   . ALA A 1 102 ? -0.712  -0.734  -14.411 1.00 31.04 ? 102 ALA A C   1 
ATOM   655  O O   . ALA A 1 102 ? 0.151   -1.602  -14.259 1.00 30.91 ? 102 ALA A O   1 
ATOM   656  C CB  . ALA A 1 102 ? -2.956  -1.716  -14.886 1.00 32.34 ? 102 ALA A CB  1 
ATOM   657  N N   . ARG A 1 103 ? -0.809  0.365   -13.691 1.00 23.89 ? 103 ARG A N   1 
ATOM   658  C CA  . ARG A 1 103 ? 0.162   0.710   -12.638 1.00 22.76 ? 103 ARG A CA  1 
ATOM   659  C C   . ARG A 1 103 ? -0.527  1.386   -11.457 1.00 22.06 ? 103 ARG A C   1 
ATOM   660  O O   . ARG A 1 103 ? -1.617  1.977   -11.599 1.00 21.80 ? 103 ARG A O   1 
ATOM   661  C CB  . ARG A 1 103 ? 1.110   1.793   -13.300 1.00 22.51 ? 103 ARG A CB  1 
ATOM   662  C CG  . ARG A 1 103 ? 2.515   1.360   -13.517 1.00 22.76 ? 103 ARG A CG  1 
ATOM   663  C CD  . ARG A 1 103 ? 3.121   1.746   -14.868 1.00 23.33 ? 103 ARG A CD  1 
ATOM   664  N NE  . ARG A 1 103 ? 4.644   1.642   -14.666 1.00 23.79 ? 103 ARG A NE  1 
ATOM   665  C CZ  . ARG A 1 103 ? 5.059   0.465   -14.106 1.00 24.21 ? 103 ARG A CZ  1 
ATOM   666  N NH1 . ARG A 1 103 ? 4.208   -0.591  -14.250 1.00 23.94 ? 103 ARG A NH1 1 
ATOM   667  N NH2 . ARG A 1 103 ? 6.313   0.275   -13.646 1.00 24.28 ? 103 ARG A NH2 1 
ATOM   668  N N   . ILE A 1 104 ? 0.157   1.289   -10.319 1.00 23.90 ? 104 ILE A N   1 
ATOM   669  C CA  . ILE A 1 104 ? -0.249  1.960   -9.076  1.00 22.15 ? 104 ILE A CA  1 
ATOM   670  C C   . ILE A 1 104 ? 0.992   2.770   -8.631  1.00 21.30 ? 104 ILE A C   1 
ATOM   671  O O   . ILE A 1 104 ? 2.019   2.189   -8.256  1.00 20.95 ? 104 ILE A O   1 
ATOM   672  C CB  . ILE A 1 104 ? -0.832  1.051   -7.986  1.00 20.85 ? 104 ILE A CB  1 
ATOM   673  C CG1 . ILE A 1 104 ? -2.095  0.291   -8.483  1.00 20.53 ? 104 ILE A CG1 1 
ATOM   674  C CG2 . ILE A 1 104 ? -1.167  1.811   -6.668  1.00 20.21 ? 104 ILE A CG2 1 
ATOM   675  C CD1 . ILE A 1 104 ? -2.760  -0.587  -7.370  1.00 20.19 ? 104 ILE A CD1 1 
ATOM   676  N N   . ASN A 1 105 ? 0.911   4.068   -8.775  1.00 20.76 ? 105 ASN A N   1 
ATOM   677  C CA  . ASN A 1 105 ? 2.005   4.977   -8.372  1.00 20.37 ? 105 ASN A CA  1 
ATOM   678  C C   . ASN A 1 105 ? 1.690   5.522   -6.972  1.00 19.33 ? 105 ASN A C   1 
ATOM   679  O O   . ASN A 1 105 ? 0.639   6.146   -6.813  1.00 19.37 ? 105 ASN A O   1 
ATOM   680  C CB  . ASN A 1 105 ? 2.132   6.143   -9.357  1.00 22.52 ? 105 ASN A CB  1 
ATOM   681  C CG  . ASN A 1 105 ? 2.474   5.582   -10.739 1.00 24.49 ? 105 ASN A CG  1 
ATOM   682  O OD1 . ASN A 1 105 ? 3.308   4.652   -10.773 1.00 25.21 ? 105 ASN A OD1 1 
ATOM   683  N ND2 . ASN A 1 105 ? 1.796   6.110   -11.754 1.00 25.48 ? 105 ASN A ND2 1 
ATOM   684  N N   . THR A 1 106 ? 2.619   5.317   -6.064  1.00 18.36 ? 106 THR A N   1 
ATOM   685  C CA  . THR A 1 106 ? 2.445   5.772   -4.692  1.00 17.61 ? 106 THR A CA  1 
ATOM   686  C C   . THR A 1 106 ? 3.669   6.444   -4.089  1.00 17.08 ? 106 THR A C   1 
ATOM   687  O O   . THR A 1 106 ? 4.802   6.365   -4.569  1.00 17.42 ? 106 THR A O   1 
ATOM   688  C CB  . THR A 1 106 ? 2.056   4.518   -3.764  1.00 17.06 ? 106 THR A CB  1 
ATOM   689  O OG1 . THR A 1 106 ? 3.288   3.748   -3.613  1.00 16.38 ? 106 THR A OG1 1 
ATOM   690  C CG2 . THR A 1 106 ? 0.909   3.678   -4.332  1.00 16.96 ? 106 THR A CG2 1 
ATOM   691  N N   . GLN A 1 107 ? 3.388   7.083   -2.971  1.00 16.24 ? 107 GLN A N   1 
ATOM   692  C CA  . GLN A 1 107 ? 4.333   7.728   -2.064  1.00 15.59 ? 107 GLN A CA  1 
ATOM   693  C C   . GLN A 1 107 ? 3.933   7.130   -0.696  1.00 14.67 ? 107 GLN A C   1 
ATOM   694  O O   . GLN A 1 107 ? 2.716   6.851   -0.509  1.00 14.50 ? 107 GLN A O   1 
ATOM   695  C CB  . GLN A 1 107 ? 4.454   9.229   -2.068  1.00 16.40 ? 107 GLN A CB  1 
ATOM   696  C CG  . GLN A 1 107 ? 4.877   9.717   -3.425  1.00 17.80 ? 107 GLN A CG  1 
ATOM   697  C CD  . GLN A 1 107 ? 5.673   10.969  -3.527  1.00 18.78 ? 107 GLN A CD  1 
ATOM   698  O OE1 . GLN A 1 107 ? 5.192   11.972  -4.084  1.00 18.27 ? 107 GLN A OE1 1 
ATOM   699  N NE2 . GLN A 1 107 ? 6.944   10.911  -3.069  1.00 19.43 ? 107 GLN A NE2 1 
ATOM   700  N N   . TRP A 1 108 ? 4.909   6.888   0.152   1.00 13.67 ? 108 TRP A N   1 
ATOM   701  C CA  . TRP A 1 108 ? 4.568   6.287   1.456   1.00 12.66 ? 108 TRP A CA  1 
ATOM   702  C C   . TRP A 1 108 ? 5.286   6.992   2.584   1.00 12.42 ? 108 TRP A C   1 
ATOM   703  O O   . TRP A 1 108 ? 6.325   7.662   2.352   1.00 12.62 ? 108 TRP A O   1 
ATOM   704  C CB  . TRP A 1 108 ? 4.829   4.773   1.414   1.00 11.18 ? 108 TRP A CB  1 
ATOM   705  C CG  . TRP A 1 108 ? 6.173   4.342   0.946   1.00 10.06 ? 108 TRP A CG  1 
ATOM   706  C CD1 . TRP A 1 108 ? 6.507   3.814   -0.275  1.00 9.58  ? 108 TRP A CD1 1 
ATOM   707  C CD2 . TRP A 1 108 ? 7.402   4.358   1.708   1.00 9.69  ? 108 TRP A CD2 1 
ATOM   708  N NE1 . TRP A 1 108 ? 7.844   3.534   -0.329  1.00 10.02 ? 108 TRP A NE1 1 
ATOM   709  C CE2 . TRP A 1 108 ? 8.417   3.859   0.870   1.00 9.68  ? 108 TRP A CE2 1 
ATOM   710  C CE3 . TRP A 1 108 ? 7.722   4.771   3.001   1.00 9.15  ? 108 TRP A CE3 1 
ATOM   711  C CZ2 . TRP A 1 108 ? 9.741   3.762   1.297   1.00 9.27  ? 108 TRP A CZ2 1 
ATOM   712  C CZ3 . TRP A 1 108 ? 9.036   4.674   3.423   1.00 8.59  ? 108 TRP A CZ3 1 
ATOM   713  C CH2 . TRP A 1 108 ? 10.029  4.179   2.591   1.00 8.56  ? 108 TRP A CH2 1 
ATOM   714  N N   . LEU A 1 109 ? 4.735   6.784   3.766   1.00 12.14 ? 109 LEU A N   1 
ATOM   715  C CA  . LEU A 1 109 ? 5.290   7.326   5.015   1.00 12.41 ? 109 LEU A CA  1 
ATOM   716  C C   . LEU A 1 109 ? 5.379   6.142   6.009   1.00 12.56 ? 109 LEU A C   1 
ATOM   717  O O   . LEU A 1 109 ? 4.337   5.535   6.274   1.00 12.35 ? 109 LEU A O   1 
ATOM   718  C CB  . LEU A 1 109 ? 4.403   8.433   5.561   1.00 12.39 ? 109 LEU A CB  1 
ATOM   719  C CG  . LEU A 1 109 ? 4.242   9.759   4.851   1.00 12.36 ? 109 LEU A CG  1 
ATOM   720  C CD1 . LEU A 1 109 ? 3.187   10.611  5.562   1.00 12.33 ? 109 LEU A CD1 1 
ATOM   721  C CD2 . LEU A 1 109 ? 5.573   10.480  4.845   1.00 11.89 ? 109 LEU A CD2 1 
ATOM   722  N N   . LEU A 1 110 ? 6.569   5.894   6.500   1.00 12.71 ? 110 LEU A N   1 
ATOM   723  C CA  . LEU A 1 110 ? 6.794   4.796   7.475   1.00 12.81 ? 110 LEU A CA  1 
ATOM   724  C C   . LEU A 1 110 ? 7.153   5.435   8.805   1.00 13.27 ? 110 LEU A C   1 
ATOM   725  O O   . LEU A 1 110 ? 8.159   6.153   8.926   1.00 13.25 ? 110 LEU A O   1 
ATOM   726  C CB  . LEU A 1 110 ? 7.840   3.857   6.872   1.00 12.56 ? 110 LEU A CB  1 
ATOM   727  C CG  . LEU A 1 110 ? 8.519   2.833   7.767   1.00 11.98 ? 110 LEU A CG  1 
ATOM   728  C CD1 . LEU A 1 110 ? 7.537   2.028   8.589   1.00 11.32 ? 110 LEU A CD1 1 
ATOM   729  C CD2 . LEU A 1 110 ? 9.364   1.896   6.877   1.00 11.40 ? 110 LEU A CD2 1 
ATOM   730  N N   . THR A 1 111 ? 6.279   5.216   9.777   1.00 13.90 ? 111 THR A N   1 
ATOM   731  C CA  . THR A 1 111 ? 6.437   5.753   11.124  1.00 14.44 ? 111 THR A CA  1 
ATOM   732  C C   . THR A 1 111 ? 6.694   4.659   12.162  1.00 15.29 ? 111 THR A C   1 
ATOM   733  O O   . THR A 1 111 ? 5.952   3.671   12.298  1.00 14.90 ? 111 THR A O   1 
ATOM   734  C CB  . THR A 1 111 ? 5.193   6.602   11.595  1.00 13.86 ? 111 THR A CB  1 
ATOM   735  O OG1 . THR A 1 111 ? 4.976   7.612   10.580  1.00 14.35 ? 111 THR A OG1 1 
ATOM   736  C CG2 . THR A 1 111 ? 5.453   7.210   12.983  1.00 13.81 ? 111 THR A CG2 1 
ATOM   737  N N   . SER A 1 112 ? 7.761   4.911   12.902  1.00 16.41 ? 112 SER A N   1 
ATOM   738  C CA  . SER A 1 112 ? 8.208   4.020   13.996  1.00 17.76 ? 112 SER A CA  1 
ATOM   739  C C   . SER A 1 112 ? 7.762   4.591   15.342  1.00 18.17 ? 112 SER A C   1 
ATOM   740  O O   . SER A 1 112 ? 7.867   5.823   15.485  1.00 18.20 ? 112 SER A O   1 
ATOM   741  C CB  . SER A 1 112 ? 9.747   4.023   13.988  1.00 19.20 ? 112 SER A CB  1 
ATOM   742  O OG  . SER A 1 112 ? 10.206  3.193   12.941  1.00 21.15 ? 112 SER A OG  1 
ATOM   743  N N   . GLY A 1 113 ? 7.317   3.733   16.234  1.00 18.72 ? 113 GLY A N   1 
ATOM   744  C CA  . GLY A 1 113 ? 6.911   4.282   17.586  1.00 19.53 ? 113 GLY A CA  1 
ATOM   745  C C   . GLY A 1 113 ? 8.287   4.696   18.164  1.00 20.53 ? 113 GLY A C   1 
ATOM   746  O O   . GLY A 1 113 ? 9.209   3.855   18.045  1.00 20.88 ? 113 GLY A O   1 
ATOM   747  N N   . THR A 1 114 ? 8.417   5.889   18.667  1.00 21.07 ? 114 THR A N   1 
ATOM   748  C CA  . THR A 1 114 ? 9.692   6.342   19.224  1.00 22.37 ? 114 THR A CA  1 
ATOM   749  C C   . THR A 1 114 ? 9.437   7.021   20.581  1.00 23.50 ? 114 THR A C   1 
ATOM   750  O O   . THR A 1 114 ? 8.280   7.191   20.951  1.00 24.01 ? 114 THR A O   1 
ATOM   751  C CB  . THR A 1 114 ? 10.384  7.391   18.263  1.00 22.27 ? 114 THR A CB  1 
ATOM   752  O OG1 . THR A 1 114 ? 9.518   8.577   18.277  1.00 22.39 ? 114 THR A OG1 1 
ATOM   753  C CG2 . THR A 1 114 ? 10.654  6.910   16.852  1.00 22.29 ? 114 THR A CG2 1 
ATOM   754  N N   . THR A 1 115 ? 10.530  7.347   21.249  1.00 24.58 ? 115 THR A N   1 
ATOM   755  C CA  . THR A 1 115 ? 10.419  8.097   22.531  1.00 25.80 ? 115 THR A CA  1 
ATOM   756  C C   . THR A 1 115 ? 10.294  9.556   22.048  1.00 27.38 ? 115 THR A C   1 
ATOM   757  O O   . THR A 1 115 ? 10.554  9.789   20.845  1.00 27.44 ? 115 THR A O   1 
ATOM   758  C CB  . THR A 1 115 ? 11.634  7.932   23.489  1.00 24.33 ? 115 THR A CB  1 
ATOM   759  O OG1 . THR A 1 115 ? 12.783  8.429   22.738  1.00 24.63 ? 115 THR A OG1 1 
ATOM   760  C CG2 . THR A 1 115 ? 11.850  6.502   23.965  1.00 24.03 ? 115 THR A CG2 1 
ATOM   761  N N   . GLU A 1 116 ? 9.917   10.444  22.914  1.00 29.04 ? 116 GLU A N   1 
ATOM   762  C CA  . GLU A 1 116 ? 9.748   11.863  22.519  1.00 30.56 ? 116 GLU A CA  1 
ATOM   763  C C   . GLU A 1 116 ? 11.045  12.465  22.056  1.00 30.16 ? 116 GLU A C   1 
ATOM   764  O O   . GLU A 1 116 ? 11.053  13.236  21.065  1.00 30.58 ? 116 GLU A O   1 
ATOM   765  C CB  . GLU A 1 116 ? 9.133   12.660  23.670  1.00 34.89 ? 116 GLU A CB  1 
ATOM   766  C CG  . GLU A 1 116 ? 8.019   11.878  24.395  1.00 39.83 ? 116 GLU A CG  1 
ATOM   767  C CD  . GLU A 1 116 ? 7.299   12.573  25.501  1.00 43.71 ? 116 GLU A CD  1 
ATOM   768  O OE1 . GLU A 1 116 ? 7.804   13.699  25.796  1.00 45.39 ? 116 GLU A OE1 1 
ATOM   769  O OE2 . GLU A 1 116 ? 6.324   12.078  26.094  1.00 45.38 ? 116 GLU A OE2 1 
ATOM   770  N N   . ALA A 1 117 ? 12.137  12.098  22.688  1.00 29.39 ? 117 ALA A N   1 
ATOM   771  C CA  . ALA A 1 117 ? 13.460  12.614  22.335  1.00 28.72 ? 117 ALA A CA  1 
ATOM   772  C C   . ALA A 1 117 ? 13.817  12.310  20.887  1.00 28.07 ? 117 ALA A C   1 
ATOM   773  O O   . ALA A 1 117 ? 14.544  13.116  20.285  1.00 28.53 ? 117 ALA A O   1 
ATOM   774  C CB  . ALA A 1 117 ? 14.539  12.095  23.275  1.00 28.62 ? 117 ALA A CB  1 
ATOM   775  N N   . ASN A 1 118 ? 13.341  11.196  20.370  1.00 27.06 ? 118 ASN A N   1 
ATOM   776  C CA  . ASN A 1 118 ? 13.634  10.767  19.007  1.00 25.74 ? 118 ASN A CA  1 
ATOM   777  C C   . ASN A 1 118 ? 12.535  10.914  17.978  1.00 24.45 ? 118 ASN A C   1 
ATOM   778  O O   . ASN A 1 118 ? 12.703  10.314  16.897  1.00 24.19 ? 118 ASN A O   1 
ATOM   779  C CB  . ASN A 1 118 ? 14.071  9.280   19.048  1.00 26.57 ? 118 ASN A CB  1 
ATOM   780  C CG  . ASN A 1 118 ? 15.331  9.144   19.883  1.00 27.12 ? 118 ASN A CG  1 
ATOM   781  O OD1 . ASN A 1 118 ? 16.162  10.059  19.881  1.00 27.66 ? 118 ASN A OD1 1 
ATOM   782  N ND2 . ASN A 1 118 ? 15.395  8.038   20.595  1.00 27.49 ? 118 ASN A ND2 1 
ATOM   783  N N   . ALA A 1 119 ? 11.483  11.628  18.281  1.00 23.35 ? 119 ALA A N   1 
ATOM   784  C CA  . ALA A 1 119 ? 10.356  11.808  17.352  1.00 21.86 ? 119 ALA A CA  1 
ATOM   785  C C   . ALA A 1 119 ? 10.768  12.535  16.083  1.00 20.93 ? 119 ALA A C   1 
ATOM   786  O O   . ALA A 1 119 ? 10.181  12.311  14.989  1.00 20.62 ? 119 ALA A O   1 
ATOM   787  C CB  . ALA A 1 119 ? 9.205   12.416  18.090  1.00 20.96 ? 119 ALA A CB  1 
ATOM   788  N N   . TRP A 1 120 ? 11.790  13.359  16.161  1.00 20.17 ? 120 TRP A N   1 
ATOM   789  C CA  . TRP A 1 120 ? 12.269  14.120  14.999  1.00 19.76 ? 120 TRP A CA  1 
ATOM   790  C C   . TRP A 1 120 ? 12.598  13.185  13.845  1.00 19.80 ? 120 TRP A C   1 
ATOM   791  O O   . TRP A 1 120 ? 12.348  13.514  12.668  1.00 19.81 ? 120 TRP A O   1 
ATOM   792  C CB  . TRP A 1 120 ? 13.377  15.080  15.363  1.00 18.72 ? 120 TRP A CB  1 
ATOM   793  C CG  . TRP A 1 120 ? 14.667  14.433  15.723  1.00 18.67 ? 120 TRP A CG  1 
ATOM   794  C CD1 . TRP A 1 120 ? 15.089  14.034  16.961  1.00 18.25 ? 120 TRP A CD1 1 
ATOM   795  C CD2 . TRP A 1 120 ? 15.725  14.101  14.805  1.00 18.66 ? 120 TRP A CD2 1 
ATOM   796  N NE1 . TRP A 1 120 ? 16.333  13.458  16.871  1.00 18.92 ? 120 TRP A NE1 1 
ATOM   797  C CE2 . TRP A 1 120 ? 16.756  13.495  15.572  1.00 18.22 ? 120 TRP A CE2 1 
ATOM   798  C CE3 . TRP A 1 120 ? 15.891  14.258  13.432  1.00 18.27 ? 120 TRP A CE3 1 
ATOM   799  C CZ2 . TRP A 1 120 ? 17.941  13.057  14.991  1.00 17.55 ? 120 TRP A CZ2 1 
ATOM   800  C CZ3 . TRP A 1 120 ? 17.078  13.837  12.859  1.00 17.54 ? 120 TRP A CZ3 1 
ATOM   801  C CH2 . TRP A 1 120 ? 18.077  13.232  13.629  1.00 17.16 ? 120 TRP A CH2 1 
ATOM   802  N N   . LYS A 1 121 ? 13.110  12.019  14.168  1.00 19.70 ? 121 LYS A N   1 
ATOM   803  C CA  . LYS A 1 121 ? 13.524  10.992  13.241  1.00 19.57 ? 121 LYS A CA  1 
ATOM   804  C C   . LYS A 1 121 ? 12.664  9.759   13.183  1.00 18.90 ? 121 LYS A C   1 
ATOM   805  O O   . LYS A 1 121 ? 13.200  8.679   12.820  1.00 19.36 ? 121 LYS A O   1 
ATOM   806  C CB  . LYS A 1 121 ? 14.960  10.549  13.469  1.00 21.39 ? 121 LYS A CB  1 
ATOM   807  C CG  . LYS A 1 121 ? 15.220  9.872   14.826  1.00 23.30 ? 121 LYS A CG  1 
ATOM   808  C CD  . LYS A 1 121 ? 16.699  9.477   14.824  1.00 26.21 ? 121 LYS A CD  1 
ATOM   809  C CE  . LYS A 1 121 ? 17.192  9.074   16.202  1.00 28.80 ? 121 LYS A CE  1 
ATOM   810  N NZ  . LYS A 1 121 ? 18.592  8.497   16.062  1.00 30.55 ? 121 LYS A NZ  1 
ATOM   811  N N   . SER A 1 122 ? 11.388  9.868   13.444  1.00 17.92 ? 122 SER A N   1 
ATOM   812  C CA  . SER A 1 122 ? 10.484  8.733   13.423  1.00 16.83 ? 122 SER A CA  1 
ATOM   813  C C   . SER A 1 122 ? 9.975   8.315   12.080  1.00 16.39 ? 122 SER A C   1 
ATOM   814  O O   . SER A 1 122 ? 9.550   7.127   11.978  1.00 16.79 ? 122 SER A O   1 
ATOM   815  C CB  . SER A 1 122 ? 9.305   9.064   14.360  1.00 16.75 ? 122 SER A CB  1 
ATOM   816  O OG  . SER A 1 122 ? 8.615   10.222  13.907  1.00 16.95 ? 122 SER A OG  1 
ATOM   817  N N   . THR A 1 123 ? 9.949   9.169   11.065  1.00 15.86 ? 123 THR A N   1 
ATOM   818  C CA  . THR A 1 123 ? 9.371   8.870   9.766   1.00 15.08 ? 123 THR A CA  1 
ATOM   819  C C   . THR A 1 123 ? 10.188  8.936   8.505   1.00 14.33 ? 123 THR A C   1 
ATOM   820  O O   . THR A 1 123 ? 10.726  9.994   8.153   1.00 14.29 ? 123 THR A O   1 
ATOM   821  C CB  . THR A 1 123 ? 8.160   9.920   9.517   1.00 15.43 ? 123 THR A CB  1 
ATOM   822  O OG1 . THR A 1 123 ? 7.485   10.046  10.791  1.00 16.45 ? 123 THR A OG1 1 
ATOM   823  C CG2 . THR A 1 123 ? 7.220   9.529   8.383   1.00 15.04 ? 123 THR A CG2 1 
ATOM   824  N N   . LEU A 1 124 ? 10.146  7.869   7.740   1.00 13.62 ? 124 LEU A N   1 
ATOM   825  C CA  . LEU A 1 124 ? 10.790  7.726   6.435   1.00 13.17 ? 124 LEU A CA  1 
ATOM   826  C C   . LEU A 1 124 ? 9.748   8.045   5.328   1.00 13.16 ? 124 LEU A C   1 
ATOM   827  O O   . LEU A 1 124 ? 8.532   7.894   5.500   1.00 12.67 ? 124 LEU A O   1 
ATOM   828  C CB  . LEU A 1 124 ? 11.326  6.302   6.313   1.00 12.49 ? 124 LEU A CB  1 
ATOM   829  C CG  . LEU A 1 124 ? 12.459  5.821   7.195   1.00 12.11 ? 124 LEU A CG  1 
ATOM   830  C CD1 . LEU A 1 124 ? 12.660  4.312   7.021   1.00 11.20 ? 124 LEU A CD1 1 
ATOM   831  C CD2 . LEU A 1 124 ? 13.753  6.516   6.730   1.00 12.22 ? 124 LEU A CD2 1 
ATOM   832  N N   . VAL A 1 125 ? 10.272  8.454   4.202   1.00 13.65 ? 125 VAL A N   1 
ATOM   833  C CA  . VAL A 1 125 ? 9.487   8.770   3.000   1.00 14.25 ? 125 VAL A CA  1 
ATOM   834  C C   . VAL A 1 125 ? 10.157  8.124   1.780   1.00 14.50 ? 125 VAL A C   1 
ATOM   835  O O   . VAL A 1 125 ? 11.383  8.103   1.669   1.00 14.92 ? 125 VAL A O   1 
ATOM   836  C CB  . VAL A 1 125 ? 9.292   10.303  2.866   1.00 14.42 ? 125 VAL A CB  1 
ATOM   837  C CG1 . VAL A 1 125 ? 10.620  11.045  2.704   1.00 13.46 ? 125 VAL A CG1 1 
ATOM   838  C CG2 . VAL A 1 125 ? 8.269   10.650  1.794   1.00 13.87 ? 125 VAL A CG2 1 
ATOM   839  N N   . GLY A 1 126 ? 9.331   7.642   0.885   1.00 14.77 ? 126 GLY A N   1 
ATOM   840  C CA  . GLY A 1 126 ? 9.756   6.997   -0.368  1.00 14.94 ? 126 GLY A CA  1 
ATOM   841  C C   . GLY A 1 126 ? 8.557   6.868   -1.303  1.00 15.25 ? 126 GLY A C   1 
ATOM   842  O O   . GLY A 1 126 ? 7.455   7.395   -1.021  1.00 15.12 ? 126 GLY A O   1 
ATOM   843  N N   . HIS A 1 127 ? 8.785   6.176   -2.402  1.00 15.68 ? 127 HIS A N   1 
ATOM   844  C CA  . HIS A 1 127 ? 7.747   5.941   -3.429  1.00 15.88 ? 127 HIS A CA  1 
ATOM   845  C C   . HIS A 1 127 ? 7.924   4.522   -3.982  1.00 16.31 ? 127 HIS A C   1 
ATOM   846  O O   . HIS A 1 127 ? 9.063   4.045   -4.104  1.00 16.29 ? 127 HIS A O   1 
ATOM   847  C CB  . HIS A 1 127 ? 7.849   6.957   -4.579  1.00 15.90 ? 127 HIS A CB  1 
ATOM   848  C CG  . HIS A 1 127 ? 9.263   7.141   -5.033  1.00 16.78 ? 127 HIS A CG  1 
ATOM   849  N ND1 . HIS A 1 127 ? 9.767   6.664   -6.216  1.00 17.46 ? 127 HIS A ND1 1 
ATOM   850  C CD2 . HIS A 1 127 ? 10.303  7.744   -4.408  1.00 17.43 ? 127 HIS A CD2 1 
ATOM   851  C CE1 . HIS A 1 127 ? 11.049  6.987   -6.307  1.00 17.70 ? 127 HIS A CE1 1 
ATOM   852  N NE2 . HIS A 1 127 ? 11.400  7.638   -5.219  1.00 18.23 ? 127 HIS A NE2 1 
ATOM   853  N N   . ASP A 1 128 ? 6.818   3.876   -4.270  1.00 16.54 ? 128 ASP A N   1 
ATOM   854  C CA  . ASP A 1 128 ? 6.784   2.532   -4.832  1.00 16.88 ? 128 ASP A CA  1 
ATOM   855  C C   . ASP A 1 128 ? 5.852   2.580   -6.082  1.00 17.82 ? 128 ASP A C   1 
ATOM   856  O O   . ASP A 1 128 ? 4.881   3.342   -6.066  1.00 17.82 ? 128 ASP A O   1 
ATOM   857  C CB  . ASP A 1 128 ? 6.265   1.477   -3.867  1.00 15.80 ? 128 ASP A CB  1 
ATOM   858  C CG  . ASP A 1 128 ? 7.079   1.171   -2.657  1.00 15.52 ? 128 ASP A CG  1 
ATOM   859  O OD1 . ASP A 1 128 ? 8.271   1.527   -2.594  1.00 16.41 ? 128 ASP A OD1 1 
ATOM   860  O OD2 . ASP A 1 128 ? 6.525   0.572   -1.717  1.00 14.45 ? 128 ASP A OD2 1 
ATOM   861  N N   . THR A 1 129 ? 6.203   1.765   -7.043  1.00 18.69 ? 129 THR A N   1 
ATOM   862  C CA  . THR A 1 129 ? 5.414   1.602   -8.268  1.00 19.94 ? 129 THR A CA  1 
ATOM   863  C C   . THR A 1 129 ? 5.028   0.108   -8.278  1.00 20.78 ? 129 THR A C   1 
ATOM   864  O O   . THR A 1 129 ? 5.931   -0.710  -8.019  1.00 21.64 ? 129 THR A O   1 
ATOM   865  C CB  . THR A 1 129 ? 6.147   2.015   -9.591  1.00 20.42 ? 129 THR A CB  1 
ATOM   866  O OG1 . THR A 1 129 ? 6.336   3.469   -9.484  1.00 21.55 ? 129 THR A OG1 1 
ATOM   867  C CG2 . THR A 1 129 ? 5.361   1.708   -10.899 1.00 20.27 ? 129 THR A CG2 1 
ATOM   868  N N   . PHE A 1 130 ? 3.763   -0.166  -8.497  1.00 21.13 ? 130 PHE A N   1 
ATOM   869  C CA  . PHE A 1 130 ? 3.265   -1.541  -8.547  1.00 21.78 ? 130 PHE A CA  1 
ATOM   870  C C   . PHE A 1 130 ? 2.736   -1.809  -9.967  1.00 23.15 ? 130 PHE A C   1 
ATOM   871  O O   . PHE A 1 130 ? 2.158   -0.920  -10.588 1.00 23.51 ? 130 PHE A O   1 
ATOM   872  C CB  . PHE A 1 130 ? 2.197   -1.902  -7.533  1.00 19.82 ? 130 PHE A CB  1 
ATOM   873  C CG  . PHE A 1 130 ? 2.573   -1.657  -6.109  1.00 18.70 ? 130 PHE A CG  1 
ATOM   874  C CD1 . PHE A 1 130 ? 2.604   -0.346  -5.621  1.00 18.11 ? 130 PHE A CD1 1 
ATOM   875  C CD2 . PHE A 1 130 ? 2.886   -2.704  -5.260  1.00 18.22 ? 130 PHE A CD2 1 
ATOM   876  C CE1 . PHE A 1 130 ? 2.954   -0.082  -4.317  1.00 17.58 ? 130 PHE A CE1 1 
ATOM   877  C CE2 . PHE A 1 130 ? 3.256   -2.464  -3.932  1.00 17.89 ? 130 PHE A CE2 1 
ATOM   878  C CZ  . PHE A 1 130 ? 3.283   -1.136  -3.478  1.00 17.85 ? 130 PHE A CZ  1 
ATOM   879  N N   . THR A 1 131 ? 2.951   -3.021  -10.386 1.00 24.30 ? 131 THR A N   1 
ATOM   880  C CA  . THR A 1 131 ? 2.509   -3.519  -11.691 1.00 26.01 ? 131 THR A CA  1 
ATOM   881  C C   . THR A 1 131 ? 2.107   -4.990  -11.440 1.00 27.49 ? 131 THR A C   1 
ATOM   882  O O   . THR A 1 131 ? 2.528   -5.595  -10.444 1.00 27.26 ? 131 THR A O   1 
ATOM   883  C CB  . THR A 1 131 ? 3.642   -3.436  -12.775 1.00 26.00 ? 131 THR A CB  1 
ATOM   884  O OG1 . THR A 1 131 ? 4.447   -4.633  -12.436 1.00 27.39 ? 131 THR A OG1 1 
ATOM   885  C CG2 . THR A 1 131 ? 4.546   -2.206  -12.613 1.00 25.79 ? 131 THR A CG2 1 
ATOM   886  N N   . LYS A 1 132 ? 1.259   -5.442  -12.335 1.00 29.34 ? 132 LYS A N   1 
ATOM   887  C CA  . LYS A 1 132 ? 0.758   -6.833  -12.284 1.00 31.07 ? 132 LYS A CA  1 
ATOM   888  C C   . LYS A 1 132 ? 1.923   -7.721  -12.670 1.00 32.51 ? 132 LYS A C   1 
ATOM   889  O O   . LYS A 1 132 ? 1.968   -8.929  -12.459 1.00 33.02 ? 132 LYS A O   1 
ATOM   890  C CB  . LYS A 1 132 ? -0.545  -6.991  -13.001 1.00 31.00 ? 132 LYS A CB  1 
ATOM   891  C CG  . LYS A 1 132 ? -1.667  -6.294  -12.229 1.00 31.24 ? 132 LYS A CG  1 
ATOM   892  C CD  . LYS A 1 132 ? -3.050  -6.837  -12.414 1.00 31.24 ? 132 LYS A CD  1 
ATOM   893  C CE  . LYS A 1 132 ? -4.018  -6.235  -11.394 1.00 31.99 ? 132 LYS A CE  1 
ATOM   894  N NZ  . LYS A 1 132 ? -5.410  -6.191  -11.908 1.00 31.82 ? 132 LYS A NZ  1 
ATOM   895  N N   . VAL A 1 133 ? 2.951   -7.057  -13.151 1.00 33.63 ? 133 VAL A N   1 
ATOM   896  C CA  . VAL A 1 133 ? 4.258   -7.561  -13.537 1.00 35.66 ? 133 VAL A CA  1 
ATOM   897  C C   . VAL A 1 133 ? 4.306   -8.227  -14.892 1.00 37.04 ? 133 VAL A C   1 
ATOM   898  O O   . VAL A 1 133 ? 3.196   -8.124  -15.535 1.00 38.40 ? 133 VAL A O   1 
ATOM   899  C CB  . VAL A 1 133 ? 4.798   -8.449  -12.393 1.00 36.74 ? 133 VAL A CB  1 
ATOM   900  C CG1 . VAL A 1 133 ? 4.693   -9.950  -12.711 1.00 37.30 ? 133 VAL A CG1 1 
ATOM   901  C CG2 . VAL A 1 133 ? 6.171   -8.005  -11.926 1.00 36.89 ? 133 VAL A CG2 1 
HETATM 902  C C11 . BTN B 2 .   ? 9.887   -2.124  9.305   1.00 21.57 ? 300 BTN A C11 1 
HETATM 903  O O11 . BTN B 2 .   ? 9.482   -1.293  10.130  1.00 21.65 ? 300 BTN A O11 1 
HETATM 904  O O12 . BTN B 2 .   ? 11.180  -2.113  9.042   1.00 22.67 ? 300 BTN A O12 1 
HETATM 905  C C10 . BTN B 2 .   ? 9.065   -2.725  8.222   1.00 20.77 ? 300 BTN A C10 1 
HETATM 906  C C9  . BTN B 2 .   ? 9.242   -1.943  6.873   1.00 20.09 ? 300 BTN A C9  1 
HETATM 907  C C8  . BTN B 2 .   ? 8.536   -2.572  5.741   1.00 19.24 ? 300 BTN A C8  1 
HETATM 908  C C7  . BTN B 2 .   ? 9.100   -2.241  4.360   1.00 18.33 ? 300 BTN A C7  1 
HETATM 909  C C2  . BTN B 2 .   ? 8.911   -0.940  3.692   1.00 17.74 ? 300 BTN A C2  1 
HETATM 910  S S1  . BTN B 2 .   ? 7.256   -0.138  3.630   1.00 16.59 ? 300 BTN A S1  1 
HETATM 911  C C6  . BTN B 2 .   ? 7.911   0.987   2.341   1.00 17.06 ? 300 BTN A C6  1 
HETATM 912  C C5  . BTN B 2 .   ? 8.733   0.111   1.400   1.00 17.47 ? 300 BTN A C5  1 
HETATM 913  N N1  . BTN B 2 .   ? 7.909   -0.577  0.407   1.00 17.73 ? 300 BTN A N1  1 
HETATM 914  C C3  . BTN B 2 .   ? 7.946   -1.908  0.533   1.00 17.95 ? 300 BTN A C3  1 
HETATM 915  O O3  . BTN B 2 .   ? 7.352   -2.774  -0.145  1.00 17.93 ? 300 BTN A O3  1 
HETATM 916  N N2  . BTN B 2 .   ? 8.768   -2.221  1.560   1.00 17.92 ? 300 BTN A N2  1 
HETATM 917  C C4  . BTN B 2 .   ? 9.330   -1.037  2.206   1.00 17.65 ? 300 BTN A C4  1 
HETATM 918  O O   . HOH C 3 .   ? 11.058  2.222   -1.892  0.97 23.32 ? 311 HOH A O   1 
HETATM 919  O O   . HOH C 3 .   ? 7.038   -6.970  11.258  1.00 18.12 ? 312 HOH A O   1 
HETATM 920  O O   . HOH C 3 .   ? 7.089   -9.360  4.820   1.00 21.18 ? 313 HOH A O   1 
HETATM 921  O O   . HOH C 3 .   ? 16.109  -4.880  4.590   1.00 32.29 ? 314 HOH A O   1 
HETATM 922  O O   . HOH C 3 .   ? 13.968  -1.392  9.152   0.88 31.15 ? 315 HOH A O   1 
HETATM 923  O O   . HOH C 3 .   ? 10.785  4.848   10.648  0.97 25.04 ? 316 HOH A O   1 
HETATM 924  O O   . HOH C 3 .   ? 13.189  6.047   20.391  1.00 27.19 ? 317 HOH A O   1 
HETATM 925  O O   . HOH C 3 .   ? 11.027  12.082  11.181  0.97 15.02 ? 318 HOH A O   1 
HETATM 926  O O   . HOH C 3 .   ? 8.974   13.603  12.307  0.98 19.10 ? 319 HOH A O   1 
HETATM 927  O O   . HOH C 3 .   ? -1.716  -4.652  9.788   1.00 19.79 ? 320 HOH A O   1 
HETATM 928  O O   . HOH C 3 .   ? -0.613  -8.548  10.027  0.99 22.53 ? 321 HOH A O   1 
HETATM 929  O O   . HOH C 3 .   ? -1.413  -5.910  12.946  0.93 24.69 ? 322 HOH A O   1 
HETATM 930  O O   . HOH C 3 .   ? -7.831  -6.621  5.287   0.90 28.58 ? 323 HOH A O   1 
HETATM 931  O O   . HOH C 3 .   ? -11.309 -2.715  5.005   0.90 30.50 ? 324 HOH A O   1 
HETATM 932  O O   . HOH C 3 .   ? 0.525   10.036  -8.388  1.00 19.01 ? 326 HOH A O   1 
HETATM 933  O O   . HOH C 3 .   ? 5.809   6.398   -7.268  0.92 20.75 ? 327 HOH A O   1 
HETATM 934  O O   . HOH C 3 .   ? -12.235 -5.297  0.314   0.80 31.21 ? 329 HOH A O   1 
HETATM 935  O O   . HOH C 3 .   ? -9.947  9.076   -7.979  0.98 22.17 ? 330 HOH A O   1 
HETATM 936  O O   . HOH C 3 .   ? 12.767  5.570   11.504  0.80 29.72 ? 331 HOH A O   1 
HETATM 937  O O   . HOH C 3 .   ? 1.708   -11.832 0.082   0.90 30.33 ? 332 HOH A O   1 
HETATM 938  O O   . HOH C 3 .   ? 7.301   -10.616 -1.894  0.99 24.37 ? 333 HOH A O   1 
HETATM 939  O O   . HOH C 3 .   ? -7.486  -7.203  12.409  0.89 29.89 ? 334 HOH A O   1 
HETATM 940  O O   . HOH C 3 .   ? -13.972 0.409   4.548   0.80 31.19 ? 335 HOH A O   1 
HETATM 941  O O   . HOH C 3 .   ? -11.934 -0.814  4.267   0.97 33.34 ? 336 HOH A O   1 
HETATM 942  O O   . HOH C 3 .   ? 1.294   9.984   -4.224  0.97 18.06 ? 338 HOH A O   1 
HETATM 943  O O   . HOH C 3 .   ? 0.392   -4.044  -14.414 0.72 31.53 ? 339 HOH A O   1 
HETATM 944  O O   . HOH C 3 .   ? 5.348   -15.916 4.172   0.90 33.73 ? 340 HOH A O   1 
HETATM 945  O O   . HOH C 3 .   ? 1.592   8.993   -6.592  0.90 19.43 ? 341 HOH A O   1 
HETATM 946  O O   . HOH C 3 .   ? 7.131   -2.590  -10.016 0.96 42.43 ? 342 HOH A O   1 
HETATM 947  O O   . HOH C 3 .   ? 8.206   4.880   -7.688  1.00 19.61 ? 343 HOH A O   1 
HETATM 948  O O   . HOH C 3 .   ? 11.606  4.957   -1.886  1.00 19.20 ? 344 HOH A O   1 
HETATM 949  O O   . HOH C 3 .   ? 13.134  1.813   -3.717  0.98 29.10 ? 345 HOH A O   1 
HETATM 950  O O   . HOH C 3 .   ? 16.397  -0.084  -2.158  0.83 30.90 ? 346 HOH A O   1 
HETATM 951  O O   . HOH C 3 .   ? 3.749   -2.574  14.548  1.00 40.00 ? 347 HOH A O   1 
HETATM 952  O O   . HOH C 3 .   ? 9.966   -17.326 11.776  0.87 37.89 ? 350 HOH A O   1 
HETATM 953  O O   . HOH C 3 .   ? 4.204   -10.475 17.042  0.95 33.50 ? 351 HOH A O   1 
HETATM 954  O O   . HOH C 3 .   ? 11.248  -5.160  16.620  0.87 32.04 ? 352 HOH A O   1 
HETATM 955  O O   . HOH C 3 .   ? -6.850  -10.365 -5.130  0.90 32.36 ? 354 HOH A O   1 
HETATM 956  O O   . HOH C 3 .   ? -13.365 -7.569  -6.713  0.88 45.43 ? 355 HOH A O   1 
HETATM 957  O O   . HOH C 3 .   ? -5.784  -3.306  -14.023 0.88 31.28 ? 358 HOH A O   1 
HETATM 958  O O   . HOH C 3 .   ? -3.971  -12.311 0.855   0.72 26.39 ? 361 HOH A O   1 
HETATM 959  O O   . HOH C 3 .   ? 12.286  11.059  25.695  0.90 47.60 ? 363 HOH A O   1 
HETATM 960  O O   . HOH C 3 .   ? 8.968   -12.094 3.488   0.87 32.78 ? 364 HOH A O   1 
HETATM 961  O O   . HOH C 3 .   ? 11.077  -9.286  4.664   0.80 31.33 ? 365 HOH A O   1 
HETATM 962  O O   . HOH C 3 .   ? 10.046  1.280   16.389  0.72 27.76 ? 366 HOH A O   1 
HETATM 963  O O   . HOH C 3 .   ? -1.057  -11.904 8.762   0.87 38.18 ? 370 HOH A O   1 
HETATM 964  O O   . HOH C 3 .   ? 1.777   -13.999 8.764   0.67 22.90 ? 371 HOH A O   1 
HETATM 965  O O   . HOH C 3 .   ? 0.352   -13.761 11.429  1.00 31.17 ? 372 HOH A O   1 
HETATM 966  O O   . HOH C 3 .   ? -9.168  6.115   -13.169 0.92 28.55 ? 373 HOH A O   1 
HETATM 967  O O   . HOH C 3 .   ? -3.894  -10.120 -10.965 0.90 40.27 ? 375 HOH A O   1 
HETATM 968  O O   . HOH C 3 .   ? -6.622  -9.056  4.667   0.67 27.69 ? 379 HOH A O   1 
HETATM 969  O O   . HOH C 3 .   ? 17.499  -3.248  2.739   0.96 32.27 ? 381 HOH A O   1 
HETATM 970  O O   . HOH C 3 .   ? 14.458  -5.964  -3.164  0.80 32.26 ? 383 HOH A O   1 
HETATM 971  O O   . HOH C 3 .   ? 10.093  -6.898  -8.621  0.80 47.85 ? 384 HOH A O   1 
HETATM 972  O O   . HOH C 3 .   ? 8.676   -11.804 0.295   0.90 30.64 ? 386 HOH A O   1 
HETATM 973  O O   . HOH C 3 .   ? 6.000   6.809   -10.362 0.62 58.43 ? 387 HOH A O   1 
HETATM 974  O O   . HOH C 3 .   ? -2.130  9.511   -13.241 0.79 56.61 ? 389 HOH A O   1 
HETATM 975  O O   . HOH C 3 .   ? -1.418  -14.175 -5.948  0.83 28.42 ? 390 HOH A O   1 
HETATM 976  O O   . HOH C 3 .   ? 5.249   -13.539 -4.281  0.70 33.52 ? 392 HOH A O   1 
HETATM 977  O O   . HOH C 3 .   ? 0.866   -10.159 0.146   1.00 25.19 ? 393 HOH A O   1 
HETATM 978  O O   . HOH C 3 .   ? 2.944   -13.096 -0.792  1.00 31.12 ? 394 HOH A O   1 
HETATM 979  O O   . HOH C 3 .   ? 10.726  -0.119  13.086  0.62 29.01 ? 398 HOH A O   1 
HETATM 980  O O   . HOH C 3 .   ? 9.532   -9.255  17.022  0.82 33.92 ? 399 HOH A O   1 
HETATM 981  O O   . HOH C 3 .   ? 7.357   -9.917  18.250  0.78 39.26 ? 400 HOH A O   1 
HETATM 982  O O   . HOH C 3 .   ? -3.531  -14.748 -4.137  0.90 36.70 ? 401 HOH A O   1 
HETATM 983  O O   . HOH C 3 .   ? -16.430 -1.030  4.146   0.82 56.13 ? 406 HOH A O   1 
HETATM 984  O O   . HOH C 3 .   ? -0.873  -12.370 14.041  0.42 25.22 ? 407 HOH A O   1 
HETATM 985  O O   . HOH C 3 .   ? -15.088 5.392   -2.391  0.90 23.78 ? 409 HOH A O   1 
HETATM 986  O O   . HOH C 3 .   ? -17.964 1.167   5.902   0.78 44.25 ? 410 HOH A O   1 
HETATM 987  O O   . HOH C 3 .   ? -8.632  -9.943  1.646   0.66 40.86 ? 411 HOH A O   1 
HETATM 988  O O   . HOH C 3 .   ? -12.661 -7.382  -10.007 0.58 44.90 ? 413 HOH A O   1 
HETATM 989  O O   . HOH C 3 .   ? -4.859  -12.275 -6.492  0.66 30.37 ? 415 HOH A O   1 
HETATM 990  O O   . HOH C 3 .   ? -7.704  4.621   -14.267 0.81 30.69 ? 416 HOH A O   1 
HETATM 991  O O   . HOH C 3 .   ? 15.766  -2.587  8.077   1.00 38.56 ? 429 HOH A O   1 
HETATM 992  O O   . HOH C 3 .   ? 4.535   9.061   -7.154  0.70 40.00 ? 431 HOH A O   1 
HETATM 993  O O   . HOH C 3 .   ? -0.022  2.781   -16.840 0.50 41.43 ? 432 HOH A O   1 
HETATM 994  O O   . HOH C 3 .   ? -6.396  -11.818 1.450   0.70 34.44 ? 433 HOH A O   1 
HETATM 995  O O   . HOH C 3 .   ? 16.457  -3.503  -2.265  0.80 35.83 ? 435 HOH A O   1 
HETATM 996  O O   . HOH C 3 .   ? 13.391  -8.195  5.326   0.70 30.53 ? 436 HOH A O   1 
HETATM 997  O O   . HOH C 3 .   ? -7.189  -10.395 -0.867  0.80 40.00 ? 438 HOH A O   1 
HETATM 998  O O   . HOH C 3 .   ? 17.176  3.606   -5.955  0.70 40.00 ? 442 HOH A O   1 
HETATM 999  O O   . HOH C 3 .   ? -8.540  -11.707 -7.228  0.60 40.00 ? 443 HOH A O   1 
HETATM 1000 O O   . HOH C 3 .   ? 11.639  -0.738  11.207  0.50 40.00 ? 445 HOH A O   1 
HETATM 1001 O O   . HOH C 3 .   ? -1.575  -11.533 11.531  0.90 40.00 ? 449 HOH A O   1 
# 
